data_5XO8
#
_entry.id   5XO8
#
_cell.length_a   75.470
_cell.length_b   95.196
_cell.length_c   101.663
_cell.angle_alpha   90.21
_cell.angle_beta   92.34
_cell.angle_gamma   91.48
#
_symmetry.space_group_name_H-M   'P 1'
#
loop_
_entity.id
_entity.type
_entity.pdbx_description
1 polymer 'Lactonase for protein'
2 non-polymer (3S,11E)-14,16-dihydroxy-3-methyl-3,4,5,6,9,10-hexahydro-1H-2-benzoxacyclotetradecine-1,7(8H)-dione
3 water water
#
_entity_poly.entity_id   1
_entity_poly.type   'polypeptide(L)'
_entity_poly.pdbx_seq_one_letter_code
;MAATRTRGYVTTKDGIKWYYEQEGSGPDVVLIPDGLGECQMFDKPMSLIASNGFRVTTFDMPGMSRSSDAPPETYQDITG
RKLAGYIITLLDTLDIKIASVWGCASGASTVLALCSDYPERVRNGMPHEVPTENPDILLHIHEVDPATISQEMAANSRAY
SGNVEAWDALGPEVHARLHDNYPRWAYGYPRTIPPSAPVKTEDLHKVPIDWTVGASTPTKLFFENIVIAAREGINIGTLP
GNHFPYVSHPEEFAKYVVETSRKYLK
;
_entity_poly.pdbx_strand_id   A,B,C,D,E,F,G,H
#
loop_
_chem_comp.id
_chem_comp.type
_chem_comp.name
_chem_comp.formula
ZER non-polymer (3S,11E)-14,16-dihydroxy-3-methyl-3,4,5,6,9,10-hexahydro-1H-2-benzoxacyclotetradecine-1,7(8H)-dione 'C18 H22 O5'
#
# COMPACT_ATOMS: atom_id res chain seq x y z
N THR A 4 -15.08 -21.75 -24.24
CA THR A 4 -14.43 -21.67 -25.52
C THR A 4 -13.91 -20.25 -25.67
N ARG A 5 -12.89 -20.10 -26.48
CA ARG A 5 -12.31 -18.81 -26.71
C ARG A 5 -13.13 -18.04 -27.70
N THR A 6 -13.45 -16.82 -27.36
CA THR A 6 -14.16 -15.97 -28.26
C THR A 6 -13.16 -14.91 -28.72
N ARG A 7 -13.24 -14.56 -29.98
CA ARG A 7 -12.36 -13.61 -30.61
C ARG A 7 -13.17 -12.66 -31.45
N GLY A 8 -12.92 -11.37 -31.33
CA GLY A 8 -13.65 -10.42 -32.11
C GLY A 8 -13.31 -8.97 -31.89
N TYR A 9 -14.21 -8.11 -32.31
CA TYR A 9 -14.03 -6.69 -32.23
C TYR A 9 -15.17 -5.95 -31.54
N VAL A 10 -14.86 -4.84 -30.92
CA VAL A 10 -15.83 -3.97 -30.29
C VAL A 10 -15.35 -2.54 -30.39
N THR A 11 -16.23 -1.66 -30.82
CA THR A 11 -15.87 -0.28 -30.95
C THR A 11 -16.42 0.48 -29.76
N THR A 12 -15.55 1.11 -29.03
CA THR A 12 -15.97 1.84 -27.85
C THR A 12 -16.28 3.29 -28.20
N LYS A 13 -16.86 4.01 -27.27
CA LYS A 13 -17.28 5.38 -27.48
C LYS A 13 -16.17 6.42 -27.64
N ASP A 14 -14.94 5.96 -27.47
CA ASP A 14 -13.76 6.77 -27.71
C ASP A 14 -13.22 6.49 -29.12
N GLY A 15 -13.93 5.68 -29.86
CA GLY A 15 -13.60 5.39 -31.23
C GLY A 15 -12.61 4.29 -31.52
N ILE A 16 -12.15 3.64 -30.48
CA ILE A 16 -11.23 2.56 -30.65
C ILE A 16 -11.93 1.30 -31.09
N LYS A 17 -11.50 0.77 -32.20
CA LYS A 17 -12.05 -0.48 -32.64
C LYS A 17 -11.15 -1.59 -32.08
N TRP A 18 -11.51 -2.05 -30.91
CA TRP A 18 -10.74 -3.01 -30.20
C TRP A 18 -10.86 -4.44 -30.69
N TYR A 19 -9.73 -5.12 -30.77
CA TYR A 19 -9.66 -6.53 -31.03
C TYR A 19 -9.48 -7.12 -29.63
N TYR A 20 -10.37 -8.02 -29.25
CA TYR A 20 -10.32 -8.64 -27.95
C TYR A 20 -10.69 -10.13 -27.93
N GLU A 21 -10.24 -10.80 -26.89
CA GLU A 21 -10.52 -12.21 -26.67
C GLU A 21 -10.95 -12.49 -25.24
N GLN A 22 -11.82 -13.47 -25.08
CA GLN A 22 -12.27 -13.88 -23.78
C GLN A 22 -12.39 -15.41 -23.71
N GLU A 23 -12.22 -16.00 -22.56
CA GLU A 23 -12.36 -17.41 -22.28
C GLU A 23 -12.57 -17.63 -20.81
N GLY A 24 -13.47 -18.57 -20.55
CA GLY A 24 -13.79 -18.95 -19.21
C GLY A 24 -15.02 -18.36 -18.59
N SER A 25 -15.31 -18.78 -17.37
CA SER A 25 -16.40 -18.27 -16.56
C SER A 25 -15.89 -18.19 -15.13
N GLY A 26 -16.34 -17.18 -14.43
CA GLY A 26 -15.96 -16.95 -13.06
C GLY A 26 -15.50 -15.53 -12.87
N PRO A 27 -14.79 -15.26 -11.77
CA PRO A 27 -14.29 -13.92 -11.53
C PRO A 27 -13.39 -13.44 -12.65
N ASP A 28 -13.41 -12.16 -12.90
CA ASP A 28 -12.65 -11.63 -14.00
C ASP A 28 -11.16 -11.42 -13.79
N VAL A 29 -10.41 -11.80 -14.80
CA VAL A 29 -8.98 -11.59 -14.90
C VAL A 29 -8.72 -10.85 -16.22
N VAL A 30 -7.98 -9.76 -16.17
CA VAL A 30 -7.67 -8.99 -17.34
C VAL A 30 -6.16 -8.99 -17.55
N LEU A 31 -5.76 -9.30 -18.76
CA LEU A 31 -4.39 -9.41 -19.15
C LEU A 31 -4.04 -8.30 -20.12
N ILE A 32 -3.39 -7.29 -19.60
CA ILE A 32 -3.00 -6.15 -20.39
C ILE A 32 -1.64 -6.36 -21.03
N PRO A 33 -1.56 -6.19 -22.33
CA PRO A 33 -0.25 -6.39 -22.89
C PRO A 33 0.76 -5.35 -22.46
N ASP A 34 1.98 -5.69 -22.83
CA ASP A 34 3.12 -4.81 -22.75
C ASP A 34 2.97 -3.76 -23.89
N GLY A 35 3.96 -2.90 -24.03
CA GLY A 35 3.96 -1.83 -25.01
C GLY A 35 3.71 -2.25 -26.44
N LEU A 36 4.09 -3.45 -26.78
CA LEU A 36 3.87 -3.93 -28.15
C LEU A 36 2.39 -4.15 -28.47
N GLY A 37 1.57 -4.26 -27.46
CA GLY A 37 0.16 -4.39 -27.58
C GLY A 37 -0.45 -5.54 -28.34
N GLU A 38 0.26 -6.66 -28.34
CA GLU A 38 -0.08 -7.85 -29.04
C GLU A 38 -0.58 -8.95 -28.10
N CYS A 39 -1.88 -9.21 -28.09
CA CYS A 39 -2.47 -10.14 -27.17
C CYS A 39 -2.39 -11.62 -27.50
N GLN A 40 -1.87 -11.93 -28.69
CA GLN A 40 -1.65 -13.34 -29.05
C GLN A 40 -0.57 -13.95 -28.12
N MET A 41 0.21 -13.06 -27.52
CA MET A 41 1.24 -13.44 -26.57
C MET A 41 0.66 -14.15 -25.34
N PHE A 42 -0.59 -13.89 -25.03
CA PHE A 42 -1.27 -14.50 -23.91
C PHE A 42 -2.06 -15.77 -24.24
N ASP A 43 -2.08 -16.14 -25.49
CA ASP A 43 -2.87 -17.28 -25.93
C ASP A 43 -2.74 -18.52 -25.03
N LYS A 44 -1.54 -19.00 -24.84
CA LYS A 44 -1.33 -20.19 -24.05
C LYS A 44 -1.75 -20.05 -22.58
N PRO A 45 -1.22 -19.05 -21.88
CA PRO A 45 -1.58 -18.88 -20.47
C PRO A 45 -3.03 -18.53 -20.29
N MET A 46 -3.62 -17.90 -21.27
CA MET A 46 -5.02 -17.58 -21.18
C MET A 46 -5.91 -18.83 -20.99
N SER A 47 -5.59 -19.87 -21.74
CA SER A 47 -6.33 -21.11 -21.62
C SER A 47 -6.14 -21.72 -20.25
N LEU A 48 -4.93 -21.69 -19.76
CA LEU A 48 -4.61 -22.23 -18.48
C LEU A 48 -5.30 -21.52 -17.35
N ILE A 49 -5.26 -20.20 -17.37
CA ILE A 49 -5.89 -19.41 -16.35
C ILE A 49 -7.39 -19.64 -16.37
N ALA A 50 -7.99 -19.61 -17.56
CA ALA A 50 -9.42 -19.80 -17.72
C ALA A 50 -9.89 -21.13 -17.17
N SER A 51 -9.10 -22.17 -17.35
CA SER A 51 -9.43 -23.50 -16.86
C SER A 51 -9.46 -23.63 -15.35
N ASN A 52 -9.00 -22.60 -14.66
CA ASN A 52 -9.03 -22.58 -13.23
C ASN A 52 -10.20 -21.77 -12.65
N GLY A 53 -11.23 -21.57 -13.43
CA GLY A 53 -12.38 -20.88 -12.94
C GLY A 53 -12.41 -19.37 -12.97
N PHE A 54 -11.78 -18.78 -13.96
CA PHE A 54 -11.80 -17.34 -14.15
C PHE A 54 -12.24 -17.00 -15.58
N ARG A 55 -12.84 -15.84 -15.75
CA ARG A 55 -13.19 -15.33 -17.06
C ARG A 55 -12.05 -14.41 -17.37
N VAL A 56 -11.28 -14.78 -18.36
CA VAL A 56 -10.12 -14.03 -18.75
C VAL A 56 -10.39 -13.20 -19.99
N THR A 57 -9.95 -11.95 -19.96
CA THR A 57 -10.10 -11.04 -21.07
C THR A 57 -8.74 -10.43 -21.42
N THR A 58 -8.48 -10.32 -22.70
CA THR A 58 -7.30 -9.72 -23.26
C THR A 58 -7.63 -9.06 -24.59
N PHE A 59 -6.74 -8.22 -25.05
CA PHE A 59 -6.96 -7.40 -26.21
C PHE A 59 -5.70 -6.74 -26.77
N ASP A 60 -5.69 -6.43 -28.05
CA ASP A 60 -4.56 -5.71 -28.62
C ASP A 60 -4.74 -4.23 -28.16
N MET A 61 -3.66 -3.53 -27.92
CA MET A 61 -3.77 -2.16 -27.42
C MET A 61 -4.06 -1.15 -28.53
N PRO A 62 -4.60 0.02 -28.16
CA PRO A 62 -5.02 0.98 -29.16
C PRO A 62 -3.93 1.32 -30.16
N GLY A 63 -4.24 1.19 -31.43
CA GLY A 63 -3.32 1.51 -32.47
C GLY A 63 -2.35 0.40 -32.84
N MET A 64 -2.35 -0.65 -32.05
CA MET A 64 -1.47 -1.78 -32.22
C MET A 64 -2.16 -3.04 -32.75
N SER A 65 -1.43 -3.76 -33.58
CA SER A 65 -1.90 -5.00 -34.14
C SER A 65 -3.32 -4.91 -34.68
N ARG A 66 -4.20 -5.75 -34.21
CA ARG A 66 -5.57 -5.77 -34.67
C ARG A 66 -6.48 -4.69 -34.12
N SER A 67 -5.98 -3.91 -33.17
CA SER A 67 -6.68 -2.79 -32.59
C SER A 67 -6.19 -1.50 -33.27
N SER A 68 -5.68 -1.63 -34.47
CA SER A 68 -5.11 -0.53 -35.17
C SER A 68 -6.06 0.55 -35.68
N ASP A 69 -7.32 0.21 -35.78
CA ASP A 69 -8.30 1.17 -36.23
C ASP A 69 -8.74 1.98 -35.02
N ALA A 70 -7.94 2.99 -34.73
CA ALA A 70 -8.16 3.83 -33.60
C ALA A 70 -7.70 5.23 -33.84
N PRO A 71 -8.27 6.16 -33.12
CA PRO A 71 -7.88 7.55 -33.29
C PRO A 71 -6.42 7.78 -32.97
N PRO A 72 -5.76 8.70 -33.69
CA PRO A 72 -4.33 8.94 -33.45
C PRO A 72 -4.00 9.29 -32.01
N GLU A 73 -4.91 9.95 -31.33
CA GLU A 73 -4.71 10.36 -29.98
C GLU A 73 -4.47 9.20 -29.02
N THR A 74 -5.04 8.06 -29.33
CA THR A 74 -4.96 6.88 -28.50
C THR A 74 -3.64 6.15 -28.50
N TYR A 75 -2.69 6.58 -29.32
CA TYR A 75 -1.37 5.96 -29.37
C TYR A 75 -0.21 6.98 -29.37
N GLN A 76 -0.52 8.19 -28.92
CA GLN A 76 0.42 9.28 -28.82
C GLN A 76 0.49 9.82 -27.40
N ASP A 77 1.68 10.21 -27.00
CA ASP A 77 1.94 10.72 -25.67
C ASP A 77 1.31 9.84 -24.61
N ILE A 78 1.56 8.57 -24.72
CA ILE A 78 0.97 7.60 -23.84
C ILE A 78 1.54 7.59 -22.41
N THR A 79 0.65 7.44 -21.48
CA THR A 79 0.97 7.30 -20.09
C THR A 79 0.07 6.19 -19.54
N GLY A 80 0.42 5.71 -18.37
CA GLY A 80 -0.38 4.72 -17.71
C GLY A 80 -1.79 5.22 -17.47
N ARG A 81 -1.94 6.46 -17.07
CA ARG A 81 -3.27 6.98 -16.82
C ARG A 81 -4.11 7.06 -18.11
N LYS A 82 -3.47 7.41 -19.20
CA LYS A 82 -4.18 7.55 -20.45
C LYS A 82 -4.70 6.18 -20.89
N LEU A 83 -3.86 5.18 -20.79
CA LEU A 83 -4.26 3.82 -21.13
C LEU A 83 -5.36 3.33 -20.18
N ALA A 84 -5.26 3.68 -18.91
CA ALA A 84 -6.23 3.24 -17.93
C ALA A 84 -7.61 3.73 -18.32
N GLY A 85 -7.71 4.97 -18.75
CA GLY A 85 -8.97 5.50 -19.20
C GLY A 85 -9.61 4.68 -20.31
N TYR A 86 -8.81 4.33 -21.29
CA TYR A 86 -9.29 3.55 -22.40
C TYR A 86 -9.73 2.18 -21.91
N ILE A 87 -8.94 1.59 -21.04
CA ILE A 87 -9.28 0.30 -20.53
C ILE A 87 -10.60 0.31 -19.78
N ILE A 88 -10.81 1.31 -18.95
CA ILE A 88 -12.02 1.47 -18.19
C ILE A 88 -13.24 1.54 -19.14
N THR A 89 -13.10 2.30 -20.19
CA THR A 89 -14.17 2.39 -21.16
C THR A 89 -14.47 1.02 -21.74
N LEU A 90 -13.44 0.26 -22.02
CA LEU A 90 -13.60 -1.07 -22.57
C LEU A 90 -14.26 -2.02 -21.58
N LEU A 91 -13.82 -2.00 -20.34
CA LEU A 91 -14.40 -2.82 -19.30
C LEU A 91 -15.88 -2.52 -19.11
N ASP A 92 -16.24 -1.25 -19.21
CA ASP A 92 -17.62 -0.81 -19.09
C ASP A 92 -18.42 -1.47 -20.21
N THR A 93 -17.94 -1.38 -21.44
CA THR A 93 -18.65 -1.98 -22.56
C THR A 93 -18.78 -3.48 -22.46
N LEU A 94 -17.80 -4.14 -21.85
CA LEU A 94 -17.80 -5.58 -21.71
C LEU A 94 -18.47 -6.04 -20.42
N ASP A 95 -19.01 -5.10 -19.70
CA ASP A 95 -19.64 -5.34 -18.43
C ASP A 95 -18.76 -6.07 -17.44
N ILE A 96 -17.53 -5.63 -17.32
CA ILE A 96 -16.61 -6.18 -16.35
C ILE A 96 -16.56 -5.17 -15.21
N LYS A 97 -17.16 -5.52 -14.10
CA LYS A 97 -17.22 -4.64 -12.97
C LYS A 97 -15.93 -4.54 -12.15
N ILE A 98 -15.32 -5.67 -11.88
CA ILE A 98 -14.11 -5.71 -11.08
C ILE A 98 -13.23 -6.85 -11.57
N ALA A 99 -11.93 -6.65 -11.56
CA ALA A 99 -11.04 -7.68 -12.04
C ALA A 99 -9.65 -7.72 -11.39
N SER A 100 -9.03 -8.87 -11.51
CA SER A 100 -7.66 -9.07 -11.13
C SER A 100 -6.94 -8.64 -12.40
N VAL A 101 -6.06 -7.68 -12.34
CA VAL A 101 -5.41 -7.16 -13.53
C VAL A 101 -3.89 -7.31 -13.59
N TRP A 102 -3.41 -7.88 -14.69
CA TRP A 102 -2.01 -8.12 -14.99
C TRP A 102 -1.49 -7.15 -16.06
N GLY A 103 -0.24 -6.78 -15.99
CA GLY A 103 0.34 -5.95 -17.00
C GLY A 103 1.83 -5.80 -16.83
N CYS A 104 2.56 -5.89 -17.94
CA CYS A 104 3.98 -5.69 -17.96
C CYS A 104 4.32 -4.34 -18.65
N ALA A 105 5.38 -3.70 -18.17
CA ALA A 105 5.91 -2.48 -18.75
C ALA A 105 4.86 -1.38 -18.79
N SER A 106 4.48 -0.91 -19.96
CA SER A 106 3.41 0.10 -20.07
C SER A 106 2.07 -0.50 -19.53
N GLY A 107 1.91 -1.80 -19.67
CA GLY A 107 0.79 -2.51 -19.12
C GLY A 107 0.79 -2.44 -17.58
N ALA A 108 1.98 -2.50 -17.01
CA ALA A 108 2.20 -2.37 -15.56
C ALA A 108 1.89 -0.94 -15.10
N SER A 109 2.34 0.04 -15.86
CA SER A 109 2.02 1.42 -15.56
C SER A 109 0.49 1.59 -15.54
N THR A 110 -0.17 0.91 -16.46
CA THR A 110 -1.61 0.97 -16.58
C THR A 110 -2.27 0.34 -15.34
N VAL A 111 -1.77 -0.81 -14.95
CA VAL A 111 -2.27 -1.46 -13.75
C VAL A 111 -2.22 -0.52 -12.54
N LEU A 112 -1.07 0.12 -12.34
CA LEU A 112 -0.90 1.03 -11.23
C LEU A 112 -1.85 2.22 -11.31
N ALA A 113 -2.03 2.74 -12.52
CA ALA A 113 -2.96 3.83 -12.76
C ALA A 113 -4.38 3.39 -12.34
N LEU A 114 -4.75 2.17 -12.71
CA LEU A 114 -6.02 1.60 -12.34
C LEU A 114 -6.15 1.44 -10.83
N CYS A 115 -5.10 1.00 -10.17
CA CYS A 115 -5.10 0.85 -8.73
C CYS A 115 -5.21 2.21 -8.02
N SER A 116 -4.62 3.22 -8.61
CA SER A 116 -4.57 4.52 -8.05
C SER A 116 -5.82 5.34 -8.26
N ASP A 117 -6.32 5.32 -9.48
CA ASP A 117 -7.44 6.14 -9.92
C ASP A 117 -8.79 5.45 -10.08
N TYR A 118 -8.80 4.14 -10.22
CA TYR A 118 -10.02 3.41 -10.37
C TYR A 118 -9.99 2.17 -9.49
N PRO A 119 -9.71 2.32 -8.20
CA PRO A 119 -9.57 1.20 -7.27
C PRO A 119 -10.82 0.36 -7.17
N GLU A 120 -11.91 1.04 -7.45
CA GLU A 120 -13.14 0.28 -7.37
C GLU A 120 -13.29 -0.78 -8.48
N ARG A 121 -12.53 -0.82 -9.44
CA ARG A 121 -12.57 -1.79 -10.51
C ARG A 121 -11.50 -2.85 -10.42
N VAL A 122 -10.63 -2.72 -9.43
CA VAL A 122 -9.52 -3.62 -9.26
C VAL A 122 -9.60 -4.48 -8.00
N ARG A 123 -9.66 -5.78 -8.18
CA ARG A 123 -9.65 -6.71 -7.09
C ARG A 123 -8.20 -6.78 -6.54
N ASN A 124 -7.25 -6.85 -7.45
CA ASN A 124 -5.85 -6.90 -7.13
C ASN A 124 -5.09 -6.61 -8.40
N GLY A 125 -3.97 -5.93 -8.27
CA GLY A 125 -3.10 -5.59 -9.36
C GLY A 125 -1.80 -6.40 -9.40
N MET A 126 -1.41 -6.82 -10.57
CA MET A 126 -0.22 -7.56 -10.80
C MET A 126 0.69 -6.90 -11.84
N PRO A 127 1.43 -5.88 -11.43
CA PRO A 127 2.37 -5.16 -12.26
C PRO A 127 3.66 -5.90 -12.36
N HIS A 128 4.27 -5.88 -13.53
CA HIS A 128 5.53 -6.51 -13.80
C HIS A 128 6.39 -5.52 -14.57
N GLU A 129 7.56 -5.22 -14.03
CA GLU A 129 8.50 -4.37 -14.67
C GLU A 129 7.97 -3.04 -15.19
N VAL A 130 7.62 -2.19 -14.25
CA VAL A 130 7.14 -0.87 -14.50
C VAL A 130 8.31 0.02 -14.93
N PRO A 131 8.22 0.64 -16.10
CA PRO A 131 9.35 1.48 -16.47
C PRO A 131 9.39 2.81 -15.71
N THR A 132 10.50 3.05 -15.05
CA THR A 132 10.74 4.29 -14.35
C THR A 132 11.95 4.98 -14.93
N GLU A 133 12.81 4.24 -15.58
CA GLU A 133 13.98 4.79 -16.20
C GLU A 133 14.35 3.88 -17.39
N ASN A 134 14.37 4.42 -18.59
CA ASN A 134 14.69 3.60 -19.74
C ASN A 134 16.16 3.20 -19.85
N PRO A 135 16.43 2.01 -20.38
CA PRO A 135 17.80 1.63 -20.61
C PRO A 135 18.32 2.38 -21.83
N ASP A 136 19.64 2.42 -21.98
CA ASP A 136 20.30 3.11 -23.07
C ASP A 136 19.84 2.71 -24.46
N ILE A 137 19.46 1.45 -24.66
CA ILE A 137 18.98 1.03 -25.98
C ILE A 137 17.77 1.82 -26.50
N LEU A 138 17.00 2.42 -25.61
CA LEU A 138 15.82 3.18 -25.98
C LEU A 138 16.01 4.67 -26.06
N LEU A 139 17.18 5.11 -25.73
CA LEU A 139 17.48 6.52 -25.71
C LEU A 139 17.12 7.29 -27.01
N HIS A 140 17.46 6.75 -28.14
CA HIS A 140 17.22 7.42 -29.40
C HIS A 140 16.26 6.69 -30.31
N ILE A 141 15.55 5.70 -29.81
CA ILE A 141 14.68 4.90 -30.62
C ILE A 141 13.60 5.65 -31.36
N HIS A 142 13.09 6.69 -30.77
CA HIS A 142 12.08 7.48 -31.42
C HIS A 142 12.62 8.39 -32.52
N GLU A 143 13.93 8.46 -32.66
CA GLU A 143 14.59 9.35 -33.60
C GLU A 143 15.09 8.82 -34.90
N VAL A 144 14.98 7.53 -35.15
CA VAL A 144 15.53 6.97 -36.36
C VAL A 144 14.44 6.48 -37.35
N ASP A 145 14.84 6.01 -38.52
CA ASP A 145 13.91 5.52 -39.54
C ASP A 145 13.06 4.36 -39.07
N PRO A 146 11.82 4.25 -39.57
CA PRO A 146 10.93 3.16 -39.20
C PRO A 146 11.54 1.79 -39.41
N ALA A 147 12.25 1.59 -40.50
CA ALA A 147 12.90 0.32 -40.75
C ALA A 147 13.93 0.05 -39.67
N THR A 148 14.66 1.07 -39.29
CA THR A 148 15.63 0.93 -38.25
C THR A 148 14.96 0.64 -36.88
N ILE A 149 13.85 1.26 -36.62
CA ILE A 149 13.17 1.02 -35.37
C ILE A 149 12.72 -0.43 -35.27
N SER A 150 12.10 -0.88 -36.32
CA SER A 150 11.60 -2.23 -36.37
C SER A 150 12.72 -3.24 -36.21
N GLN A 151 13.82 -3.00 -36.89
CA GLN A 151 14.96 -3.87 -36.83
C GLN A 151 15.53 -3.89 -35.40
N GLU A 152 15.81 -2.72 -34.84
CA GLU A 152 16.36 -2.62 -33.50
C GLU A 152 15.41 -3.15 -32.44
N MET A 153 14.15 -2.80 -32.51
CA MET A 153 13.19 -3.25 -31.51
C MET A 153 12.89 -4.76 -31.61
N ALA A 154 12.93 -5.30 -32.80
CA ALA A 154 12.69 -6.72 -32.97
C ALA A 154 13.82 -7.48 -32.25
N ALA A 155 15.03 -7.00 -32.42
CA ALA A 155 16.20 -7.55 -31.78
C ALA A 155 16.14 -7.41 -30.26
N ASN A 156 15.86 -6.21 -29.81
CA ASN A 156 15.75 -5.91 -28.40
C ASN A 156 14.71 -6.78 -27.73
N SER A 157 13.53 -6.88 -28.32
CA SER A 157 12.44 -7.64 -27.79
C SER A 157 12.82 -9.12 -27.70
N ARG A 158 13.44 -9.64 -28.72
CA ARG A 158 13.87 -11.03 -28.72
C ARG A 158 14.91 -11.24 -27.61
N ALA A 159 15.81 -10.28 -27.45
CA ALA A 159 16.83 -10.34 -26.42
C ALA A 159 16.27 -10.29 -25.00
N TYR A 160 15.15 -9.63 -24.82
CA TYR A 160 14.48 -9.52 -23.55
C TYR A 160 13.37 -10.54 -23.39
N SER A 161 13.31 -11.49 -24.31
CA SER A 161 12.22 -12.42 -24.32
C SER A 161 12.17 -13.45 -23.22
N GLY A 162 13.33 -13.82 -22.74
CA GLY A 162 13.44 -14.85 -21.73
C GLY A 162 13.45 -16.28 -22.26
N ASN A 163 13.25 -16.41 -23.57
CA ASN A 163 13.22 -17.70 -24.25
C ASN A 163 13.06 -17.42 -25.73
N VAL A 164 14.16 -17.36 -26.46
CA VAL A 164 14.12 -17.01 -27.86
C VAL A 164 13.33 -17.96 -28.74
N GLU A 165 13.31 -19.22 -28.36
CA GLU A 165 12.59 -20.22 -29.11
C GLU A 165 11.08 -20.02 -29.01
N ALA A 166 10.59 -19.80 -27.81
CA ALA A 166 9.20 -19.54 -27.59
C ALA A 166 8.86 -18.21 -28.28
N TRP A 167 9.77 -17.26 -28.23
CA TRP A 167 9.60 -15.94 -28.86
C TRP A 167 9.37 -16.11 -30.36
N ASP A 168 10.31 -16.77 -31.02
CA ASP A 168 10.23 -17.08 -32.43
C ASP A 168 8.94 -17.83 -32.76
N ALA A 169 8.58 -18.73 -31.86
CA ALA A 169 7.40 -19.58 -31.97
C ALA A 169 6.05 -18.88 -31.75
N LEU A 170 6.09 -17.57 -31.60
CA LEU A 170 4.86 -16.80 -31.56
C LEU A 170 4.26 -16.85 -32.98
N GLY A 171 5.09 -17.06 -33.97
CA GLY A 171 4.61 -17.21 -35.33
C GLY A 171 4.75 -16.01 -36.24
N PRO A 172 4.78 -16.25 -37.55
CA PRO A 172 4.93 -15.21 -38.55
C PRO A 172 3.86 -14.12 -38.54
N GLU A 173 2.62 -14.48 -38.28
CA GLU A 173 1.55 -13.51 -38.24
C GLU A 173 1.80 -12.54 -37.13
N VAL A 174 2.13 -13.06 -35.97
CA VAL A 174 2.44 -12.21 -34.84
C VAL A 174 3.64 -11.32 -35.14
N HIS A 175 4.72 -11.89 -35.63
CA HIS A 175 5.87 -11.06 -35.93
C HIS A 175 5.66 -9.99 -37.02
N ALA A 176 4.78 -10.26 -37.95
CA ALA A 176 4.48 -9.31 -38.98
C ALA A 176 3.72 -8.15 -38.32
N ARG A 177 2.83 -8.45 -37.39
CA ARG A 177 2.11 -7.40 -36.69
C ARG A 177 3.06 -6.56 -35.84
N LEU A 178 3.98 -7.24 -35.17
CA LEU A 178 4.94 -6.58 -34.33
C LEU A 178 5.82 -5.60 -35.12
N HIS A 179 6.21 -6.02 -36.29
CA HIS A 179 7.02 -5.22 -37.18
C HIS A 179 6.39 -3.85 -37.42
N ASP A 180 5.10 -3.81 -37.60
CA ASP A 180 4.43 -2.54 -37.84
C ASP A 180 4.22 -1.78 -36.54
N ASN A 181 4.04 -2.49 -35.45
CA ASN A 181 3.88 -1.86 -34.16
C ASN A 181 5.13 -1.13 -33.63
N TYR A 182 6.31 -1.64 -33.88
CA TYR A 182 7.51 -1.05 -33.31
C TYR A 182 7.65 0.49 -33.44
N PRO A 183 7.55 1.01 -34.66
CA PRO A 183 7.69 2.46 -34.84
C PRO A 183 6.60 3.24 -34.09
N ARG A 184 5.39 2.79 -34.17
CA ARG A 184 4.30 3.43 -33.50
C ARG A 184 4.51 3.44 -31.98
N TRP A 185 4.96 2.32 -31.44
CA TRP A 185 5.31 2.24 -30.04
C TRP A 185 6.41 3.25 -29.70
N ALA A 186 7.45 3.28 -30.51
CA ALA A 186 8.57 4.18 -30.30
C ALA A 186 8.17 5.65 -30.24
N TYR A 187 7.33 6.09 -31.15
CA TYR A 187 6.91 7.48 -31.15
C TYR A 187 6.00 7.83 -30.00
N GLY A 188 5.20 6.89 -29.54
CA GLY A 188 4.26 7.18 -28.49
C GLY A 188 4.44 6.75 -27.05
N TYR A 189 5.39 5.85 -26.79
CA TYR A 189 5.55 5.29 -25.47
C TYR A 189 6.79 5.61 -24.61
N PRO A 190 7.98 5.33 -25.10
CA PRO A 190 9.17 5.46 -24.25
C PRO A 190 9.48 6.82 -23.63
N ARG A 191 9.10 7.90 -24.29
CA ARG A 191 9.36 9.22 -23.77
C ARG A 191 8.42 9.64 -22.63
N THR A 192 7.18 9.22 -22.71
CA THR A 192 6.15 9.61 -21.77
C THR A 192 5.76 8.59 -20.68
N ILE A 193 6.00 7.32 -20.95
CA ILE A 193 5.64 6.32 -20.00
C ILE A 193 6.39 6.39 -18.65
N PRO A 194 7.72 6.46 -18.68
CA PRO A 194 8.50 6.45 -17.45
C PRO A 194 8.24 7.62 -16.50
N PRO A 195 8.17 8.85 -17.01
CA PRO A 195 7.92 9.98 -16.12
C PRO A 195 6.57 9.96 -15.46
N SER A 196 5.61 9.27 -16.03
CA SER A 196 4.28 9.21 -15.52
C SER A 196 3.98 7.96 -14.70
N ALA A 197 5.00 7.20 -14.37
CA ALA A 197 4.82 5.98 -13.62
C ALA A 197 4.07 6.29 -12.35
N PRO A 198 2.95 5.63 -12.11
CA PRO A 198 2.18 5.83 -10.88
C PRO A 198 2.77 5.05 -9.70
N VAL A 199 3.93 5.47 -9.28
CA VAL A 199 4.66 4.81 -8.24
C VAL A 199 4.83 5.63 -6.96
N LYS A 200 4.04 6.68 -6.83
CA LYS A 200 4.08 7.46 -5.62
C LYS A 200 3.29 6.72 -4.53
N THR A 201 3.57 7.07 -3.29
CA THR A 201 2.89 6.50 -2.15
C THR A 201 1.40 6.57 -2.30
N GLU A 202 0.89 7.70 -2.78
CA GLU A 202 -0.52 7.89 -2.97
C GLU A 202 -1.17 6.97 -3.99
N ASP A 203 -0.40 6.38 -4.89
CA ASP A 203 -0.92 5.49 -5.89
C ASP A 203 -0.93 4.02 -5.48
N LEU A 204 -0.25 3.68 -4.41
CA LEU A 204 -0.03 2.29 -4.10
C LEU A 204 -0.74 1.56 -2.98
N HIS A 205 -1.68 2.18 -2.30
CA HIS A 205 -2.28 1.52 -1.17
C HIS A 205 -3.79 1.30 -1.16
N LYS A 206 -4.45 1.59 -2.26
CA LYS A 206 -5.87 1.48 -2.32
C LYS A 206 -6.42 0.07 -2.47
N VAL A 207 -5.66 -0.77 -3.17
CA VAL A 207 -6.03 -2.14 -3.46
C VAL A 207 -4.80 -3.04 -3.38
N PRO A 208 -5.00 -4.34 -3.17
CA PRO A 208 -3.86 -5.24 -3.10
C PRO A 208 -3.03 -5.23 -4.38
N ILE A 209 -1.73 -5.22 -4.22
CA ILE A 209 -0.79 -5.26 -5.31
C ILE A 209 0.25 -6.39 -5.08
N ASP A 210 0.56 -7.15 -6.11
CA ASP A 210 1.56 -8.17 -6.04
C ASP A 210 2.47 -7.87 -7.22
N TRP A 211 3.65 -7.36 -6.93
CA TRP A 211 4.58 -6.84 -7.92
C TRP A 211 5.68 -7.82 -8.28
N THR A 212 6.05 -7.86 -9.56
CA THR A 212 7.09 -8.75 -10.00
C THR A 212 8.09 -8.14 -10.97
N VAL A 213 9.25 -8.75 -11.05
CA VAL A 213 10.33 -8.47 -11.96
C VAL A 213 10.86 -9.85 -12.46
N GLY A 214 11.42 -9.87 -13.65
CA GLY A 214 11.93 -11.07 -14.21
C GLY A 214 13.17 -11.54 -13.48
N ALA A 215 13.20 -12.83 -13.22
CA ALA A 215 14.30 -13.46 -12.56
C ALA A 215 15.64 -13.25 -13.26
N SER A 216 15.63 -13.32 -14.57
CA SER A 216 16.81 -13.20 -15.38
C SER A 216 17.12 -11.80 -15.90
N THR A 217 16.21 -10.89 -15.62
CA THR A 217 16.40 -9.52 -16.01
C THR A 217 17.62 -8.92 -15.30
N PRO A 218 18.50 -8.24 -16.03
CA PRO A 218 19.63 -7.55 -15.38
C PRO A 218 19.11 -6.63 -14.27
N THR A 219 19.69 -6.79 -13.10
CA THR A 219 19.28 -6.10 -11.92
C THR A 219 18.98 -4.60 -12.07
N LYS A 220 19.84 -3.88 -12.71
CA LYS A 220 19.64 -2.46 -12.85
C LYS A 220 18.36 -2.03 -13.56
N LEU A 221 17.96 -2.78 -14.55
CA LEU A 221 16.82 -2.42 -15.36
C LEU A 221 15.57 -2.06 -14.59
N PHE A 222 15.18 -2.91 -13.66
CA PHE A 222 14.00 -2.68 -12.89
C PHE A 222 14.25 -2.63 -11.37
N PHE A 223 15.48 -2.34 -11.03
CA PHE A 223 15.96 -2.16 -9.66
C PHE A 223 15.01 -1.27 -8.85
N GLU A 224 14.63 -0.13 -9.40
CA GLU A 224 13.76 0.79 -8.68
C GLU A 224 12.39 0.21 -8.30
N ASN A 225 11.90 -0.70 -9.12
CA ASN A 225 10.63 -1.35 -8.82
C ASN A 225 10.74 -2.04 -7.45
N ILE A 226 11.82 -2.76 -7.27
CA ILE A 226 12.04 -3.56 -6.07
C ILE A 226 12.12 -2.69 -4.82
N VAL A 227 12.89 -1.62 -4.92
CA VAL A 227 13.05 -0.71 -3.81
C VAL A 227 11.75 -0.02 -3.45
N ILE A 228 11.01 0.36 -4.45
CA ILE A 228 9.76 1.04 -4.22
C ILE A 228 8.79 0.09 -3.52
N ALA A 229 8.68 -1.10 -4.05
CA ALA A 229 7.76 -2.05 -3.47
C ALA A 229 8.14 -2.36 -2.03
N ALA A 230 9.40 -2.64 -1.79
CA ALA A 230 9.89 -2.97 -0.47
C ALA A 230 9.65 -1.81 0.48
N ARG A 231 9.98 -0.62 0.06
CA ARG A 231 9.77 0.55 0.87
C ARG A 231 8.33 0.80 1.26
N GLU A 232 7.42 0.45 0.38
CA GLU A 232 6.01 0.66 0.59
C GLU A 232 5.28 -0.51 1.23
N GLY A 233 5.95 -1.60 1.53
CA GLY A 233 5.33 -2.75 2.13
C GLY A 233 4.46 -3.56 1.19
N ILE A 234 4.80 -3.52 -0.09
CA ILE A 234 4.09 -4.24 -1.12
C ILE A 234 4.79 -5.54 -1.50
N ASN A 235 4.04 -6.62 -1.65
CA ASN A 235 4.57 -7.91 -2.03
C ASN A 235 5.37 -7.75 -3.31
N ILE A 236 6.58 -8.27 -3.30
CA ILE A 236 7.49 -8.14 -4.41
C ILE A 236 8.26 -9.44 -4.61
N GLY A 237 8.39 -9.90 -5.83
CA GLY A 237 9.10 -11.12 -6.12
C GLY A 237 9.49 -11.23 -7.58
N THR A 238 10.00 -12.38 -7.97
CA THR A 238 10.39 -12.59 -9.34
C THR A 238 9.56 -13.66 -10.01
N LEU A 239 9.57 -13.61 -11.33
CA LEU A 239 8.98 -14.61 -12.14
C LEU A 239 10.09 -15.08 -13.06
N PRO A 240 10.05 -16.33 -13.45
CA PRO A 240 11.06 -16.82 -14.37
C PRO A 240 11.05 -16.04 -15.67
N GLY A 241 12.18 -16.00 -16.30
CA GLY A 241 12.32 -15.31 -17.52
C GLY A 241 12.71 -13.85 -17.36
N ASN A 242 12.24 -13.04 -18.29
CA ASN A 242 12.62 -11.66 -18.33
C ASN A 242 11.42 -10.74 -18.47
N HIS A 243 11.26 -10.16 -19.65
CA HIS A 243 10.20 -9.15 -19.87
C HIS A 243 8.85 -9.70 -20.35
N PHE A 244 8.82 -10.96 -20.76
CA PHE A 244 7.64 -11.59 -21.29
C PHE A 244 7.43 -12.99 -20.71
N PRO A 245 7.19 -13.08 -19.42
CA PRO A 245 6.98 -14.35 -18.70
C PRO A 245 5.83 -15.12 -19.28
N TYR A 246 4.84 -14.41 -19.80
CA TYR A 246 3.68 -15.02 -20.45
C TYR A 246 4.02 -15.81 -21.72
N VAL A 247 5.12 -15.44 -22.35
CA VAL A 247 5.63 -16.11 -23.52
C VAL A 247 6.72 -17.15 -23.14
N SER A 248 7.69 -16.75 -22.33
CA SER A 248 8.76 -17.65 -21.99
C SER A 248 8.33 -18.79 -21.09
N HIS A 249 7.49 -18.50 -20.13
CA HIS A 249 7.07 -19.47 -19.14
C HIS A 249 5.60 -19.44 -18.88
N PRO A 250 4.82 -19.82 -19.87
CA PRO A 250 3.38 -19.77 -19.78
C PRO A 250 2.79 -20.52 -18.61
N GLU A 251 3.30 -21.70 -18.30
CA GLU A 251 2.78 -22.46 -17.18
C GLU A 251 2.98 -21.77 -15.86
N GLU A 252 4.21 -21.37 -15.61
CA GLU A 252 4.56 -20.68 -14.41
C GLU A 252 3.80 -19.33 -14.29
N PHE A 253 3.66 -18.64 -15.39
CA PHE A 253 2.94 -17.37 -15.44
C PHE A 253 1.46 -17.60 -15.05
N ALA A 254 0.83 -18.57 -15.67
CA ALA A 254 -0.55 -18.93 -15.37
C ALA A 254 -0.75 -19.28 -13.89
N LYS A 255 0.17 -20.05 -13.36
CA LYS A 255 0.14 -20.45 -11.96
C LYS A 255 0.16 -19.22 -11.05
N TYR A 256 1.05 -18.31 -11.35
CA TYR A 256 1.17 -17.07 -10.60
C TYR A 256 -0.10 -16.28 -10.61
N VAL A 257 -0.65 -16.07 -11.78
CA VAL A 257 -1.90 -15.32 -11.91
C VAL A 257 -3.06 -15.95 -11.15
N VAL A 258 -3.21 -17.23 -11.31
CA VAL A 258 -4.23 -17.97 -10.61
C VAL A 258 -4.06 -17.92 -9.11
N GLU A 259 -2.90 -18.29 -8.60
CA GLU A 259 -2.67 -18.29 -7.18
C GLU A 259 -2.83 -16.92 -6.55
N THR A 260 -2.22 -15.92 -7.16
CA THR A 260 -2.32 -14.57 -6.67
C THR A 260 -3.74 -14.04 -6.60
N SER A 261 -4.47 -14.21 -7.69
CA SER A 261 -5.83 -13.74 -7.76
C SER A 261 -6.75 -14.48 -6.77
N ARG A 262 -6.50 -15.77 -6.58
CA ARG A 262 -7.27 -16.58 -5.65
C ARG A 262 -7.14 -16.10 -4.21
N LYS A 263 -6.03 -15.49 -3.85
CA LYS A 263 -5.85 -15.01 -2.50
C LYS A 263 -6.91 -13.98 -2.10
N TYR A 264 -7.41 -13.26 -3.09
CA TYR A 264 -8.33 -12.17 -2.86
C TYR A 264 -9.84 -12.42 -3.05
N LEU A 265 -10.22 -13.62 -3.46
CA LEU A 265 -11.62 -13.96 -3.64
C LEU A 265 -12.28 -14.12 -2.29
N LYS A 266 -13.55 -13.79 -2.22
CA LYS A 266 -14.28 -13.91 -0.98
C LYS A 266 -15.67 -14.47 -1.22
N THR B 4 14.15 18.06 35.53
CA THR B 4 13.39 18.76 34.51
C THR B 4 13.16 17.85 33.34
N ARG B 5 12.43 18.36 32.38
CA ARG B 5 12.12 17.59 31.21
C ARG B 5 13.27 17.56 30.22
N THR B 6 13.65 16.39 29.79
CA THR B 6 14.66 16.26 28.78
C THR B 6 13.96 15.84 27.51
N ARG B 7 14.44 16.35 26.39
CA ARG B 7 13.91 16.12 25.09
C ARG B 7 15.05 15.87 24.10
N GLY B 8 14.95 14.79 23.34
CA GLY B 8 15.98 14.49 22.40
C GLY B 8 15.76 13.23 21.63
N TYR B 9 16.84 12.75 21.02
CA TYR B 9 16.86 11.59 20.18
C TYR B 9 17.86 10.53 20.61
N VAL B 10 17.57 9.30 20.26
CA VAL B 10 18.42 8.17 20.50
C VAL B 10 18.14 7.17 19.40
N THR B 11 19.20 6.70 18.78
CA THR B 11 19.10 5.72 17.73
C THR B 11 19.38 4.32 18.24
N THR B 12 18.43 3.45 18.07
CA THR B 12 18.53 2.10 18.55
C THR B 12 19.14 1.20 17.51
N LYS B 13 19.53 -0.02 17.89
CA LYS B 13 20.17 -0.99 17.00
C LYS B 13 19.28 -1.63 15.92
N ASP B 14 18.01 -1.27 15.95
CA ASP B 14 17.06 -1.68 14.94
C ASP B 14 16.91 -0.53 13.91
N GLY B 15 17.72 0.50 14.03
CA GLY B 15 17.71 1.59 13.11
C GLY B 15 16.75 2.74 13.36
N ILE B 16 15.89 2.62 14.35
CA ILE B 16 14.97 3.66 14.65
C ILE B 16 15.62 4.84 15.35
N LYS B 17 15.41 6.02 14.81
CA LYS B 17 15.91 7.21 15.42
C LYS B 17 14.75 7.79 16.23
N TRP B 18 14.70 7.40 17.48
CA TRP B 18 13.62 7.78 18.34
C TRP B 18 13.64 9.19 18.90
N TYR B 19 12.49 9.84 18.95
CA TYR B 19 12.38 11.09 19.65
C TYR B 19 11.74 10.69 20.99
N TYR B 20 12.38 11.06 22.07
CA TYR B 20 11.87 10.74 23.39
C TYR B 20 12.02 11.86 24.41
N GLU B 21 11.24 11.77 25.46
CA GLU B 21 11.24 12.71 26.54
C GLU B 21 11.24 11.97 27.88
N GLN B 22 11.82 12.60 28.88
CA GLN B 22 11.85 12.03 30.21
C GLN B 22 11.76 13.15 31.23
N GLU B 23 11.18 12.84 32.36
CA GLU B 23 11.09 13.76 33.46
C GLU B 23 10.91 13.01 34.75
N GLY B 24 11.54 13.51 35.80
CA GLY B 24 11.38 12.95 37.10
C GLY B 24 12.42 12.01 37.56
N SER B 25 12.27 11.62 38.81
CA SER B 25 13.14 10.70 39.48
C SER B 25 12.34 9.73 40.31
N GLY B 26 12.74 8.48 40.29
CA GLY B 26 12.06 7.43 41.00
C GLY B 26 11.74 6.25 40.12
N PRO B 27 10.82 5.37 40.54
CA PRO B 27 10.46 4.24 39.69
C PRO B 27 9.93 4.66 38.31
N ASP B 28 10.20 3.83 37.31
CA ASP B 28 9.81 4.11 35.96
C ASP B 28 8.35 3.86 35.57
N VAL B 29 7.84 4.84 34.85
CA VAL B 29 6.56 4.84 34.23
C VAL B 29 6.78 5.14 32.75
N VAL B 30 6.21 4.32 31.88
CA VAL B 30 6.32 4.51 30.45
C VAL B 30 4.97 4.77 29.82
N LEU B 31 4.90 5.83 29.04
CA LEU B 31 3.68 6.23 28.41
C LEU B 31 3.76 6.02 26.92
N ILE B 32 3.14 4.95 26.49
CA ILE B 32 3.11 4.59 25.10
C ILE B 32 1.99 5.29 24.38
N PRO B 33 2.32 5.97 23.29
CA PRO B 33 1.21 6.62 22.63
C PRO B 33 0.26 5.66 21.99
N ASP B 34 -0.89 6.23 21.62
CA ASP B 34 -1.88 5.57 20.78
C ASP B 34 -1.28 5.48 19.34
N GLY B 35 -2.06 4.98 18.39
CA GLY B 35 -1.65 4.77 17.01
C GLY B 35 -1.08 5.96 16.28
N LEU B 36 -1.50 7.15 16.64
CA LEU B 36 -0.97 8.35 15.99
C LEU B 36 0.49 8.63 16.35
N GLY B 37 0.98 7.99 17.41
CA GLY B 37 2.34 8.05 17.84
C GLY B 37 2.99 9.38 18.17
N GLU B 38 2.18 10.26 18.72
CA GLU B 38 2.57 11.61 19.03
C GLU B 38 2.65 11.86 20.53
N CYS B 39 3.85 11.89 21.08
CA CYS B 39 4.01 12.03 22.51
C CYS B 39 3.78 13.37 23.12
N GLN B 40 3.59 14.41 22.33
CA GLN B 40 3.28 15.75 22.87
C GLN B 40 1.93 15.73 23.60
N MET B 41 1.10 14.75 23.26
CA MET B 41 -0.20 14.54 23.91
C MET B 41 -0.05 14.25 25.40
N PHE B 42 1.09 13.77 25.80
CA PHE B 42 1.37 13.47 27.18
C PHE B 42 2.04 14.59 28.02
N ASP B 43 2.40 15.68 27.38
CA ASP B 43 3.12 16.77 28.02
C ASP B 43 2.56 17.16 29.37
N LYS B 44 1.30 17.51 29.42
CA LYS B 44 0.66 17.94 30.66
C LYS B 44 0.67 16.90 31.76
N PRO B 45 0.12 15.72 31.49
CA PRO B 45 0.10 14.68 32.52
C PRO B 45 1.48 14.21 32.91
N MET B 46 2.40 14.23 31.98
CA MET B 46 3.75 13.81 32.24
C MET B 46 4.37 14.58 33.42
N SER B 47 4.17 15.88 33.41
CA SER B 47 4.66 16.71 34.49
C SER B 47 3.99 16.32 35.78
N LEU B 48 2.70 16.10 35.73
CA LEU B 48 1.96 15.73 36.91
C LEU B 48 2.43 14.40 37.50
N ILE B 49 2.60 13.41 36.66
CA ILE B 49 3.04 12.11 37.11
C ILE B 49 4.47 12.19 37.66
N ALA B 50 5.35 12.89 36.96
CA ALA B 50 6.73 13.00 37.39
C ALA B 50 6.82 13.64 38.78
N SER B 51 5.99 14.63 39.03
CA SER B 51 5.96 15.34 40.29
C SER B 51 5.52 14.54 41.51
N ASN B 52 5.04 13.33 41.27
CA ASN B 52 4.65 12.42 42.31
C ASN B 52 5.66 11.30 42.55
N GLY B 53 6.91 11.50 42.19
CA GLY B 53 7.91 10.51 42.48
C GLY B 53 8.21 9.37 41.55
N PHE B 54 8.01 9.60 40.27
CA PHE B 54 8.27 8.63 39.24
C PHE B 54 9.13 9.23 38.14
N ARG B 55 9.90 8.40 37.47
CA ARG B 55 10.64 8.84 36.31
C ARG B 55 9.76 8.44 35.14
N VAL B 56 9.31 9.42 34.40
CA VAL B 56 8.44 9.17 33.29
C VAL B 56 9.17 9.30 31.94
N THR B 57 8.91 8.34 31.08
CA THR B 57 9.47 8.29 29.75
C THR B 57 8.35 8.13 28.70
N THR B 58 8.44 8.92 27.66
CA THR B 58 7.54 8.84 26.55
C THR B 58 8.35 9.13 25.26
N PHE B 59 7.72 8.86 24.14
CA PHE B 59 8.37 8.93 22.86
C PHE B 59 7.40 8.87 21.69
N ASP B 60 7.78 9.47 20.56
CA ASP B 60 7.00 9.37 19.34
C ASP B 60 7.20 7.95 18.80
N MET B 61 6.17 7.35 18.21
CA MET B 61 6.29 5.97 17.75
C MET B 61 7.05 5.85 16.41
N PRO B 62 7.57 4.67 16.11
CA PRO B 62 8.41 4.54 14.92
C PRO B 62 7.69 4.97 13.65
N GLY B 63 8.35 5.82 12.90
CA GLY B 63 7.81 6.33 11.69
C GLY B 63 6.85 7.49 11.81
N MET B 64 6.46 7.77 13.03
CA MET B 64 5.52 8.82 13.36
C MET B 64 6.17 10.05 13.97
N SER B 65 5.62 11.19 13.65
CA SER B 65 6.05 12.46 14.16
C SER B 65 7.56 12.62 14.14
N ARG B 66 8.16 12.92 15.28
CA ARG B 66 9.60 13.15 15.37
C ARG B 66 10.49 11.90 15.32
N SER B 67 9.86 10.74 15.38
CA SER B 67 10.49 9.45 15.29
C SER B 67 10.37 8.92 13.84
N SER B 68 10.20 9.83 12.92
CA SER B 68 9.96 9.52 11.53
C SER B 68 11.16 8.91 10.79
N ASP B 69 12.36 9.13 11.27
CA ASP B 69 13.55 8.59 10.63
C ASP B 69 13.76 7.18 11.13
N ALA B 70 13.03 6.27 10.53
CA ALA B 70 13.04 4.89 10.89
C ALA B 70 12.87 3.99 9.68
N PRO B 71 13.34 2.77 9.78
CA PRO B 71 13.20 1.87 8.64
C PRO B 71 11.75 1.58 8.33
N PRO B 72 11.42 1.42 7.05
CA PRO B 72 10.06 1.17 6.57
C PRO B 72 9.37 0.03 7.29
N GLU B 73 10.13 -0.98 7.63
CA GLU B 73 9.60 -2.12 8.31
C GLU B 73 8.98 -1.83 9.67
N THR B 74 9.44 -0.78 10.32
CA THR B 74 8.98 -0.43 11.65
C THR B 74 7.61 0.25 11.73
N TYR B 75 7.01 0.50 10.58
CA TYR B 75 5.69 1.08 10.54
C TYR B 75 4.73 0.38 9.54
N GLN B 76 5.03 -0.88 9.24
CA GLN B 76 4.24 -1.69 8.33
C GLN B 76 3.84 -2.98 9.01
N ASP B 77 2.65 -3.45 8.71
CA ASP B 77 2.10 -4.66 9.27
C ASP B 77 2.26 -4.71 10.80
N ILE B 78 1.88 -3.64 11.45
CA ILE B 78 2.05 -3.48 12.87
C ILE B 78 1.11 -4.32 13.73
N THR B 79 1.67 -4.83 14.79
CA THR B 79 0.98 -5.60 15.77
C THR B 79 1.49 -5.18 17.14
N GLY B 80 0.78 -5.53 18.20
CA GLY B 80 1.25 -5.23 19.52
C GLY B 80 2.63 -5.85 19.77
N ARG B 81 2.80 -7.10 19.37
CA ARG B 81 4.07 -7.78 19.58
C ARG B 81 5.22 -7.10 18.84
N LYS B 82 4.96 -6.66 17.63
CA LYS B 82 5.97 -6.00 16.85
C LYS B 82 6.43 -4.71 17.56
N LEU B 83 5.47 -3.95 18.03
CA LEU B 83 5.78 -2.71 18.72
C LEU B 83 6.49 -3.00 20.04
N ALA B 84 6.07 -4.04 20.72
CA ALA B 84 6.65 -4.43 21.96
C ALA B 84 8.15 -4.67 21.80
N GLY B 85 8.53 -5.40 20.75
CA GLY B 85 9.93 -5.65 20.48
C GLY B 85 10.73 -4.38 20.35
N TYR B 86 10.19 -3.41 19.66
CA TYR B 86 10.85 -2.14 19.48
C TYR B 86 10.96 -1.39 20.80
N ILE B 87 9.90 -1.43 21.57
CA ILE B 87 9.95 -0.74 22.82
C ILE B 87 10.98 -1.36 23.80
N ILE B 88 11.09 -2.67 23.80
CA ILE B 88 12.04 -3.36 24.63
C ILE B 88 13.47 -2.92 24.30
N THR B 89 13.76 -2.83 23.02
CA THR B 89 15.05 -2.40 22.55
C THR B 89 15.32 -0.97 23.06
N LEU B 90 14.32 -0.12 22.99
CA LEU B 90 14.45 1.24 23.47
C LEU B 90 14.69 1.30 25.00
N LEU B 91 13.89 0.53 25.72
CA LEU B 91 14.05 0.43 27.14
C LEU B 91 15.49 -0.03 27.52
N ASP B 92 15.99 -1.02 26.79
CA ASP B 92 17.33 -1.50 27.03
C ASP B 92 18.33 -0.36 26.86
N THR B 93 18.20 0.42 25.81
CA THR B 93 19.13 1.51 25.57
C THR B 93 19.05 2.61 26.60
N LEU B 94 17.87 2.80 27.15
CA LEU B 94 17.63 3.81 28.13
C LEU B 94 17.85 3.31 29.55
N ASP B 95 18.24 2.06 29.67
CA ASP B 95 18.47 1.40 30.92
C ASP B 95 17.27 1.41 31.86
N ILE B 96 16.09 1.12 31.33
CA ILE B 96 14.90 1.04 32.11
C ILE B 96 14.62 -0.43 32.25
N LYS B 97 14.90 -0.97 33.42
CA LYS B 97 14.75 -2.38 33.68
C LYS B 97 13.31 -2.83 33.86
N ILE B 98 12.54 -2.06 34.58
CA ILE B 98 11.16 -2.40 34.87
C ILE B 98 10.33 -1.11 34.95
N ALA B 99 9.11 -1.17 34.44
CA ALA B 99 8.27 -0.03 34.41
C ALA B 99 6.79 -0.34 34.53
N SER B 100 6.05 0.66 34.97
CA SER B 100 4.62 0.64 34.98
C SER B 100 4.32 1.17 33.58
N VAL B 101 3.51 0.47 32.82
CA VAL B 101 3.31 0.85 31.43
C VAL B 101 1.89 1.16 31.01
N TRP B 102 1.70 2.35 30.48
CA TRP B 102 0.40 2.82 29.98
C TRP B 102 0.31 2.78 28.44
N GLY B 103 -0.80 2.32 27.88
CA GLY B 103 -0.99 2.43 26.45
C GLY B 103 -2.44 2.42 26.03
N CYS B 104 -2.79 3.27 25.06
CA CYS B 104 -4.12 3.29 24.48
C CYS B 104 -4.10 2.74 23.07
N ALA B 105 -5.16 2.04 22.71
CA ALA B 105 -5.37 1.51 21.37
C ALA B 105 -4.21 0.58 20.96
N SER B 106 -3.48 0.94 19.90
CA SER B 106 -2.30 0.17 19.51
C SER B 106 -1.26 0.16 20.65
N GLY B 107 -1.23 1.22 21.43
CA GLY B 107 -0.38 1.31 22.59
C GLY B 107 -0.79 0.29 23.67
N ALA B 108 -2.10 0.07 23.78
CA ALA B 108 -2.70 -0.92 24.68
C ALA B 108 -2.36 -2.33 24.21
N SER B 109 -2.42 -2.56 22.92
CA SER B 109 -2.04 -3.84 22.37
C SER B 109 -0.57 -4.10 22.74
N THR B 110 0.25 -3.08 22.64
CA THR B 110 1.66 -3.15 22.94
C THR B 110 1.85 -3.51 24.43
N VAL B 111 1.10 -2.85 25.29
CA VAL B 111 1.14 -3.13 26.72
C VAL B 111 0.88 -4.60 27.01
N LEU B 112 -0.19 -5.13 26.44
CA LEU B 112 -0.55 -6.53 26.64
C LEU B 112 0.53 -7.48 26.07
N ALA B 113 1.11 -7.11 24.96
CA ALA B 113 2.21 -7.88 24.38
C ALA B 113 3.40 -7.91 25.37
N LEU B 114 3.67 -6.78 26.02
CA LEU B 114 4.73 -6.67 27.00
C LEU B 114 4.41 -7.53 28.20
N CYS B 115 3.17 -7.47 28.66
CA CYS B 115 2.76 -8.28 29.78
C CYS B 115 2.82 -9.77 29.50
N SER B 116 2.53 -10.15 28.28
CA SER B 116 2.52 -11.54 27.88
C SER B 116 3.89 -12.16 27.55
N ASP B 117 4.72 -11.37 26.88
CA ASP B 117 5.99 -11.81 26.37
C ASP B 117 7.25 -11.30 27.04
N TYR B 118 7.14 -10.21 27.78
CA TYR B 118 8.25 -9.61 28.47
C TYR B 118 7.81 -9.21 29.90
N PRO B 119 7.19 -10.14 30.64
CA PRO B 119 6.65 -9.86 31.99
C PRO B 119 7.69 -9.37 32.95
N GLU B 120 8.92 -9.78 32.75
CA GLU B 120 10.04 -9.36 33.56
C GLU B 120 10.31 -7.86 33.50
N ARG B 121 9.81 -7.20 32.48
CA ARG B 121 10.03 -5.78 32.31
C ARG B 121 8.85 -4.93 32.72
N VAL B 122 7.79 -5.59 33.14
CA VAL B 122 6.59 -4.92 33.49
C VAL B 122 6.15 -5.01 34.96
N ARG B 123 6.10 -3.89 35.64
CA ARG B 123 5.61 -3.86 37.01
C ARG B 123 4.10 -4.09 37.02
N ASN B 124 3.43 -3.37 36.16
CA ASN B 124 2.01 -3.44 35.99
C ASN B 124 1.65 -2.79 34.66
N GLY B 125 0.65 -3.33 33.99
CA GLY B 125 0.19 -2.84 32.73
C GLY B 125 -1.12 -2.11 32.83
N MET B 126 -1.21 -0.98 32.16
CA MET B 126 -2.40 -0.13 32.13
C MET B 126 -2.90 0.10 30.68
N PRO B 127 -3.57 -0.91 30.14
CA PRO B 127 -4.11 -0.84 28.81
C PRO B 127 -5.45 -0.08 28.79
N HIS B 128 -5.65 0.70 27.75
CA HIS B 128 -6.85 1.46 27.55
C HIS B 128 -7.32 1.23 26.12
N GLU B 129 -8.53 0.73 25.98
CA GLU B 129 -9.16 0.52 24.71
C GLU B 129 -8.30 -0.22 23.69
N VAL B 130 -8.16 -1.50 23.95
CA VAL B 130 -7.45 -2.42 23.10
C VAL B 130 -8.31 -2.73 21.88
N PRO B 131 -7.79 -2.48 20.68
CA PRO B 131 -8.65 -2.77 19.55
C PRO B 131 -8.80 -4.25 19.25
N THR B 132 -10.01 -4.73 19.20
CA THR B 132 -10.26 -6.13 18.87
C THR B 132 -11.16 -6.23 17.63
N GLU B 133 -11.86 -5.17 17.32
CA GLU B 133 -12.75 -5.11 16.16
C GLU B 133 -12.89 -3.63 15.79
N ASN B 134 -12.56 -3.25 14.58
CA ASN B 134 -12.67 -1.86 14.20
C ASN B 134 -14.09 -1.41 13.90
N PRO B 135 -14.39 -0.15 14.20
CA PRO B 135 -15.67 0.46 13.85
C PRO B 135 -15.71 0.65 12.33
N ASP B 136 -16.90 0.88 11.80
CA ASP B 136 -17.10 1.03 10.37
C ASP B 136 -16.31 2.13 9.74
N ILE B 137 -16.14 3.23 10.45
CA ILE B 137 -15.35 4.35 9.92
C ILE B 137 -13.91 4.01 9.50
N LEU B 138 -13.37 2.90 9.99
CA LEU B 138 -12.02 2.52 9.66
C LEU B 138 -11.90 1.41 8.65
N LEU B 139 -13.03 0.90 8.23
CA LEU B 139 -13.07 -0.19 7.31
C LEU B 139 -12.35 0.03 5.97
N HIS B 140 -12.52 1.18 5.37
CA HIS B 140 -11.95 1.43 4.08
C HIS B 140 -10.98 2.59 4.05
N ILE B 141 -10.53 3.02 5.21
CA ILE B 141 -9.66 4.17 5.34
C ILE B 141 -8.43 4.18 4.43
N HIS B 142 -7.82 3.03 4.16
CA HIS B 142 -6.66 2.99 3.27
C HIS B 142 -6.98 3.10 1.79
N GLU B 143 -8.23 3.06 1.45
CA GLU B 143 -8.61 3.08 0.09
C GLU B 143 -8.80 4.44 -0.57
N VAL B 144 -8.48 5.51 0.13
CA VAL B 144 -8.65 6.83 -0.43
C VAL B 144 -7.35 7.59 -0.46
N ASP B 145 -7.34 8.73 -1.14
CA ASP B 145 -6.15 9.55 -1.26
C ASP B 145 -5.61 9.93 0.12
N PRO B 146 -4.30 10.09 0.27
CA PRO B 146 -3.68 10.52 1.51
C PRO B 146 -4.28 11.80 2.09
N ALA B 147 -4.56 12.79 1.27
CA ALA B 147 -5.18 14.00 1.74
C ALA B 147 -6.54 13.72 2.38
N THR B 148 -7.29 12.82 1.76
CA THR B 148 -8.58 12.41 2.25
C THR B 148 -8.44 11.66 3.58
N ILE B 149 -7.44 10.82 3.68
CA ILE B 149 -7.19 10.10 4.92
C ILE B 149 -6.92 11.09 6.05
N SER B 150 -6.08 12.05 5.77
CA SER B 150 -5.73 13.05 6.73
C SER B 150 -6.96 13.85 7.16
N GLN B 151 -7.80 14.22 6.20
CA GLN B 151 -9.03 14.94 6.48
C GLN B 151 -9.98 14.10 7.34
N GLU B 152 -10.32 12.93 6.87
CA GLU B 152 -11.22 12.08 7.60
C GLU B 152 -10.72 11.70 8.98
N MET B 153 -9.47 11.30 9.07
CA MET B 153 -8.91 10.86 10.35
C MET B 153 -8.79 12.02 11.32
N ALA B 154 -8.50 13.20 10.81
CA ALA B 154 -8.41 14.36 11.67
C ALA B 154 -9.77 14.62 12.33
N ALA B 155 -10.84 14.48 11.58
CA ALA B 155 -12.18 14.64 12.08
C ALA B 155 -12.58 13.52 13.04
N ASN B 156 -12.24 12.29 12.70
CA ASN B 156 -12.54 11.19 13.56
C ASN B 156 -11.83 11.35 14.92
N SER B 157 -10.55 11.69 14.89
CA SER B 157 -9.80 11.82 16.08
C SER B 157 -10.39 12.93 16.95
N ARG B 158 -10.73 14.05 16.34
CA ARG B 158 -11.32 15.18 17.05
C ARG B 158 -12.65 14.76 17.70
N ALA B 159 -13.46 14.01 16.99
CA ALA B 159 -14.75 13.51 17.44
C ALA B 159 -14.64 12.55 18.59
N TYR B 160 -13.57 11.79 18.63
CA TYR B 160 -13.36 10.84 19.69
C TYR B 160 -12.37 11.36 20.73
N SER B 161 -12.11 12.65 20.66
CA SER B 161 -11.14 13.26 21.51
C SER B 161 -11.55 13.32 22.96
N GLY B 162 -12.83 13.41 23.19
CA GLY B 162 -13.35 13.53 24.53
C GLY B 162 -13.43 14.96 25.04
N ASN B 163 -12.89 15.89 24.26
CA ASN B 163 -12.87 17.31 24.60
C ASN B 163 -12.28 18.05 23.42
N VAL B 164 -13.13 18.51 22.53
CA VAL B 164 -12.65 19.18 21.34
C VAL B 164 -11.78 20.41 21.57
N GLU B 165 -12.06 21.16 22.61
CA GLU B 165 -11.25 22.32 22.91
C GLU B 165 -9.86 21.92 23.34
N ALA B 166 -9.75 20.90 24.16
CA ALA B 166 -8.46 20.42 24.57
C ALA B 166 -7.70 19.86 23.37
N TRP B 167 -8.43 19.20 22.49
CA TRP B 167 -7.86 18.59 21.29
C TRP B 167 -7.25 19.69 20.46
N ASP B 168 -8.06 20.67 20.15
CA ASP B 168 -7.63 21.84 19.39
C ASP B 168 -6.41 22.50 20.03
N ALA B 169 -6.44 22.58 21.35
CA ALA B 169 -5.40 23.14 22.20
C ALA B 169 -4.10 22.34 22.27
N LEU B 170 -4.02 21.21 21.59
CA LEU B 170 -2.75 20.54 21.45
C LEU B 170 -1.82 21.46 20.63
N GLY B 171 -2.38 22.28 19.78
CA GLY B 171 -1.62 23.22 19.00
C GLY B 171 -1.32 22.90 17.57
N PRO B 172 -0.93 23.93 16.80
CA PRO B 172 -0.66 23.81 15.39
C PRO B 172 0.51 22.89 15.05
N GLU B 173 1.58 22.93 15.81
CA GLU B 173 2.72 22.08 15.52
C GLU B 173 2.29 20.62 15.63
N VAL B 174 1.58 20.29 16.70
CA VAL B 174 1.09 18.94 16.89
C VAL B 174 0.19 18.50 15.75
N HIS B 175 -0.79 19.32 15.41
CA HIS B 175 -1.71 18.98 14.34
C HIS B 175 -1.06 18.86 12.97
N ALA B 176 0.01 19.58 12.76
CA ALA B 176 0.72 19.48 11.50
C ALA B 176 1.43 18.10 11.46
N ARG B 177 2.00 17.68 12.57
CA ARG B 177 2.64 16.38 12.62
C ARG B 177 1.59 15.29 12.43
N LEU B 178 0.46 15.45 13.08
CA LEU B 178 -0.63 14.49 12.96
C LEU B 178 -1.08 14.29 11.52
N HIS B 179 -1.16 15.40 10.80
CA HIS B 179 -1.53 15.41 9.40
C HIS B 179 -0.72 14.38 8.61
N ASP B 180 0.57 14.40 8.78
CA ASP B 180 1.44 13.50 8.06
C ASP B 180 1.40 12.08 8.60
N ASN B 181 1.00 11.93 9.84
CA ASN B 181 0.92 10.61 10.44
C ASN B 181 -0.30 9.79 9.99
N TYR B 182 -1.41 10.43 9.74
CA TYR B 182 -2.63 9.70 9.44
C TYR B 182 -2.55 8.62 8.35
N PRO B 183 -1.99 8.95 7.19
CA PRO B 183 -1.90 7.99 6.11
C PRO B 183 -1.00 6.84 6.50
N ARG B 184 0.13 7.13 7.09
CA ARG B 184 1.05 6.10 7.52
C ARG B 184 0.40 5.12 8.51
N TRP B 185 -0.32 5.71 9.44
CA TRP B 185 -1.05 4.95 10.42
C TRP B 185 -2.07 4.05 9.70
N ALA B 186 -2.83 4.63 8.81
CA ALA B 186 -3.82 3.89 8.05
C ALA B 186 -3.26 2.66 7.33
N TYR B 187 -2.12 2.82 6.69
CA TYR B 187 -1.53 1.71 5.94
C TYR B 187 -0.96 0.61 6.81
N GLY B 188 -0.50 0.95 7.98
CA GLY B 188 0.16 -0.03 8.80
C GLY B 188 -0.44 -0.58 10.08
N TYR B 189 -1.49 0.08 10.56
CA TYR B 189 -2.09 -0.26 11.81
C TYR B 189 -3.46 -0.97 11.88
N PRO B 190 -4.51 -0.35 11.35
CA PRO B 190 -5.88 -0.87 11.52
C PRO B 190 -6.17 -2.28 11.00
N ARG B 191 -5.52 -2.67 9.95
CA ARG B 191 -5.76 -3.99 9.42
C ARG B 191 -5.11 -5.12 10.23
N THR B 192 -3.98 -4.82 10.84
CA THR B 192 -3.20 -5.79 11.55
C THR B 192 -3.22 -5.76 13.09
N ILE B 193 -3.54 -4.61 13.63
CA ILE B 193 -3.59 -4.46 15.05
C ILE B 193 -4.69 -5.30 15.71
N PRO B 194 -5.92 -5.25 15.21
CA PRO B 194 -6.99 -6.00 15.91
C PRO B 194 -6.86 -7.53 15.97
N PRO B 195 -6.50 -8.17 14.88
CA PRO B 195 -6.37 -9.64 14.90
C PRO B 195 -5.22 -10.13 15.80
N SER B 196 -4.26 -9.27 16.07
CA SER B 196 -3.14 -9.58 16.88
C SER B 196 -3.30 -9.22 18.36
N ALA B 197 -4.47 -8.79 18.77
CA ALA B 197 -4.71 -8.39 20.15
C ALA B 197 -4.28 -9.51 21.10
N PRO B 198 -3.37 -9.23 22.05
CA PRO B 198 -2.99 -10.29 22.98
C PRO B 198 -3.95 -10.34 24.15
N VAL B 199 -5.13 -10.87 23.90
CA VAL B 199 -6.19 -10.95 24.87
C VAL B 199 -6.62 -12.37 25.20
N LYS B 200 -5.78 -13.34 24.90
CA LYS B 200 -6.07 -14.69 25.27
C LYS B 200 -5.71 -14.85 26.75
N THR B 201 -6.25 -15.89 27.38
CA THR B 201 -5.97 -16.19 28.76
C THR B 201 -4.49 -16.23 29.06
N GLU B 202 -3.73 -16.87 28.19
CA GLU B 202 -2.30 -16.99 28.34
C GLU B 202 -1.51 -15.67 28.31
N ASP B 203 -2.12 -14.61 27.84
CA ASP B 203 -1.47 -13.33 27.75
C ASP B 203 -1.70 -12.43 28.95
N LEU B 204 -2.68 -12.78 29.76
CA LEU B 204 -3.19 -11.92 30.78
C LEU B 204 -2.95 -12.12 32.27
N HIS B 205 -2.14 -13.08 32.65
CA HIS B 205 -1.95 -13.40 34.06
C HIS B 205 -0.52 -13.37 34.58
N LYS B 206 0.41 -12.98 33.75
CA LYS B 206 1.78 -12.94 34.19
C LYS B 206 2.14 -11.78 35.11
N VAL B 207 1.49 -10.65 34.93
CA VAL B 207 1.76 -9.46 35.74
C VAL B 207 0.45 -8.74 36.02
N PRO B 208 0.43 -7.85 37.00
CA PRO B 208 -0.82 -7.17 37.25
C PRO B 208 -1.25 -6.27 36.09
N ILE B 209 -2.53 -6.24 35.84
CA ILE B 209 -3.14 -5.42 34.81
C ILE B 209 -4.35 -4.63 35.36
N ASP B 210 -4.42 -3.35 35.04
CA ASP B 210 -5.53 -2.51 35.39
C ASP B 210 -6.02 -1.95 34.07
N TRP B 211 -7.17 -2.43 33.64
CA TRP B 211 -7.73 -2.12 32.33
C TRP B 211 -8.77 -1.02 32.33
N THR B 212 -8.73 -0.15 31.33
CA THR B 212 -9.72 0.87 31.24
C THR B 212 -10.31 1.08 29.84
N VAL B 213 -11.48 1.67 29.83
CA VAL B 213 -12.18 2.12 28.64
C VAL B 213 -12.73 3.53 28.93
N GLY B 214 -12.95 4.34 27.93
CA GLY B 214 -13.45 5.68 28.13
C GLY B 214 -14.89 5.71 28.62
N ALA B 215 -15.17 6.62 29.53
CA ALA B 215 -16.48 6.80 30.09
C ALA B 215 -17.51 7.19 29.07
N SER B 216 -17.10 8.04 28.13
CA SER B 216 -17.94 8.56 27.08
C SER B 216 -17.87 7.79 25.79
N THR B 217 -16.97 6.85 25.72
CA THR B 217 -16.85 6.03 24.56
C THR B 217 -18.14 5.24 24.33
N PRO B 218 -18.63 5.16 23.09
CA PRO B 218 -19.81 4.37 22.82
C PRO B 218 -19.57 2.92 23.23
N THR B 219 -20.49 2.37 23.99
CA THR B 219 -20.35 1.05 24.54
C THR B 219 -19.81 -0.02 23.60
N LYS B 220 -20.40 -0.14 22.44
CA LYS B 220 -19.94 -1.16 21.51
C LYS B 220 -18.46 -1.16 21.13
N LEU B 221 -17.87 -0.01 20.97
CA LEU B 221 -16.51 0.11 20.51
C LEU B 221 -15.51 -0.78 21.24
N PHE B 222 -15.50 -0.69 22.55
CA PHE B 222 -14.57 -1.47 23.34
C PHE B 222 -15.24 -2.40 24.35
N PHE B 223 -16.46 -2.75 24.01
CA PHE B 223 -17.29 -3.67 24.76
C PHE B 223 -16.54 -4.96 25.06
N GLU B 224 -15.92 -5.54 24.06
CA GLU B 224 -15.19 -6.78 24.25
C GLU B 224 -14.07 -6.68 25.32
N ASN B 225 -13.45 -5.51 25.44
CA ASN B 225 -12.43 -5.27 26.46
C ASN B 225 -13.02 -5.53 27.87
N ILE B 226 -14.20 -4.99 28.11
CA ILE B 226 -14.85 -5.12 29.38
C ILE B 226 -15.15 -6.56 29.74
N VAL B 227 -15.74 -7.26 28.81
CA VAL B 227 -16.12 -8.63 29.01
C VAL B 227 -14.89 -9.53 29.20
N ILE B 228 -13.86 -9.30 28.40
CA ILE B 228 -12.67 -10.08 28.53
C ILE B 228 -12.03 -9.91 29.91
N ALA B 229 -11.90 -8.67 30.34
CA ALA B 229 -11.32 -8.37 31.60
C ALA B 229 -12.13 -8.98 32.73
N ALA B 230 -13.43 -8.75 32.70
CA ALA B 230 -14.30 -9.29 33.72
C ALA B 230 -14.23 -10.80 33.78
N ARG B 231 -14.20 -11.45 32.64
CA ARG B 231 -14.11 -12.89 32.60
C ARG B 231 -12.81 -13.47 33.16
N GLU B 232 -11.73 -12.74 32.99
CA GLU B 232 -10.43 -13.15 33.45
C GLU B 232 -10.11 -12.67 34.90
N GLY B 233 -11.04 -11.99 35.53
CA GLY B 233 -10.84 -11.47 36.85
C GLY B 233 -9.84 -10.32 36.93
N ILE B 234 -9.75 -9.54 35.87
CA ILE B 234 -8.86 -8.40 35.80
C ILE B 234 -9.59 -7.09 36.08
N ASN B 235 -8.96 -6.23 36.86
CA ASN B 235 -9.51 -4.95 37.20
C ASN B 235 -9.90 -4.21 35.94
N ILE B 236 -11.13 -3.73 35.90
CA ILE B 236 -11.66 -3.03 34.76
C ILE B 236 -12.51 -1.84 35.20
N GLY B 237 -12.29 -0.69 34.60
CA GLY B 237 -13.06 0.49 34.91
C GLY B 237 -13.04 1.50 33.79
N THR B 238 -13.62 2.65 34.02
CA THR B 238 -13.60 3.70 33.02
C THR B 238 -12.77 4.86 33.48
N LEU B 239 -12.34 5.65 32.54
CA LEU B 239 -11.66 6.89 32.78
C LEU B 239 -12.48 7.94 32.07
N PRO B 240 -12.48 9.15 32.59
CA PRO B 240 -13.22 10.22 31.93
C PRO B 240 -12.77 10.42 30.51
N GLY B 241 -13.67 10.88 29.70
CA GLY B 241 -13.37 11.13 28.35
C GLY B 241 -13.63 9.96 27.45
N ASN B 242 -12.79 9.87 26.43
N ASN B 242 -12.85 9.90 26.36
CA ASN B 242 -12.99 8.94 25.37
CA ASN B 242 -13.01 8.90 25.33
C ASN B 242 -11.71 8.11 25.00
C ASN B 242 -11.72 8.09 25.00
N HIS B 243 -11.12 8.35 23.83
CA HIS B 243 -9.99 7.64 23.32
C HIS B 243 -8.66 8.28 23.77
N PHE B 244 -8.71 9.50 24.25
CA PHE B 244 -7.53 10.22 24.63
C PHE B 244 -7.66 10.93 25.98
N PRO B 245 -7.79 10.17 27.05
CA PRO B 245 -7.94 10.69 28.41
C PRO B 245 -6.79 11.57 28.82
N TYR B 246 -5.62 11.31 28.27
CA TYR B 246 -4.42 12.11 28.53
C TYR B 246 -4.50 13.53 28.01
N VAL B 247 -5.32 13.72 27.02
CA VAL B 247 -5.56 15.01 26.41
C VAL B 247 -6.81 15.63 27.00
N SER B 248 -7.89 14.88 27.02
CA SER B 248 -9.13 15.42 27.50
C SER B 248 -9.17 15.73 28.98
N HIS B 249 -8.59 14.85 29.78
CA HIS B 249 -8.63 14.92 31.22
C HIS B 249 -7.28 14.60 31.84
N PRO B 250 -6.30 15.46 31.60
CA PRO B 250 -4.96 15.24 32.07
C PRO B 250 -4.83 15.03 33.57
N GLU B 251 -5.58 15.78 34.36
CA GLU B 251 -5.49 15.63 35.79
C GLU B 251 -5.96 14.27 36.27
N GLU B 252 -7.11 13.84 35.79
CA GLU B 252 -7.68 12.57 36.16
C GLU B 252 -6.81 11.42 35.65
N PHE B 253 -6.34 11.60 34.43
CA PHE B 253 -5.44 10.64 33.82
C PHE B 253 -4.19 10.46 34.70
N ALA B 254 -3.53 11.55 35.03
CA ALA B 254 -2.34 11.50 35.86
C ALA B 254 -2.58 10.84 37.23
N LYS B 255 -3.70 11.18 37.84
CA LYS B 255 -4.04 10.64 39.12
C LYS B 255 -4.17 9.13 39.01
N TYR B 256 -4.81 8.66 37.95
CA TYR B 256 -4.98 7.23 37.73
C TYR B 256 -3.65 6.49 37.58
N VAL B 257 -2.76 7.04 36.78
CA VAL B 257 -1.49 6.41 36.56
C VAL B 257 -0.66 6.37 37.84
N VAL B 258 -0.68 7.46 38.57
CA VAL B 258 0.06 7.55 39.83
C VAL B 258 -0.44 6.54 40.85
N GLU B 259 -1.72 6.59 41.17
CA GLU B 259 -2.28 5.70 42.15
C GLU B 259 -2.14 4.24 41.75
N THR B 260 -2.37 3.95 40.48
CA THR B 260 -2.28 2.57 40.00
C THR B 260 -0.90 2.01 40.02
N SER B 261 0.07 2.79 39.62
CA SER B 261 1.43 2.34 39.63
C SER B 261 1.94 2.27 41.07
N ARG B 262 1.57 3.27 41.85
CA ARG B 262 2.01 3.33 43.22
C ARG B 262 1.63 2.12 44.05
N LYS B 263 0.46 1.56 43.79
CA LYS B 263 0.00 0.43 44.58
C LYS B 263 0.80 -0.84 44.43
N TYR B 264 1.53 -0.95 43.34
CA TYR B 264 2.37 -2.09 43.05
C TYR B 264 3.82 -1.90 43.50
N LEU B 265 4.19 -0.70 43.91
CA LEU B 265 5.55 -0.49 44.33
C LEU B 265 5.90 -1.24 45.60
N LYS B 266 7.15 -1.65 45.71
CA LYS B 266 7.58 -2.33 46.89
C LYS B 266 9.07 -2.15 47.14
N THR C 4 54.20 2.84 -5.20
CA THR C 4 54.94 2.47 -3.99
C THR C 4 54.00 1.74 -3.08
N ARG C 5 54.03 0.45 -3.20
CA ARG C 5 53.13 -0.35 -2.47
C ARG C 5 53.91 -1.40 -1.74
N THR C 6 53.56 -1.58 -0.50
CA THR C 6 54.16 -2.59 0.32
C THR C 6 53.53 -3.92 -0.06
N ARG C 7 54.36 -4.93 -0.21
CA ARG C 7 53.93 -6.27 -0.45
C ARG C 7 54.68 -7.07 0.58
N GLY C 8 53.97 -7.79 1.45
CA GLY C 8 54.63 -8.56 2.48
C GLY C 8 53.85 -9.69 3.11
N TYR C 9 54.40 -10.25 4.15
CA TYR C 9 53.81 -11.36 4.87
C TYR C 9 53.82 -11.13 6.38
N VAL C 10 52.85 -11.69 7.07
CA VAL C 10 52.77 -11.62 8.51
C VAL C 10 52.03 -12.84 9.02
N THR C 11 52.57 -13.46 10.05
CA THR C 11 51.92 -14.60 10.64
C THR C 11 51.23 -14.18 11.94
N THR C 12 49.92 -14.22 11.93
CA THR C 12 49.13 -13.83 13.05
C THR C 12 49.05 -14.95 14.09
N LYS C 13 48.57 -14.63 15.26
CA LYS C 13 48.48 -15.56 16.38
C LYS C 13 47.58 -16.76 16.17
N ASP C 14 46.76 -16.71 15.14
CA ASP C 14 45.89 -17.81 14.81
C ASP C 14 46.55 -18.76 13.84
N GLY C 15 47.80 -18.51 13.50
CA GLY C 15 48.58 -19.34 12.62
C GLY C 15 48.54 -19.10 11.13
N ILE C 16 47.77 -18.14 10.72
CA ILE C 16 47.67 -17.82 9.33
C ILE C 16 48.87 -17.03 8.85
N LYS C 17 49.52 -17.47 7.80
CA LYS C 17 50.61 -16.70 7.25
C LYS C 17 49.99 -15.89 6.12
N TRP C 18 49.67 -14.66 6.42
CA TRP C 18 49.06 -13.80 5.45
C TRP C 18 50.01 -13.12 4.48
N TYR C 19 49.52 -12.94 3.26
CA TYR C 19 50.16 -12.14 2.24
C TYR C 19 49.27 -10.92 2.18
N TYR C 20 49.85 -9.75 2.30
CA TYR C 20 49.11 -8.52 2.28
C TYR C 20 49.80 -7.42 1.48
N GLU C 21 49.03 -6.45 1.06
CA GLU C 21 49.53 -5.30 0.35
C GLU C 21 48.95 -4.04 0.95
N GLN C 22 49.67 -2.95 0.80
CA GLN C 22 49.26 -1.68 1.33
C GLN C 22 49.82 -0.53 0.53
N GLU C 23 49.01 0.46 0.24
CA GLU C 23 49.43 1.59 -0.55
C GLU C 23 48.76 2.86 -0.09
N GLY C 24 49.53 3.92 0.02
CA GLY C 24 48.99 5.21 0.38
C GLY C 24 49.04 5.58 1.84
N SER C 25 48.62 6.79 2.13
CA SER C 25 48.54 7.28 3.48
C SER C 25 47.27 8.09 3.59
N GLY C 26 46.69 8.12 4.76
CA GLY C 26 45.45 8.82 5.00
C GLY C 26 44.48 7.89 5.70
N PRO C 27 43.18 8.18 5.67
CA PRO C 27 42.23 7.29 6.33
C PRO C 27 42.27 5.92 5.73
N ASP C 28 42.04 4.89 6.52
CA ASP C 28 42.11 3.53 6.01
C ASP C 28 40.89 3.03 5.23
N VAL C 29 41.20 2.31 4.16
CA VAL C 29 40.25 1.61 3.34
C VAL C 29 40.75 0.17 3.22
N VAL C 30 39.90 -0.80 3.49
CA VAL C 30 40.25 -2.20 3.40
C VAL C 30 39.41 -2.90 2.33
N LEU C 31 40.08 -3.62 1.47
CA LEU C 31 39.47 -4.31 0.39
C LEU C 31 39.53 -5.80 0.62
N ILE C 32 38.41 -6.36 1.02
CA ILE C 32 38.32 -7.77 1.29
C ILE C 32 37.92 -8.49 0.04
N PRO C 33 38.72 -9.45 -0.38
CA PRO C 33 38.31 -10.13 -1.59
C PRO C 33 37.05 -10.90 -1.44
N ASP C 34 36.57 -11.35 -2.60
CA ASP C 34 35.46 -12.29 -2.74
C ASP C 34 35.98 -13.69 -2.28
N GLY C 35 35.16 -14.73 -2.38
CA GLY C 35 35.51 -16.08 -1.96
C GLY C 35 36.78 -16.68 -2.51
N LEU C 36 37.18 -16.26 -3.69
CA LEU C 36 38.39 -16.77 -4.32
C LEU C 36 39.64 -16.26 -3.61
N GLY C 37 39.47 -15.23 -2.80
CA GLY C 37 40.51 -14.67 -1.97
C GLY C 37 41.82 -14.25 -2.60
N GLU C 38 41.74 -13.74 -3.81
CA GLU C 38 42.87 -13.33 -4.60
C GLU C 38 42.95 -11.81 -4.71
N CYS C 39 43.83 -11.21 -3.93
CA CYS C 39 43.94 -9.76 -3.89
C CYS C 39 44.55 -9.06 -5.07
N GLN C 40 45.09 -9.83 -6.01
CA GLN C 40 45.64 -9.24 -7.23
C GLN C 40 44.53 -8.65 -8.08
N MET C 41 43.29 -9.03 -7.81
CA MET C 41 42.13 -8.50 -8.49
C MET C 41 41.92 -7.02 -8.17
N PHE C 42 42.50 -6.58 -7.08
CA PHE C 42 42.40 -5.21 -6.65
C PHE C 42 43.57 -4.32 -7.07
N ASP C 43 44.55 -4.90 -7.75
CA ASP C 43 45.74 -4.19 -8.16
C ASP C 43 45.46 -2.82 -8.75
N LYS C 44 44.65 -2.74 -9.79
CA LYS C 44 44.38 -1.46 -10.43
C LYS C 44 43.64 -0.46 -9.55
N PRO C 45 42.49 -0.85 -9.01
CA PRO C 45 41.76 0.11 -8.20
C PRO C 45 42.45 0.48 -6.89
N MET C 46 43.35 -0.35 -6.41
CA MET C 46 44.06 -0.03 -5.21
C MET C 46 44.86 1.30 -5.38
N SER C 47 45.59 1.40 -6.45
CA SER C 47 46.36 2.60 -6.73
C SER C 47 45.46 3.81 -6.93
N LEU C 48 44.35 3.63 -7.62
CA LEU C 48 43.44 4.71 -7.86
C LEU C 48 42.83 5.22 -6.58
N ILE C 49 42.46 4.32 -5.70
CA ILE C 49 41.88 4.73 -4.44
C ILE C 49 42.94 5.41 -3.59
N ALA C 50 44.12 4.81 -3.53
CA ALA C 50 45.24 5.33 -2.75
C ALA C 50 45.60 6.72 -3.18
N SER C 51 45.52 7.00 -4.47
CA SER C 51 45.87 8.33 -4.99
C SER C 51 44.90 9.42 -4.60
N ASN C 52 43.80 9.06 -4.00
CA ASN C 52 42.85 10.03 -3.57
C ASN C 52 43.00 10.35 -2.11
N GLY C 53 44.08 9.97 -1.51
CA GLY C 53 44.30 10.28 -0.11
C GLY C 53 43.87 9.28 0.94
N PHE C 54 44.00 8.00 0.63
CA PHE C 54 43.65 6.96 1.57
C PHE C 54 44.76 5.93 1.67
N ARG C 55 44.85 5.27 2.80
CA ARG C 55 45.78 4.19 2.97
C ARG C 55 44.93 2.98 2.65
N VAL C 56 45.29 2.25 1.62
CA VAL C 56 44.52 1.10 1.18
C VAL C 56 45.23 -0.19 1.50
N THR C 57 44.51 -1.12 2.10
CA THR C 57 45.06 -2.39 2.45
C THR C 57 44.24 -3.55 1.89
N THR C 58 44.94 -4.54 1.37
CA THR C 58 44.34 -5.73 0.85
C THR C 58 45.22 -6.92 1.18
N PHE C 59 44.67 -8.09 0.96
CA PHE C 59 45.30 -9.32 1.30
C PHE C 59 44.65 -10.52 0.67
N ASP C 60 45.40 -11.61 0.54
CA ASP C 60 44.87 -12.85 0.06
C ASP C 60 44.18 -13.49 1.25
N MET C 61 43.04 -14.10 1.06
CA MET C 61 42.33 -14.70 2.18
C MET C 61 42.96 -16.01 2.70
N PRO C 62 42.69 -16.36 3.96
CA PRO C 62 43.29 -17.57 4.55
C PRO C 62 43.07 -18.80 3.71
N GLY C 63 44.15 -19.50 3.46
CA GLY C 63 44.16 -20.70 2.66
C GLY C 63 44.23 -20.47 1.19
N MET C 64 44.03 -19.22 0.77
CA MET C 64 44.04 -18.86 -0.63
C MET C 64 45.25 -18.13 -1.15
N SER C 65 45.59 -18.47 -2.38
CA SER C 65 46.67 -17.88 -3.08
C SER C 65 47.94 -17.79 -2.20
N ARG C 66 48.49 -16.61 -2.06
CA ARG C 66 49.69 -16.40 -1.27
C ARG C 66 49.54 -16.53 0.25
N SER C 67 48.31 -16.61 0.71
CA SER C 67 48.01 -16.81 2.09
C SER C 67 47.66 -18.26 2.31
N SER C 68 48.15 -19.13 1.47
CA SER C 68 47.79 -20.54 1.60
C SER C 68 48.37 -21.28 2.77
N ASP C 69 49.40 -20.76 3.39
CA ASP C 69 50.00 -21.39 4.54
C ASP C 69 49.20 -20.99 5.77
N ALA C 70 48.09 -21.68 5.96
CA ALA C 70 47.17 -21.41 7.04
C ALA C 70 46.55 -22.68 7.53
N PRO C 71 46.12 -22.72 8.77
CA PRO C 71 45.50 -23.92 9.27
C PRO C 71 44.20 -24.19 8.57
N PRO C 72 43.91 -25.45 8.33
CA PRO C 72 42.71 -25.94 7.66
C PRO C 72 41.45 -25.33 8.22
N GLU C 73 41.32 -25.14 9.51
CA GLU C 73 40.08 -24.58 10.02
C GLU C 73 39.83 -23.14 9.57
N THR C 74 40.85 -22.46 9.10
CA THR C 74 40.67 -21.08 8.67
C THR C 74 40.09 -20.97 7.27
N TYR C 75 39.86 -22.11 6.65
CA TYR C 75 39.24 -22.13 5.37
C TYR C 75 38.22 -23.28 5.23
N GLN C 76 37.67 -23.71 6.34
CA GLN C 76 36.68 -24.74 6.39
C GLN C 76 35.53 -24.24 7.23
N ASP C 77 34.32 -24.64 6.89
CA ASP C 77 33.10 -24.21 7.55
C ASP C 77 33.06 -22.70 7.73
N ILE C 78 33.41 -21.98 6.68
CA ILE C 78 33.52 -20.54 6.69
C ILE C 78 32.21 -19.78 6.81
N THR C 79 32.23 -18.75 7.61
CA THR C 79 31.15 -17.85 7.79
C THR C 79 31.72 -16.43 7.79
N GLY C 80 30.86 -15.45 7.62
CA GLY C 80 31.27 -14.08 7.68
C GLY C 80 31.91 -13.77 9.01
N ARG C 81 31.32 -14.27 10.07
CA ARG C 81 31.85 -14.04 11.39
C ARG C 81 33.23 -14.65 11.58
N LYS C 82 33.43 -15.86 11.10
CA LYS C 82 34.75 -16.48 11.20
C LYS C 82 35.82 -15.60 10.54
N LEU C 83 35.56 -15.22 9.30
CA LEU C 83 36.47 -14.39 8.54
C LEU C 83 36.71 -13.05 9.22
N ALA C 84 35.66 -12.47 9.77
CA ALA C 84 35.77 -11.20 10.45
C ALA C 84 36.78 -11.30 11.62
N GLY C 85 36.70 -12.39 12.35
CA GLY C 85 37.62 -12.60 13.44
C GLY C 85 39.06 -12.58 12.96
N TYR C 86 39.33 -13.29 11.89
CA TYR C 86 40.66 -13.36 11.36
C TYR C 86 41.10 -11.97 10.92
N ILE C 87 40.22 -11.28 10.24
CA ILE C 87 40.55 -9.98 9.74
C ILE C 87 40.84 -8.98 10.85
N ILE C 88 40.08 -9.05 11.91
CA ILE C 88 40.29 -8.17 13.03
C ILE C 88 41.70 -8.42 13.63
N THR C 89 42.08 -9.68 13.71
CA THR C 89 43.40 -10.04 14.20
C THR C 89 44.45 -9.43 13.26
N LEU C 90 44.21 -9.49 11.98
CA LEU C 90 45.13 -8.96 11.02
C LEU C 90 45.27 -7.44 11.12
N LEU C 91 44.14 -6.78 11.25
CA LEU C 91 44.11 -5.33 11.36
C LEU C 91 44.92 -4.86 12.57
N ASP C 92 44.77 -5.58 13.67
CA ASP C 92 45.48 -5.30 14.90
C ASP C 92 46.98 -5.34 14.61
N THR C 93 47.47 -6.38 13.94
CA THR C 93 48.90 -6.44 13.65
C THR C 93 49.36 -5.41 12.65
N LEU C 94 48.48 -4.93 11.80
CA LEU C 94 48.83 -3.94 10.81
C LEU C 94 48.69 -2.51 11.29
N ASP C 95 48.28 -2.37 12.53
CA ASP C 95 48.07 -1.07 13.16
C ASP C 95 46.94 -0.25 12.52
N ILE C 96 45.88 -0.91 12.10
CA ILE C 96 44.75 -0.25 11.51
C ILE C 96 43.65 -0.23 12.56
N LYS C 97 43.28 0.95 13.00
CA LYS C 97 42.28 1.13 14.02
C LYS C 97 40.81 1.19 13.53
N ILE C 98 40.56 1.89 12.45
CA ILE C 98 39.22 2.02 11.91
C ILE C 98 39.35 2.16 10.39
N ALA C 99 38.42 1.60 9.67
CA ALA C 99 38.48 1.66 8.24
C ALA C 99 37.16 1.64 7.54
N SER C 100 37.19 2.08 6.31
CA SER C 100 36.08 1.98 5.39
C SER C 100 36.29 0.58 4.78
N VAL C 101 35.33 -0.32 4.88
CA VAL C 101 35.56 -1.68 4.42
C VAL C 101 34.66 -2.15 3.26
N TRP C 102 35.28 -2.64 2.20
CA TRP C 102 34.61 -3.16 1.03
C TRP C 102 34.69 -4.71 1.00
N GLY C 103 33.71 -5.35 0.41
CA GLY C 103 33.75 -6.77 0.25
C GLY C 103 32.62 -7.33 -0.59
N CYS C 104 32.94 -8.25 -1.46
CA CYS C 104 31.96 -8.92 -2.28
C CYS C 104 31.74 -10.35 -1.80
N ALA C 105 30.51 -10.83 -1.96
CA ALA C 105 30.14 -12.19 -1.67
C ALA C 105 30.50 -12.59 -0.23
N SER C 106 31.38 -13.57 -0.07
CA SER C 106 31.86 -13.93 1.27
C SER C 106 32.56 -12.70 1.94
N GLY C 107 33.20 -11.88 1.14
CA GLY C 107 33.78 -10.64 1.59
C GLY C 107 32.70 -9.70 2.13
N ALA C 108 31.55 -9.67 1.47
CA ALA C 108 30.39 -8.90 1.90
C ALA C 108 29.80 -9.44 3.20
N SER C 109 29.70 -10.75 3.31
CA SER C 109 29.27 -11.38 4.53
C SER C 109 30.21 -10.92 5.68
N THR C 110 31.48 -10.83 5.36
CA THR C 110 32.52 -10.45 6.31
C THR C 110 32.33 -9.00 6.72
N VAL C 111 32.05 -8.16 5.75
CA VAL C 111 31.79 -6.76 6.04
C VAL C 111 30.63 -6.61 7.01
N LEU C 112 29.55 -7.33 6.76
CA LEU C 112 28.40 -7.21 7.62
C LEU C 112 28.71 -7.71 9.05
N ALA C 113 29.45 -8.81 9.15
CA ALA C 113 29.87 -9.32 10.44
C ALA C 113 30.66 -8.26 11.21
N LEU C 114 31.54 -7.58 10.50
CA LEU C 114 32.35 -6.52 11.07
C LEU C 114 31.48 -5.38 11.55
N CYS C 115 30.53 -4.96 10.75
CA CYS C 115 29.62 -3.91 11.14
C CYS C 115 28.75 -4.29 12.33
N SER C 116 28.40 -5.56 12.42
CA SER C 116 27.55 -6.04 13.47
C SER C 116 28.25 -6.31 14.80
N ASP C 117 29.41 -6.92 14.73
CA ASP C 117 30.16 -7.37 15.88
C ASP C 117 31.38 -6.56 16.27
N TYR C 118 31.92 -5.81 15.33
CA TYR C 118 33.07 -4.99 15.55
C TYR C 118 32.86 -3.57 15.01
N PRO C 119 31.76 -2.93 15.37
CA PRO C 119 31.42 -1.59 14.87
C PRO C 119 32.43 -0.50 15.14
N GLU C 120 33.19 -0.68 16.20
CA GLU C 120 34.20 0.26 16.59
C GLU C 120 35.35 0.35 15.58
N ARG C 121 35.51 -0.67 14.78
CA ARG C 121 36.56 -0.74 13.77
C ARG C 121 36.12 -0.34 12.35
N VAL C 122 34.85 -0.06 12.20
CA VAL C 122 34.31 0.26 10.90
C VAL C 122 33.74 1.65 10.79
N ARG C 123 34.35 2.44 9.90
CA ARG C 123 33.91 3.75 9.56
C ARG C 123 32.50 3.65 8.93
N ASN C 124 32.62 2.82 7.88
CA ASN C 124 31.52 2.53 7.00
C ASN C 124 31.75 1.23 6.27
N GLY C 125 30.68 0.50 6.01
CA GLY C 125 30.77 -0.76 5.30
C GLY C 125 30.16 -0.73 3.91
N MET C 126 30.79 -1.42 2.98
CA MET C 126 30.37 -1.47 1.61
C MET C 126 30.27 -2.91 1.11
N PRO C 127 29.19 -3.59 1.46
CA PRO C 127 28.94 -4.95 1.05
C PRO C 127 28.40 -4.98 -0.39
N HIS C 128 28.83 -5.97 -1.15
CA HIS C 128 28.40 -6.17 -2.52
C HIS C 128 27.99 -7.62 -2.68
N GLU C 129 26.77 -7.85 -3.05
CA GLU C 129 26.28 -9.20 -3.29
C GLU C 129 26.53 -10.24 -2.19
N VAL C 130 25.83 -10.04 -1.12
CA VAL C 130 25.87 -10.92 0.02
C VAL C 130 25.12 -12.23 -0.30
N PRO C 131 25.81 -13.36 -0.21
CA PRO C 131 25.08 -14.59 -0.51
C PRO C 131 24.10 -14.96 0.58
N THR C 132 22.85 -15.13 0.21
CA THR C 132 21.83 -15.59 1.11
C THR C 132 21.18 -16.88 0.59
N GLU C 133 21.28 -17.12 -0.70
CA GLU C 133 20.77 -18.30 -1.35
C GLU C 133 21.61 -18.60 -2.59
N ASN C 134 22.26 -19.73 -2.64
CA ASN C 134 23.09 -20.03 -3.77
C ASN C 134 22.32 -20.33 -5.03
N PRO C 135 22.88 -20.00 -6.18
CA PRO C 135 22.25 -20.39 -7.43
C PRO C 135 22.51 -21.88 -7.64
N ASP C 136 21.75 -22.45 -8.55
CA ASP C 136 21.81 -23.87 -8.85
C ASP C 136 23.16 -24.39 -9.26
N ILE C 137 24.00 -23.59 -9.87
CA ILE C 137 25.33 -24.05 -10.27
C ILE C 137 26.20 -24.48 -9.11
N LEU C 138 25.89 -24.05 -7.91
CA LEU C 138 26.73 -24.38 -6.78
C LEU C 138 26.21 -25.44 -5.87
N LEU C 139 25.06 -25.98 -6.19
CA LEU C 139 24.41 -26.93 -5.32
C LEU C 139 25.19 -28.17 -4.97
N HIS C 140 26.00 -28.64 -5.89
CA HIS C 140 26.75 -29.84 -5.67
C HIS C 140 28.23 -29.67 -5.82
N ILE C 141 28.69 -28.43 -5.91
CA ILE C 141 30.09 -28.15 -6.16
C ILE C 141 31.03 -28.76 -5.14
N HIS C 142 30.61 -28.91 -3.91
CA HIS C 142 31.44 -29.49 -2.89
C HIS C 142 31.55 -31.00 -2.96
N GLU C 143 30.76 -31.61 -3.82
CA GLU C 143 30.66 -33.05 -3.92
C GLU C 143 31.54 -33.69 -4.94
N VAL C 144 32.17 -32.89 -5.77
CA VAL C 144 33.01 -33.44 -6.79
C VAL C 144 34.47 -33.26 -6.50
N ASP C 145 35.32 -33.85 -7.33
CA ASP C 145 36.75 -33.82 -7.18
C ASP C 145 37.35 -32.52 -7.63
N PRO C 146 38.54 -32.22 -7.12
CA PRO C 146 39.24 -30.97 -7.37
C PRO C 146 39.36 -30.59 -8.82
N ALA C 147 39.79 -31.49 -9.66
CA ALA C 147 39.92 -31.17 -11.06
C ALA C 147 38.60 -30.71 -11.65
N THR C 148 37.53 -31.40 -11.33
CA THR C 148 36.21 -31.03 -11.78
C THR C 148 35.82 -29.65 -11.23
N ILE C 149 36.07 -29.44 -9.95
CA ILE C 149 35.77 -28.18 -9.31
C ILE C 149 36.49 -27.07 -10.00
N SER C 150 37.77 -27.23 -10.29
CA SER C 150 38.51 -26.19 -10.94
C SER C 150 37.99 -25.86 -12.33
N GLN C 151 37.59 -26.89 -13.05
CA GLN C 151 37.06 -26.72 -14.37
C GLN C 151 35.72 -25.99 -14.27
N GLU C 152 34.80 -26.50 -13.48
CA GLU C 152 33.51 -25.87 -13.33
C GLU C 152 33.58 -24.43 -12.81
N MET C 153 34.30 -24.22 -11.73
CA MET C 153 34.42 -22.92 -11.11
C MET C 153 35.18 -21.89 -11.92
N ALA C 154 36.15 -22.30 -12.71
CA ALA C 154 36.85 -21.36 -13.56
C ALA C 154 35.88 -20.83 -14.59
N ALA C 155 34.98 -21.68 -15.06
CA ALA C 155 33.97 -21.26 -15.99
C ALA C 155 32.93 -20.36 -15.37
N ASN C 156 32.41 -20.76 -14.23
CA ASN C 156 31.42 -19.97 -13.56
C ASN C 156 31.94 -18.56 -13.29
N SER C 157 33.14 -18.49 -12.73
CA SER C 157 33.74 -17.23 -12.38
C SER C 157 33.89 -16.36 -13.60
N ARG C 158 34.37 -16.91 -14.69
CA ARG C 158 34.51 -16.17 -15.91
C ARG C 158 33.13 -15.67 -16.35
N ALA C 159 32.13 -16.52 -16.23
CA ALA C 159 30.77 -16.15 -16.58
C ALA C 159 30.20 -15.02 -15.72
N TYR C 160 30.60 -14.95 -14.48
CA TYR C 160 30.13 -13.90 -13.60
C TYR C 160 31.09 -12.74 -13.57
N SER C 161 32.09 -12.79 -14.42
CA SER C 161 33.12 -11.79 -14.40
C SER C 161 32.67 -10.37 -14.67
N GLY C 162 31.72 -10.21 -15.55
CA GLY C 162 31.26 -8.90 -15.96
C GLY C 162 32.07 -8.29 -17.09
N ASN C 163 33.15 -8.94 -17.47
CA ASN C 163 34.03 -8.50 -18.54
C ASN C 163 35.06 -9.60 -18.74
N VAL C 164 34.80 -10.52 -19.65
CA VAL C 164 35.70 -11.64 -19.86
C VAL C 164 37.10 -11.26 -20.30
N GLU C 165 37.21 -10.17 -21.01
CA GLU C 165 38.49 -9.67 -21.44
C GLU C 165 39.39 -9.29 -20.26
N ALA C 166 38.84 -8.49 -19.35
CA ALA C 166 39.56 -8.09 -18.15
C ALA C 166 39.84 -9.29 -17.29
N TRP C 167 38.92 -10.22 -17.22
CA TRP C 167 39.08 -11.41 -16.43
C TRP C 167 40.28 -12.17 -16.89
N ASP C 168 40.29 -12.47 -18.19
CA ASP C 168 41.39 -13.20 -18.80
C ASP C 168 42.70 -12.45 -18.63
N ALA C 169 42.62 -11.13 -18.70
CA ALA C 169 43.75 -10.23 -18.54
C ALA C 169 44.40 -10.21 -17.16
N LEU C 170 43.80 -10.89 -16.18
CA LEU C 170 44.42 -11.00 -14.89
C LEU C 170 45.77 -11.73 -15.02
N GLY C 171 45.89 -12.60 -16.01
CA GLY C 171 47.13 -13.29 -16.27
C GLY C 171 47.26 -14.72 -15.83
N PRO C 172 48.21 -15.45 -16.42
CA PRO C 172 48.35 -16.84 -16.06
C PRO C 172 48.78 -17.05 -14.62
N GLU C 173 49.56 -16.18 -14.04
CA GLU C 173 49.95 -16.40 -12.66
C GLU C 173 48.74 -16.33 -11.76
N VAL C 174 47.92 -15.35 -11.96
CA VAL C 174 46.71 -15.23 -11.17
C VAL C 174 45.83 -16.40 -11.41
N HIS C 175 45.61 -16.76 -12.66
CA HIS C 175 44.75 -17.90 -12.95
C HIS C 175 45.26 -19.22 -12.42
N ALA C 176 46.57 -19.36 -12.31
CA ALA C 176 47.14 -20.53 -11.76
C ALA C 176 46.86 -20.57 -10.28
N ARG C 177 46.91 -19.43 -9.64
CA ARG C 177 46.61 -19.36 -8.20
C ARG C 177 45.15 -19.72 -7.96
N LEU C 178 44.28 -19.16 -8.79
CA LEU C 178 42.86 -19.41 -8.72
C LEU C 178 42.52 -20.87 -8.92
N HIS C 179 43.26 -21.52 -9.82
CA HIS C 179 43.07 -22.93 -10.11
C HIS C 179 43.12 -23.73 -8.86
N ASP C 180 44.07 -23.42 -8.01
CA ASP C 180 44.22 -24.13 -6.77
C ASP C 180 43.24 -23.67 -5.70
N ASN C 181 42.79 -22.45 -5.79
CA ASN C 181 41.85 -21.95 -4.81
C ASN C 181 40.46 -22.59 -4.92
N TYR C 182 40.01 -22.79 -6.15
CA TYR C 182 38.67 -23.30 -6.41
C TYR C 182 38.21 -24.45 -5.51
N PRO C 183 38.93 -25.56 -5.47
CA PRO C 183 38.48 -26.64 -4.61
C PRO C 183 38.39 -26.25 -3.15
N ARG C 184 39.36 -25.53 -2.66
CA ARG C 184 39.38 -25.11 -1.28
C ARG C 184 38.16 -24.21 -0.97
N TRP C 185 37.86 -23.34 -1.89
CA TRP C 185 36.71 -22.47 -1.70
C TRP C 185 35.44 -23.31 -1.67
N ALA C 186 35.33 -24.26 -2.58
CA ALA C 186 34.17 -25.11 -2.69
C ALA C 186 33.88 -25.94 -1.46
N TYR C 187 34.91 -26.49 -0.84
CA TYR C 187 34.73 -27.30 0.34
C TYR C 187 34.42 -26.52 1.59
N GLY C 188 34.83 -25.26 1.62
CA GLY C 188 34.63 -24.49 2.82
C GLY C 188 33.71 -23.30 2.84
N TYR C 189 33.26 -22.85 1.69
CA TYR C 189 32.43 -21.67 1.60
C TYR C 189 30.92 -21.79 1.30
N PRO C 190 30.56 -22.37 0.16
CA PRO C 190 29.16 -22.36 -0.27
C PRO C 190 28.12 -22.98 0.62
N ARG C 191 28.46 -24.01 1.37
CA ARG C 191 27.49 -24.61 2.25
C ARG C 191 27.21 -23.78 3.50
N THR C 192 28.23 -23.10 4.01
CA THR C 192 28.12 -22.38 5.25
C THR C 192 27.99 -20.86 5.18
N ILE C 193 28.44 -20.27 4.10
CA ILE C 193 28.34 -18.83 3.98
C ILE C 193 26.89 -18.27 3.99
N PRO C 194 26.01 -18.82 3.15
CA PRO C 194 24.66 -18.28 3.04
C PRO C 194 23.81 -18.33 4.28
N PRO C 195 23.77 -19.47 4.94
CA PRO C 195 22.97 -19.55 6.16
C PRO C 195 23.44 -18.63 7.28
N SER C 196 24.68 -18.20 7.24
CA SER C 196 25.21 -17.35 8.27
C SER C 196 25.28 -15.86 7.94
N ALA C 197 24.71 -15.49 6.80
CA ALA C 197 24.66 -14.14 6.35
C ALA C 197 24.23 -13.21 7.49
N PRO C 198 25.05 -12.24 7.83
CA PRO C 198 24.62 -11.31 8.89
C PRO C 198 23.70 -10.20 8.36
N VAL C 199 22.50 -10.60 8.01
CA VAL C 199 21.52 -9.72 7.45
C VAL C 199 20.30 -9.52 8.34
N LYS C 200 20.42 -9.86 9.61
CA LYS C 200 19.34 -9.66 10.54
C LYS C 200 19.28 -8.18 10.92
N THR C 201 18.15 -7.76 11.41
CA THR C 201 17.95 -6.36 11.76
C THR C 201 19.04 -5.80 12.63
N GLU C 202 19.42 -6.51 13.68
CA GLU C 202 20.45 -6.04 14.58
C GLU C 202 21.89 -6.04 14.05
N ASP C 203 22.09 -6.58 12.87
CA ASP C 203 23.40 -6.63 12.26
C ASP C 203 23.65 -5.36 11.42
N LEU C 204 22.59 -4.63 11.13
CA LEU C 204 22.65 -3.59 10.13
C LEU C 204 22.62 -2.11 10.49
N HIS C 205 22.58 -1.79 11.77
CA HIS C 205 22.42 -0.43 12.15
C HIS C 205 23.42 0.14 13.15
N LYS C 206 24.61 -0.40 13.24
CA LYS C 206 25.56 0.12 14.17
C LYS C 206 26.51 1.12 13.51
N VAL C 207 26.69 0.97 12.21
CA VAL C 207 27.56 1.84 11.46
C VAL C 207 26.98 2.08 10.07
N PRO C 208 27.45 3.10 9.36
CA PRO C 208 26.88 3.33 8.04
C PRO C 208 27.20 2.20 7.10
N ILE C 209 26.24 1.86 6.27
CA ILE C 209 26.34 0.82 5.28
C ILE C 209 25.80 1.33 3.93
N ASP C 210 26.55 1.08 2.85
CA ASP C 210 26.16 1.43 1.50
C ASP C 210 26.29 0.11 0.75
N TRP C 211 25.16 -0.46 0.40
CA TRP C 211 25.06 -1.78 -0.18
C TRP C 211 24.91 -1.76 -1.70
N THR C 212 25.53 -2.71 -2.36
CA THR C 212 25.45 -2.78 -3.80
C THR C 212 25.26 -4.20 -4.36
N VAL C 213 24.72 -4.23 -5.56
CA VAL C 213 24.51 -5.41 -6.36
C VAL C 213 24.99 -5.05 -7.80
N GLY C 214 25.41 -6.02 -8.57
CA GLY C 214 25.86 -5.75 -9.92
C GLY C 214 24.72 -5.35 -10.85
N ALA C 215 24.95 -4.37 -11.67
CA ALA C 215 23.97 -3.90 -12.60
C ALA C 215 23.49 -4.99 -13.57
N SER C 216 24.43 -5.79 -14.05
CA SER C 216 24.13 -6.84 -14.99
C SER C 216 23.80 -8.18 -14.38
N THR C 217 23.89 -8.26 -13.08
CA THR C 217 23.60 -9.47 -12.40
C THR C 217 22.12 -9.79 -12.54
N PRO C 218 21.79 -11.02 -12.88
CA PRO C 218 20.40 -11.44 -12.99
C PRO C 218 19.69 -11.11 -11.70
N THR C 219 18.57 -10.44 -11.82
CA THR C 219 17.80 -9.99 -10.71
C THR C 219 17.61 -10.99 -9.56
N LYS C 220 17.23 -12.21 -9.84
CA LYS C 220 16.99 -13.19 -8.80
C LYS C 220 18.18 -13.50 -7.87
N LEU C 221 19.38 -13.48 -8.41
CA LEU C 221 20.55 -13.87 -7.67
C LEU C 221 20.73 -13.17 -6.36
N PHE C 222 20.64 -11.86 -6.38
CA PHE C 222 20.79 -11.08 -5.18
C PHE C 222 19.56 -10.22 -4.83
N PHE C 223 18.41 -10.67 -5.31
CA PHE C 223 17.15 -10.01 -5.08
C PHE C 223 16.90 -9.74 -3.60
N GLU C 224 17.17 -10.72 -2.77
CA GLU C 224 16.94 -10.57 -1.35
C GLU C 224 17.78 -9.49 -0.68
N ASN C 225 18.97 -9.24 -1.18
CA ASN C 225 19.79 -8.18 -0.66
C ASN C 225 19.03 -6.86 -0.80
N ILE C 226 18.41 -6.66 -1.95
CA ILE C 226 17.70 -5.45 -2.26
C ILE C 226 16.49 -5.18 -1.36
N VAL C 227 15.71 -6.21 -1.16
CA VAL C 227 14.56 -6.15 -0.33
C VAL C 227 14.95 -5.88 1.14
N ILE C 228 15.95 -6.59 1.60
CA ILE C 228 16.43 -6.43 2.95
C ILE C 228 16.87 -5.00 3.16
N ALA C 229 17.74 -4.52 2.31
CA ALA C 229 18.22 -3.16 2.42
C ALA C 229 17.09 -2.12 2.40
N ALA C 230 16.18 -2.23 1.46
CA ALA C 230 15.08 -1.32 1.34
C ALA C 230 14.20 -1.34 2.60
N ARG C 231 13.86 -2.53 3.07
CA ARG C 231 13.04 -2.63 4.26
C ARG C 231 13.71 -2.12 5.53
N GLU C 232 15.02 -2.21 5.57
CA GLU C 232 15.79 -1.77 6.69
C GLU C 232 16.27 -0.31 6.60
N GLY C 233 15.94 0.36 5.52
CA GLY C 233 16.35 1.73 5.34
C GLY C 233 17.84 1.89 5.08
N ILE C 234 18.47 0.89 4.49
CA ILE C 234 19.87 0.92 4.16
C ILE C 234 20.10 1.35 2.70
N ASN C 235 21.04 2.26 2.48
CA ASN C 235 21.40 2.73 1.16
C ASN C 235 21.67 1.53 0.27
N ILE C 236 21.02 1.48 -0.87
CA ILE C 236 21.16 0.35 -1.78
C ILE C 236 21.21 0.83 -3.23
N GLY C 237 22.08 0.25 -4.02
CA GLY C 237 22.26 0.62 -5.40
C GLY C 237 23.01 -0.41 -6.22
N THR C 238 23.36 -0.05 -7.43
CA THR C 238 24.10 -0.96 -8.27
C THR C 238 25.43 -0.37 -8.67
N LEU C 239 26.29 -1.24 -9.15
CA LEU C 239 27.55 -0.89 -9.71
C LEU C 239 27.61 -1.59 -11.04
N PRO C 240 28.33 -1.03 -12.00
CA PRO C 240 28.48 -1.67 -13.29
C PRO C 240 29.09 -3.04 -13.15
N GLY C 241 28.75 -3.93 -14.05
CA GLY C 241 29.26 -5.24 -14.04
C GLY C 241 28.39 -6.24 -13.31
N ASN C 242 29.05 -7.28 -12.82
CA ASN C 242 28.40 -8.36 -12.16
C ASN C 242 29.01 -8.59 -10.78
N HIS C 243 29.76 -9.67 -10.64
CA HIS C 243 30.33 -10.11 -9.37
C HIS C 243 31.72 -9.59 -9.03
N PHE C 244 32.42 -9.03 -10.00
CA PHE C 244 33.75 -8.56 -9.81
C PHE C 244 33.95 -7.17 -10.39
N PRO C 245 33.26 -6.16 -9.87
CA PRO C 245 33.36 -4.80 -10.37
C PRO C 245 34.76 -4.22 -10.33
N TYR C 246 35.56 -4.71 -9.41
CA TYR C 246 36.94 -4.31 -9.25
C TYR C 246 37.82 -4.80 -10.39
N VAL C 247 37.38 -5.85 -11.06
CA VAL C 247 38.08 -6.40 -12.21
C VAL C 247 37.47 -5.90 -13.52
N SER C 248 36.16 -5.94 -13.62
CA SER C 248 35.47 -5.53 -14.80
C SER C 248 35.45 -4.03 -15.05
N HIS C 249 35.36 -3.26 -13.98
CA HIS C 249 35.25 -1.82 -14.05
C HIS C 249 36.07 -1.12 -12.97
N PRO C 250 37.37 -1.27 -13.01
CA PRO C 250 38.27 -0.74 -12.00
C PRO C 250 38.09 0.73 -11.73
N GLU C 251 37.91 1.51 -12.77
CA GLU C 251 37.75 2.94 -12.57
C GLU C 251 36.48 3.34 -11.86
N GLU C 252 35.38 2.75 -12.26
CA GLU C 252 34.10 3.02 -11.67
C GLU C 252 34.07 2.52 -10.21
N PHE C 253 34.68 1.36 -10.01
CA PHE C 253 34.78 0.79 -8.69
C PHE C 253 35.54 1.72 -7.74
N ALA C 254 36.70 2.20 -8.16
CA ALA C 254 37.51 3.06 -7.33
C ALA C 254 36.80 4.33 -6.97
N LYS C 255 36.09 4.90 -7.93
CA LYS C 255 35.33 6.12 -7.70
C LYS C 255 34.25 5.90 -6.66
N TYR C 256 33.60 4.75 -6.70
CA TYR C 256 32.55 4.45 -5.73
C TYR C 256 33.14 4.37 -4.31
N VAL C 257 34.22 3.65 -4.17
CA VAL C 257 34.84 3.49 -2.88
C VAL C 257 35.27 4.82 -2.34
N VAL C 258 35.91 5.61 -3.17
CA VAL C 258 36.34 6.93 -2.76
C VAL C 258 35.19 7.84 -2.37
N GLU C 259 34.23 7.99 -3.25
CA GLU C 259 33.10 8.84 -2.97
C GLU C 259 32.30 8.42 -1.75
N THR C 260 32.08 7.14 -1.60
CA THR C 260 31.32 6.63 -0.49
C THR C 260 32.07 6.82 0.83
N SER C 261 33.33 6.42 0.87
CA SER C 261 34.15 6.53 2.08
C SER C 261 34.32 7.99 2.49
N ARG C 262 34.50 8.85 1.51
CA ARG C 262 34.66 10.25 1.74
C ARG C 262 33.49 10.87 2.51
N LYS C 263 32.27 10.39 2.29
CA LYS C 263 31.09 10.90 2.99
C LYS C 263 31.16 10.79 4.49
N TYR C 264 31.85 9.81 4.98
CA TYR C 264 31.89 9.55 6.39
C TYR C 264 33.13 10.05 7.15
N LEU C 265 34.01 10.73 6.47
CA LEU C 265 35.19 11.27 7.09
C LEU C 265 34.83 12.50 7.89
N LYS C 266 35.54 12.76 8.98
CA LYS C 266 35.27 13.97 9.71
C LYS C 266 36.30 15.02 9.35
N ALA D 3 -50.71 -9.81 11.12
CA ALA D 3 -52.12 -9.97 10.87
C ALA D 3 -52.88 -8.86 11.55
N THR D 4 -53.62 -9.16 12.60
CA THR D 4 -54.38 -8.11 13.22
C THR D 4 -53.93 -7.75 14.62
N ARG D 5 -53.99 -6.48 14.94
CA ARG D 5 -53.64 -6.01 16.24
C ARG D 5 -54.87 -5.87 17.11
N THR D 6 -54.86 -6.56 18.22
CA THR D 6 -55.90 -6.48 19.20
C THR D 6 -55.56 -5.36 20.17
N ARG D 7 -56.50 -4.50 20.44
CA ARG D 7 -56.32 -3.41 21.35
C ARG D 7 -57.41 -3.45 22.40
N GLY D 8 -57.04 -3.30 23.66
CA GLY D 8 -58.01 -3.33 24.72
C GLY D 8 -57.71 -2.70 26.04
N TYR D 9 -58.68 -2.79 26.92
CA TYR D 9 -58.61 -2.29 28.25
C TYR D 9 -59.14 -3.40 29.14
N VAL D 10 -58.57 -3.52 30.31
CA VAL D 10 -58.99 -4.50 31.30
C VAL D 10 -58.63 -4.02 32.69
N THR D 11 -59.55 -4.16 33.62
CA THR D 11 -59.32 -3.74 34.97
C THR D 11 -58.97 -4.92 35.85
N THR D 12 -57.82 -4.82 36.46
CA THR D 12 -57.31 -5.88 37.28
C THR D 12 -57.75 -5.73 38.72
N LYS D 13 -57.59 -6.79 39.50
CA LYS D 13 -58.00 -6.78 40.91
C LYS D 13 -57.31 -5.75 41.79
N ASP D 14 -56.19 -5.22 41.34
CA ASP D 14 -55.47 -4.18 42.07
C ASP D 14 -55.97 -2.76 41.72
N GLY D 15 -56.98 -2.69 40.90
CA GLY D 15 -57.57 -1.42 40.54
C GLY D 15 -57.00 -0.69 39.35
N ILE D 16 -56.06 -1.30 38.68
CA ILE D 16 -55.47 -0.68 37.53
C ILE D 16 -56.31 -0.95 36.30
N LYS D 17 -56.64 0.10 35.57
CA LYS D 17 -57.34 -0.08 34.33
C LYS D 17 -56.27 -0.01 33.24
N TRP D 18 -55.82 -1.17 32.82
CA TRP D 18 -54.78 -1.26 31.84
C TRP D 18 -55.22 -1.12 30.39
N TYR D 19 -54.33 -0.55 29.60
CA TYR D 19 -54.47 -0.47 28.18
C TYR D 19 -53.40 -1.46 27.64
N TYR D 20 -53.78 -2.36 26.78
CA TYR D 20 -52.85 -3.31 26.27
C TYR D 20 -53.11 -3.64 24.82
N GLU D 21 -52.13 -4.24 24.18
CA GLU D 21 -52.25 -4.64 22.79
C GLU D 21 -51.66 -6.03 22.65
N GLN D 22 -52.15 -6.74 21.67
CA GLN D 22 -51.71 -8.09 21.43
C GLN D 22 -51.79 -8.41 19.95
N GLU D 23 -50.86 -9.22 19.47
CA GLU D 23 -50.83 -9.63 18.08
C GLU D 23 -50.14 -10.97 17.92
N GLY D 24 -50.68 -11.78 17.02
CA GLY D 24 -50.13 -13.07 16.69
C GLY D 24 -50.57 -14.24 17.51
N SER D 25 -50.03 -15.39 17.16
CA SER D 25 -50.34 -16.62 17.85
C SER D 25 -49.08 -17.45 17.97
N GLY D 26 -49.01 -18.18 19.05
CA GLY D 26 -47.91 -19.04 19.39
C GLY D 26 -47.42 -18.78 20.79
N PRO D 27 -46.18 -19.16 21.09
CA PRO D 27 -45.62 -18.91 22.41
C PRO D 27 -45.60 -17.39 22.73
N ASP D 28 -45.76 -17.06 23.99
CA ASP D 28 -45.84 -15.69 24.39
C ASP D 28 -44.56 -14.90 24.55
N VAL D 29 -44.60 -13.68 24.06
CA VAL D 29 -43.55 -12.70 24.18
C VAL D 29 -44.21 -11.46 24.77
N VAL D 30 -43.64 -10.94 25.85
CA VAL D 30 -44.13 -9.75 26.56
C VAL D 30 -43.11 -8.62 26.49
N LEU D 31 -43.54 -7.48 25.99
CA LEU D 31 -42.70 -6.31 25.84
C LEU D 31 -43.05 -5.25 26.87
N ILE D 32 -42.23 -5.14 27.87
CA ILE D 32 -42.46 -4.20 28.91
C ILE D 32 -41.82 -2.88 28.57
N PRO D 33 -42.60 -1.82 28.63
CA PRO D 33 -41.93 -0.58 28.28
C PRO D 33 -40.90 -0.17 29.27
N ASP D 34 -40.18 0.85 28.83
CA ASP D 34 -39.27 1.60 29.66
C ASP D 34 -40.12 2.47 30.61
N GLY D 35 -39.45 3.29 31.39
CA GLY D 35 -40.09 4.12 32.37
C GLY D 35 -41.23 5.00 31.91
N LEU D 36 -41.14 5.45 30.67
CA LEU D 36 -42.16 6.31 30.07
C LEU D 36 -43.52 5.62 29.94
N GLY D 37 -43.52 4.30 29.98
CA GLY D 37 -44.71 3.50 29.96
C GLY D 37 -45.65 3.58 28.78
N GLU D 38 -45.09 3.89 27.61
CA GLU D 38 -45.81 4.11 26.37
C GLU D 38 -45.61 2.97 25.38
N CYS D 39 -46.60 2.10 25.26
CA CYS D 39 -46.48 0.91 24.42
C CYS D 39 -46.59 1.12 22.92
N GLN D 40 -46.92 2.32 22.47
CA GLN D 40 -46.97 2.61 21.03
C GLN D 40 -45.55 2.56 20.45
N MET D 41 -44.55 2.67 21.31
CA MET D 41 -43.16 2.54 20.90
C MET D 41 -42.84 1.14 20.35
N PHE D 42 -43.63 0.16 20.72
CA PHE D 42 -43.46 -1.21 20.24
C PHE D 42 -44.30 -1.58 19.01
N ASP D 43 -45.03 -0.63 18.48
CA ASP D 43 -45.92 -0.93 17.37
C ASP D 43 -45.24 -1.63 16.18
N LYS D 44 -44.17 -1.08 15.68
CA LYS D 44 -43.49 -1.69 14.56
C LYS D 44 -42.93 -3.07 14.85
N PRO D 45 -42.11 -3.20 15.89
CA PRO D 45 -41.51 -4.51 16.21
C PRO D 45 -42.49 -5.54 16.64
N MET D 46 -43.58 -5.12 17.21
CA MET D 46 -44.60 -6.02 17.62
C MET D 46 -45.11 -6.84 16.43
N SER D 47 -45.32 -6.17 15.31
CA SER D 47 -45.76 -6.86 14.13
C SER D 47 -44.67 -7.80 13.59
N LEU D 48 -43.44 -7.34 13.58
CA LEU D 48 -42.32 -8.14 13.10
C LEU D 48 -42.14 -9.40 13.94
N ILE D 49 -42.20 -9.23 15.24
CA ILE D 49 -42.04 -10.34 16.12
C ILE D 49 -43.18 -11.33 15.96
N ALA D 50 -44.41 -10.85 15.95
CA ALA D 50 -45.58 -11.70 15.82
C ALA D 50 -45.57 -12.53 14.54
N SER D 51 -45.04 -11.97 13.47
CA SER D 51 -44.96 -12.67 12.20
C SER D 51 -44.07 -13.91 12.21
N ASN D 52 -43.25 -14.06 13.24
CA ASN D 52 -42.38 -15.20 13.36
C ASN D 52 -42.96 -16.28 14.23
N GLY D 53 -44.22 -16.27 14.50
CA GLY D 53 -44.81 -17.34 15.26
C GLY D 53 -44.94 -17.19 16.74
N PHE D 54 -45.07 -15.95 17.19
CA PHE D 54 -45.25 -15.67 18.59
C PHE D 54 -46.50 -14.84 18.84
N ARG D 55 -47.07 -14.98 20.03
CA ARG D 55 -48.15 -14.11 20.45
C ARG D 55 -47.46 -13.03 21.26
N VAL D 56 -47.54 -11.82 20.80
CA VAL D 56 -46.89 -10.71 21.44
C VAL D 56 -47.87 -9.80 22.21
N THR D 57 -47.52 -9.47 23.43
CA THR D 57 -48.34 -8.63 24.26
C THR D 57 -47.53 -7.46 24.84
N THR D 58 -48.14 -6.30 24.83
CA THR D 58 -47.56 -5.11 25.37
C THR D 58 -48.66 -4.26 26.00
N PHE D 59 -48.25 -3.26 26.74
CA PHE D 59 -49.17 -2.45 27.50
C PHE D 59 -48.57 -1.16 27.99
N ASP D 60 -49.42 -0.16 28.23
CA ASP D 60 -48.97 1.07 28.84
C ASP D 60 -48.83 0.75 30.32
N MET D 61 -47.80 1.27 30.95
CA MET D 61 -47.55 1.02 32.35
C MET D 61 -48.47 1.79 33.28
N PRO D 62 -48.75 1.25 34.49
CA PRO D 62 -49.72 1.84 35.40
C PRO D 62 -49.47 3.30 35.67
N GLY D 63 -50.49 4.09 35.47
CA GLY D 63 -50.40 5.52 35.66
C GLY D 63 -49.96 6.31 34.45
N MET D 64 -49.45 5.59 33.46
CA MET D 64 -48.90 6.14 32.25
C MET D 64 -49.79 5.95 31.02
N SER D 65 -49.79 6.99 30.21
CA SER D 65 -50.50 7.01 28.97
C SER D 65 -51.95 6.50 29.12
N ARG D 66 -52.31 5.48 28.38
CA ARG D 66 -53.66 4.96 28.41
C ARG D 66 -54.02 4.12 29.63
N SER D 67 -53.03 3.79 30.43
CA SER D 67 -53.19 3.04 31.64
C SER D 67 -53.19 4.00 32.83
N SER D 68 -53.49 5.25 32.58
CA SER D 68 -53.42 6.26 33.61
C SER D 68 -54.43 6.17 34.77
N ASP D 69 -55.53 5.49 34.55
CA ASP D 69 -56.54 5.33 35.59
C ASP D 69 -56.13 4.17 36.46
N ALA D 70 -55.30 4.49 37.43
CA ALA D 70 -54.73 3.54 38.35
C ALA D 70 -54.50 4.20 39.67
N PRO D 71 -54.53 3.43 40.75
CA PRO D 71 -54.26 4.00 42.06
C PRO D 71 -52.85 4.56 42.09
N PRO D 72 -52.64 5.69 42.78
CA PRO D 72 -51.38 6.41 42.93
C PRO D 72 -50.22 5.55 43.39
N GLU D 73 -50.51 4.58 44.21
CA GLU D 73 -49.51 3.65 44.70
C GLU D 73 -48.82 2.86 43.59
N THR D 74 -49.50 2.66 42.47
CA THR D 74 -48.95 1.92 41.36
C THR D 74 -47.97 2.71 40.50
N TYR D 75 -47.80 3.98 40.80
CA TYR D 75 -46.87 4.81 40.09
C TYR D 75 -46.03 5.73 41.00
N GLN D 76 -45.93 5.36 42.26
CA GLN D 76 -45.17 6.07 43.28
C GLN D 76 -44.25 5.09 43.99
N ASP D 77 -43.05 5.52 44.36
CA ASP D 77 -42.08 4.68 45.04
C ASP D 77 -41.92 3.34 44.29
N ILE D 78 -41.72 3.43 43.00
CA ILE D 78 -41.62 2.30 42.13
C ILE D 78 -40.30 1.56 42.21
N THR D 79 -40.42 0.26 42.14
CA THR D 79 -39.35 -0.69 42.14
C THR D 79 -39.69 -1.77 41.11
N GLY D 80 -38.69 -2.49 40.66
CA GLY D 80 -38.88 -3.58 39.75
C GLY D 80 -39.84 -4.62 40.31
N ARG D 81 -39.72 -4.89 41.59
CA ARG D 81 -40.59 -5.86 42.24
C ARG D 81 -42.07 -5.44 42.26
N LYS D 82 -42.32 -4.18 42.52
CA LYS D 82 -43.68 -3.66 42.54
C LYS D 82 -44.30 -3.83 41.15
N LEU D 83 -43.59 -3.37 40.13
CA LEU D 83 -44.05 -3.50 38.75
C LEU D 83 -44.27 -4.97 38.40
N ALA D 84 -43.38 -5.82 38.82
CA ALA D 84 -43.50 -7.22 38.51
C ALA D 84 -44.81 -7.77 39.12
N GLY D 85 -45.15 -7.33 40.31
CA GLY D 85 -46.37 -7.77 40.96
C GLY D 85 -47.60 -7.42 40.14
N TYR D 86 -47.64 -6.19 39.66
CA TYR D 86 -48.74 -5.74 38.83
C TYR D 86 -48.80 -6.53 37.52
N ILE D 87 -47.66 -6.70 36.89
CA ILE D 87 -47.61 -7.41 35.66
C ILE D 87 -48.05 -8.87 35.79
N ILE D 88 -47.70 -9.51 36.87
CA ILE D 88 -48.13 -10.88 37.12
C ILE D 88 -49.66 -10.95 37.15
N THR D 89 -50.25 -10.02 37.86
CA THR D 89 -51.69 -9.96 37.94
C THR D 89 -52.33 -9.80 36.56
N LEU D 90 -51.74 -8.97 35.71
CA LEU D 90 -52.22 -8.74 34.37
C LEU D 90 -52.06 -9.99 33.54
N LEU D 91 -50.90 -10.62 33.63
CA LEU D 91 -50.67 -11.83 32.90
C LEU D 91 -51.69 -12.92 33.30
N ASP D 92 -52.04 -12.97 34.56
CA ASP D 92 -53.02 -13.93 35.03
C ASP D 92 -54.35 -13.62 34.36
N THR D 93 -54.72 -12.36 34.38
CA THR D 93 -55.93 -11.90 33.76
C THR D 93 -56.00 -12.19 32.28
N LEU D 94 -54.90 -12.05 31.59
CA LEU D 94 -54.83 -12.32 30.18
C LEU D 94 -54.53 -13.76 29.84
N ASP D 95 -54.45 -14.62 30.82
CA ASP D 95 -54.10 -16.01 30.61
C ASP D 95 -52.82 -16.23 29.82
N ILE D 96 -51.76 -15.59 30.25
CA ILE D 96 -50.47 -15.81 29.69
C ILE D 96 -49.74 -16.55 30.79
N LYS D 97 -49.46 -17.82 30.57
CA LYS D 97 -48.86 -18.62 31.60
C LYS D 97 -47.33 -18.48 31.74
N ILE D 98 -46.63 -18.42 30.63
CA ILE D 98 -45.19 -18.30 30.64
C ILE D 98 -44.78 -17.48 29.43
N ALA D 99 -43.77 -16.65 29.55
CA ALA D 99 -43.42 -15.84 28.43
C ALA D 99 -41.95 -15.50 28.34
N SER D 100 -41.55 -15.07 27.16
CA SER D 100 -40.25 -14.53 26.90
C SER D 100 -40.49 -13.03 27.19
N VAL D 101 -39.76 -12.45 28.13
CA VAL D 101 -40.03 -11.07 28.57
C VAL D 101 -38.89 -10.09 28.32
N TRP D 102 -39.20 -9.02 27.61
CA TRP D 102 -38.27 -7.93 27.30
C TRP D 102 -38.56 -6.68 28.17
N GLY D 103 -37.53 -5.93 28.48
CA GLY D 103 -37.71 -4.71 29.22
C GLY D 103 -36.48 -3.84 29.27
N CYS D 104 -36.66 -2.53 29.07
CA CYS D 104 -35.60 -1.58 29.17
C CYS D 104 -35.73 -0.71 30.43
N ALA D 105 -34.60 -0.37 31.05
CA ALA D 105 -34.53 0.51 32.20
C ALA D 105 -35.42 -0.02 33.32
N SER D 106 -36.44 0.73 33.72
CA SER D 106 -37.36 0.23 34.75
C SER D 106 -38.03 -1.06 34.29
N GLY D 107 -38.21 -1.19 32.98
CA GLY D 107 -38.74 -2.39 32.38
C GLY D 107 -37.79 -3.56 32.59
N ALA D 108 -36.50 -3.28 32.49
CA ALA D 108 -35.41 -4.24 32.73
C ALA D 108 -35.37 -4.64 34.20
N SER D 109 -35.56 -3.67 35.07
CA SER D 109 -35.60 -3.92 36.49
C SER D 109 -36.73 -4.91 36.75
N THR D 110 -37.81 -4.70 36.03
CA THR D 110 -38.99 -5.55 36.13
C THR D 110 -38.73 -6.97 35.63
N VAL D 111 -38.03 -7.09 34.51
CA VAL D 111 -37.67 -8.39 34.00
C VAL D 111 -36.91 -9.20 35.06
N LEU D 112 -35.90 -8.57 35.64
CA LEU D 112 -35.09 -9.20 36.65
C LEU D 112 -35.91 -9.61 37.87
N ALA D 113 -36.84 -8.78 38.29
CA ALA D 113 -37.74 -9.13 39.38
C ALA D 113 -38.53 -10.37 39.02
N LEU D 114 -39.04 -10.41 37.80
CA LEU D 114 -39.78 -11.57 37.35
C LEU D 114 -38.93 -12.83 37.36
N CYS D 115 -37.73 -12.70 36.83
CA CYS D 115 -36.81 -13.81 36.78
C CYS D 115 -36.43 -14.34 38.16
N SER D 116 -36.37 -13.45 39.12
CA SER D 116 -35.96 -13.78 40.47
C SER D 116 -37.09 -14.30 41.35
N ASP D 117 -38.23 -13.64 41.27
CA ASP D 117 -39.36 -13.93 42.11
C ASP D 117 -40.49 -14.75 41.51
N TYR D 118 -40.63 -14.72 40.19
CA TYR D 118 -41.66 -15.47 39.52
C TYR D 118 -41.07 -16.25 38.36
N PRO D 119 -40.01 -17.03 38.61
CA PRO D 119 -39.33 -17.79 37.56
C PRO D 119 -40.23 -18.72 36.75
N GLU D 120 -41.27 -19.25 37.38
CA GLU D 120 -42.24 -20.14 36.75
C GLU D 120 -43.01 -19.48 35.57
N ARG D 121 -43.02 -18.15 35.54
CA ARG D 121 -43.71 -17.40 34.53
C ARG D 121 -42.79 -16.91 33.41
N VAL D 122 -41.51 -17.08 33.58
CA VAL D 122 -40.54 -16.62 32.61
C VAL D 122 -39.76 -17.72 31.86
N ARG D 123 -39.95 -17.78 30.55
CA ARG D 123 -39.22 -18.74 29.73
C ARG D 123 -37.77 -18.25 29.63
N ASN D 124 -37.63 -16.94 29.35
CA ASN D 124 -36.35 -16.31 29.26
C ASN D 124 -36.53 -14.81 29.42
N GLY D 125 -35.58 -14.17 30.09
CA GLY D 125 -35.60 -12.74 30.29
C GLY D 125 -34.60 -11.97 29.44
N MET D 126 -35.03 -10.83 28.94
CA MET D 126 -34.20 -9.99 28.12
C MET D 126 -34.17 -8.54 28.64
N PRO D 127 -33.36 -8.31 29.66
CA PRO D 127 -33.16 -6.99 30.25
C PRO D 127 -32.22 -6.17 29.40
N HIS D 128 -32.52 -4.89 29.31
CA HIS D 128 -31.75 -3.92 28.58
C HIS D 128 -31.56 -2.69 29.46
N GLU D 129 -30.31 -2.38 29.73
CA GLU D 129 -29.93 -1.24 30.49
C GLU D 129 -30.65 -1.06 31.82
N VAL D 130 -30.31 -1.93 32.74
CA VAL D 130 -30.85 -1.91 34.07
C VAL D 130 -30.23 -0.74 34.87
N PRO D 131 -31.07 0.14 35.37
CA PRO D 131 -30.53 1.26 36.11
C PRO D 131 -30.01 0.82 37.47
N THR D 132 -28.75 1.09 37.72
CA THR D 132 -28.13 0.81 39.00
C THR D 132 -27.58 2.08 39.61
N GLU D 133 -27.36 3.08 38.78
CA GLU D 133 -26.84 4.38 39.20
C GLU D 133 -27.26 5.41 38.17
N ASN D 134 -28.04 6.39 38.57
CA ASN D 134 -28.54 7.39 37.66
C ASN D 134 -27.47 8.34 37.15
N PRO D 135 -27.62 8.80 35.92
CA PRO D 135 -26.66 9.80 35.47
C PRO D 135 -27.02 11.13 36.10
N ASP D 136 -26.10 12.07 36.06
CA ASP D 136 -26.24 13.37 36.68
C ASP D 136 -27.47 14.13 36.27
N ILE D 137 -27.90 14.04 35.03
CA ILE D 137 -29.10 14.73 34.57
C ILE D 137 -30.38 14.38 35.34
N LEU D 138 -30.40 13.30 36.10
CA LEU D 138 -31.59 12.94 36.86
C LEU D 138 -31.52 13.14 38.34
N LEU D 139 -30.41 13.67 38.84
CA LEU D 139 -30.25 13.80 40.26
C LEU D 139 -31.29 14.62 40.98
N HIS D 140 -31.78 15.66 40.35
CA HIS D 140 -32.79 16.49 40.97
C HIS D 140 -34.08 16.60 40.19
N ILE D 141 -34.29 15.70 39.25
CA ILE D 141 -35.47 15.73 38.42
C ILE D 141 -36.77 15.68 39.18
N HIS D 142 -36.77 15.07 40.33
CA HIS D 142 -37.99 14.97 41.09
C HIS D 142 -38.32 16.23 41.86
N GLU D 143 -37.42 17.19 41.84
CA GLU D 143 -37.52 18.41 42.61
C GLU D 143 -38.06 19.57 41.82
N VAL D 144 -38.31 19.37 40.56
CA VAL D 144 -38.79 20.49 39.81
C VAL D 144 -40.25 20.36 39.46
N ASP D 145 -40.81 21.44 38.96
CA ASP D 145 -42.21 21.53 38.63
C ASP D 145 -42.50 20.76 37.37
N PRO D 146 -43.73 20.26 37.24
CA PRO D 146 -44.13 19.44 36.11
C PRO D 146 -43.81 20.00 34.77
N ALA D 147 -44.02 21.29 34.57
CA ALA D 147 -43.74 21.90 33.28
C ALA D 147 -42.29 21.80 32.89
N THR D 148 -41.42 21.99 33.85
CA THR D 148 -40.01 21.94 33.62
C THR D 148 -39.58 20.49 33.36
N ILE D 149 -40.16 19.57 34.10
CA ILE D 149 -39.82 18.17 33.91
C ILE D 149 -40.13 17.76 32.51
N SER D 150 -41.33 18.10 32.07
CA SER D 150 -41.72 17.76 30.76
C SER D 150 -40.78 18.29 29.70
N GLN D 151 -40.36 19.53 29.82
CA GLN D 151 -39.44 20.11 28.87
C GLN D 151 -38.09 19.44 28.94
N GLU D 152 -37.56 19.28 30.14
CA GLU D 152 -36.29 18.66 30.32
C GLU D 152 -36.30 17.22 29.86
N MET D 153 -37.25 16.43 30.36
CA MET D 153 -37.32 15.02 30.02
C MET D 153 -37.58 14.77 28.56
N ALA D 154 -38.29 15.66 27.92
CA ALA D 154 -38.55 15.51 26.52
C ALA D 154 -37.23 15.61 25.78
N ALA D 155 -36.35 16.51 26.20
CA ALA D 155 -35.06 16.66 25.55
C ALA D 155 -34.15 15.49 25.88
N ASN D 156 -34.11 15.11 27.13
CA ASN D 156 -33.31 13.98 27.55
C ASN D 156 -33.70 12.76 26.74
N SER D 157 -34.98 12.48 26.64
CA SER D 157 -35.42 11.30 25.96
C SER D 157 -35.06 11.26 24.51
N ARG D 158 -35.27 12.36 23.83
CA ARG D 158 -34.91 12.41 22.45
C ARG D 158 -33.40 12.17 22.26
N ALA D 159 -32.61 12.68 23.17
CA ALA D 159 -31.15 12.59 23.14
C ALA D 159 -30.66 11.19 23.31
N TYR D 160 -31.37 10.43 24.11
CA TYR D 160 -31.09 9.04 24.36
C TYR D 160 -31.85 8.16 23.40
N SER D 161 -32.54 8.78 22.46
CA SER D 161 -33.39 8.05 21.56
C SER D 161 -32.69 7.10 20.65
N GLY D 162 -31.51 7.47 20.19
CA GLY D 162 -30.76 6.63 19.31
C GLY D 162 -31.08 6.80 17.83
N ASN D 163 -32.04 7.67 17.58
CA ASN D 163 -32.52 7.96 16.24
C ASN D 163 -33.58 9.03 16.39
N VAL D 164 -33.15 10.27 16.36
CA VAL D 164 -34.06 11.38 16.52
C VAL D 164 -35.21 11.39 15.53
N GLU D 165 -34.96 10.99 14.31
CA GLU D 165 -36.01 11.00 13.31
C GLU D 165 -37.10 10.00 13.65
N ALA D 166 -36.70 8.79 14.00
CA ALA D 166 -37.65 7.78 14.40
C ALA D 166 -38.40 8.21 15.65
N TRP D 167 -37.74 8.93 16.54
CA TRP D 167 -38.36 9.41 17.77
C TRP D 167 -39.45 10.39 17.47
N ASP D 168 -39.11 11.37 16.66
CA ASP D 168 -40.04 12.40 16.23
C ASP D 168 -41.20 11.75 15.54
N ALA D 169 -40.92 10.77 14.71
CA ALA D 169 -41.90 10.06 13.96
C ALA D 169 -42.88 9.20 14.75
N LEU D 170 -42.73 9.15 16.06
CA LEU D 170 -43.70 8.45 16.90
C LEU D 170 -45.06 9.19 16.82
N GLY D 171 -45.01 10.47 16.52
CA GLY D 171 -46.23 11.20 16.36
C GLY D 171 -46.73 12.05 17.49
N PRO D 172 -47.63 13.00 17.16
CA PRO D 172 -48.17 13.93 18.14
C PRO D 172 -49.01 13.29 19.25
N GLU D 173 -49.79 12.26 18.95
CA GLU D 173 -50.57 11.66 20.01
C GLU D 173 -49.62 11.07 21.05
N VAL D 174 -48.63 10.35 20.58
CA VAL D 174 -47.66 9.75 21.47
C VAL D 174 -46.95 10.82 22.28
N HIS D 175 -46.46 11.85 21.60
CA HIS D 175 -45.74 12.89 22.29
C HIS D 175 -46.58 13.65 23.29
N ALA D 176 -47.86 13.78 23.04
CA ALA D 176 -48.75 14.44 23.99
C ALA D 176 -48.94 13.54 25.22
N ARG D 177 -49.01 12.24 25.02
CA ARG D 177 -49.13 11.29 26.12
C ARG D 177 -47.87 11.33 27.00
N LEU D 178 -46.72 11.33 26.32
CA LEU D 178 -45.43 11.38 26.99
C LEU D 178 -45.30 12.62 27.84
N HIS D 179 -45.76 13.73 27.31
CA HIS D 179 -45.76 14.99 28.04
C HIS D 179 -46.34 14.85 29.41
N ASP D 180 -47.47 14.20 29.52
CA ASP D 180 -48.07 14.03 30.79
C ASP D 180 -47.38 12.97 31.63
N ASN D 181 -46.75 12.04 30.99
CA ASN D 181 -46.07 10.99 31.72
C ASN D 181 -44.81 11.44 32.41
N TYR D 182 -44.05 12.31 31.77
CA TYR D 182 -42.76 12.75 32.30
C TYR D 182 -42.74 13.09 33.79
N PRO D 183 -43.65 13.94 34.25
CA PRO D 183 -43.65 14.26 35.67
C PRO D 183 -43.98 13.09 36.54
N ARG D 184 -44.95 12.32 36.15
CA ARG D 184 -45.33 11.15 36.92
C ARG D 184 -44.14 10.22 37.06
N TRP D 185 -43.46 9.95 35.96
CA TRP D 185 -42.28 9.13 35.96
C TRP D 185 -41.26 9.69 36.93
N ALA D 186 -40.97 10.96 36.80
CA ALA D 186 -40.00 11.63 37.65
C ALA D 186 -40.24 11.53 39.14
N TYR D 187 -41.48 11.68 39.57
CA TYR D 187 -41.77 11.62 40.98
C TYR D 187 -41.77 10.21 41.53
N GLY D 188 -41.99 9.23 40.68
CA GLY D 188 -42.07 7.88 41.17
C GLY D 188 -41.04 6.83 40.85
N TYR D 189 -40.16 7.11 39.91
CA TYR D 189 -39.19 6.16 39.43
C TYR D 189 -37.69 6.33 39.76
N PRO D 190 -37.08 7.44 39.37
CA PRO D 190 -35.64 7.58 39.53
C PRO D 190 -35.04 7.47 40.93
N ARG D 191 -35.75 7.86 41.96
CA ARG D 191 -35.20 7.73 43.28
C ARG D 191 -35.20 6.30 43.80
N THR D 192 -36.22 5.54 43.44
CA THR D 192 -36.38 4.18 43.93
C THR D 192 -36.01 2.98 43.04
N ILE D 193 -35.94 3.21 41.75
CA ILE D 193 -35.61 2.14 40.83
C ILE D 193 -34.19 1.62 40.97
N PRO D 194 -33.18 2.51 40.93
CA PRO D 194 -31.80 2.04 41.02
C PRO D 194 -31.43 1.25 42.27
N PRO D 195 -31.80 1.73 43.46
CA PRO D 195 -31.43 0.98 44.66
C PRO D 195 -32.09 -0.38 44.76
N SER D 196 -33.18 -0.60 44.04
CA SER D 196 -33.87 -1.87 44.11
C SER D 196 -33.58 -2.83 42.95
N ALA D 197 -32.58 -2.49 42.16
CA ALA D 197 -32.19 -3.27 41.03
C ALA D 197 -32.00 -4.71 41.47
N PRO D 198 -32.73 -5.66 40.88
CA PRO D 198 -32.52 -7.05 41.28
C PRO D 198 -31.33 -7.67 40.55
N VAL D 199 -30.14 -7.19 40.88
CA VAL D 199 -28.92 -7.64 40.27
C VAL D 199 -28.01 -8.42 41.22
N LYS D 200 -28.59 -8.93 42.29
CA LYS D 200 -27.84 -9.75 43.22
C LYS D 200 -27.67 -11.12 42.59
N THR D 201 -26.68 -11.85 43.03
CA THR D 201 -26.40 -13.16 42.51
C THR D 201 -27.64 -14.05 42.49
N GLU D 202 -28.41 -14.05 43.57
CA GLU D 202 -29.60 -14.91 43.66
C GLU D 202 -30.80 -14.49 42.83
N ASP D 203 -30.70 -13.32 42.22
CA ASP D 203 -31.74 -12.84 41.35
C ASP D 203 -31.53 -13.33 39.91
N LEU D 204 -30.34 -13.79 39.58
CA LEU D 204 -29.99 -14.01 38.21
C LEU D 204 -29.84 -15.38 37.61
N HIS D 205 -30.16 -16.42 38.34
CA HIS D 205 -29.88 -17.74 37.83
C HIS D 205 -30.99 -18.78 37.89
N LYS D 206 -32.23 -18.33 37.96
CA LYS D 206 -33.34 -19.24 38.02
C LYS D 206 -33.90 -19.57 36.63
N VAL D 207 -33.68 -18.68 35.69
CA VAL D 207 -34.13 -18.81 34.31
C VAL D 207 -33.11 -18.20 33.34
N PRO D 208 -33.17 -18.54 32.07
CA PRO D 208 -32.19 -17.95 31.16
C PRO D 208 -32.39 -16.45 31.02
N ILE D 209 -31.29 -15.75 30.91
CA ILE D 209 -31.24 -14.33 30.77
C ILE D 209 -30.25 -13.98 29.64
N ASP D 210 -30.64 -13.04 28.79
CA ASP D 210 -29.83 -12.53 27.74
C ASP D 210 -29.93 -11.01 27.90
N TRP D 211 -28.86 -10.43 28.38
CA TRP D 211 -28.76 -9.03 28.76
C TRP D 211 -28.12 -8.15 27.67
N THR D 212 -28.60 -6.92 27.55
CA THR D 212 -28.07 -6.03 26.57
C THR D 212 -27.97 -4.61 27.04
N VAL D 213 -27.09 -3.88 26.38
CA VAL D 213 -26.85 -2.46 26.58
C VAL D 213 -26.81 -1.83 25.13
N GLY D 214 -27.13 -0.57 25.03
CA GLY D 214 -27.13 0.09 23.76
C GLY D 214 -25.73 0.27 23.20
N ALA D 215 -25.55 -0.07 21.96
CA ALA D 215 -24.30 0.07 21.27
C ALA D 215 -23.73 1.49 21.29
N SER D 216 -24.59 2.49 21.23
CA SER D 216 -24.16 3.88 21.22
C SER D 216 -24.26 4.56 22.55
N THR D 217 -24.71 3.84 23.54
CA THR D 217 -24.78 4.37 24.85
C THR D 217 -23.36 4.60 25.40
N PRO D 218 -23.11 5.75 26.01
CA PRO D 218 -21.81 6.01 26.61
C PRO D 218 -21.49 4.91 27.60
N THR D 219 -20.30 4.38 27.49
CA THR D 219 -19.87 3.27 28.29
C THR D 219 -20.16 3.34 29.79
N LYS D 220 -19.92 4.48 30.38
CA LYS D 220 -20.12 4.59 31.80
C LYS D 220 -21.54 4.33 32.30
N LEU D 221 -22.52 4.72 31.52
CA LEU D 221 -23.89 4.67 31.97
C LEU D 221 -24.37 3.32 32.48
N PHE D 222 -24.07 2.28 31.73
CA PHE D 222 -24.47 0.94 32.07
C PHE D 222 -23.30 -0.03 32.13
N PHE D 223 -22.13 0.53 32.43
CA PHE D 223 -20.89 -0.20 32.60
C PHE D 223 -21.10 -1.32 33.61
N GLU D 224 -21.73 -1.01 34.73
CA GLU D 224 -21.96 -2.02 35.75
C GLU D 224 -22.81 -3.21 35.28
N ASN D 225 -23.74 -2.97 34.37
CA ASN D 225 -24.52 -4.06 33.81
C ASN D 225 -23.58 -5.12 33.15
N ILE D 226 -22.62 -4.64 32.40
CA ILE D 226 -21.71 -5.49 31.67
C ILE D 226 -20.86 -6.35 32.59
N VAL D 227 -20.30 -5.70 33.59
CA VAL D 227 -19.47 -6.31 34.58
C VAL D 227 -20.26 -7.35 35.40
N ILE D 228 -21.45 -6.99 35.85
CA ILE D 228 -22.28 -7.91 36.59
C ILE D 228 -22.56 -9.16 35.78
N ALA D 229 -23.03 -8.94 34.56
CA ALA D 229 -23.33 -10.06 33.71
C ALA D 229 -22.11 -10.96 33.42
N ALA D 230 -21.00 -10.34 33.07
CA ALA D 230 -19.81 -11.07 32.76
C ALA D 230 -19.34 -11.94 33.94
N ARG D 231 -19.35 -11.36 35.12
CA ARG D 231 -18.92 -12.06 36.31
C ARG D 231 -19.89 -13.18 36.75
N GLU D 232 -21.14 -13.01 36.40
CA GLU D 232 -22.18 -13.94 36.74
C GLU D 232 -22.41 -14.98 35.64
N GLY D 233 -21.67 -14.85 34.57
CA GLY D 233 -21.77 -15.76 33.47
C GLY D 233 -23.06 -15.67 32.71
N ILE D 234 -23.63 -14.48 32.65
CA ILE D 234 -24.87 -14.21 31.94
C ILE D 234 -24.55 -13.67 30.56
N ASN D 235 -25.23 -14.16 29.54
CA ASN D 235 -25.06 -13.69 28.17
C ASN D 235 -25.23 -12.17 28.15
N ILE D 236 -24.32 -11.48 27.50
CA ILE D 236 -24.32 -10.03 27.47
C ILE D 236 -23.81 -9.53 26.12
N GLY D 237 -24.47 -8.52 25.58
CA GLY D 237 -24.12 -7.92 24.30
C GLY D 237 -24.73 -6.56 24.07
N THR D 238 -24.64 -6.04 22.87
CA THR D 238 -25.23 -4.76 22.59
C THR D 238 -26.28 -4.87 21.50
N LEU D 239 -27.13 -3.89 21.46
CA LEU D 239 -28.12 -3.74 20.43
C LEU D 239 -27.86 -2.39 19.80
N PRO D 240 -28.16 -2.24 18.51
CA PRO D 240 -27.95 -0.96 17.86
C PRO D 240 -28.76 0.10 18.57
N GLY D 241 -28.29 1.32 18.54
CA GLY D 241 -29.00 2.37 19.20
C GLY D 241 -28.56 2.64 20.61
N ASN D 242 -29.43 3.25 21.40
CA ASN D 242 -29.14 3.62 22.75
C ASN D 242 -30.19 3.01 23.74
N HIS D 243 -31.09 3.85 24.22
CA HIS D 243 -32.09 3.50 25.22
C HIS D 243 -33.42 2.96 24.69
N PHE D 244 -33.69 3.17 23.42
CA PHE D 244 -34.91 2.73 22.83
C PHE D 244 -34.69 1.99 21.52
N PRO D 245 -34.05 0.82 21.55
CA PRO D 245 -33.79 0.08 20.32
C PRO D 245 -35.05 -0.29 19.57
N TYR D 246 -36.15 -0.45 20.28
CA TYR D 246 -37.42 -0.78 19.68
C TYR D 246 -37.97 0.31 18.78
N VAL D 247 -37.55 1.53 19.03
CA VAL D 247 -37.92 2.66 18.27
C VAL D 247 -36.86 3.01 17.23
N SER D 248 -35.61 3.08 17.63
CA SER D 248 -34.55 3.46 16.74
C SER D 248 -34.24 2.45 15.67
N HIS D 249 -34.27 1.18 16.04
CA HIS D 249 -33.90 0.07 15.19
C HIS D 249 -34.85 -1.06 15.33
N PRO D 250 -36.08 -0.85 14.88
CA PRO D 250 -37.10 -1.88 15.07
C PRO D 250 -36.81 -3.20 14.40
N GLU D 251 -36.16 -3.21 13.24
CA GLU D 251 -35.88 -4.47 12.61
C GLU D 251 -34.87 -5.32 13.38
N GLU D 252 -33.81 -4.70 13.81
CA GLU D 252 -32.75 -5.34 14.57
C GLU D 252 -33.29 -5.79 15.93
N PHE D 253 -34.09 -4.96 16.54
CA PHE D 253 -34.72 -5.27 17.80
C PHE D 253 -35.55 -6.54 17.66
N ALA D 254 -36.42 -6.58 16.69
CA ALA D 254 -37.25 -7.74 16.46
C ALA D 254 -36.44 -8.97 16.17
N LYS D 255 -35.38 -8.83 15.40
CA LYS D 255 -34.54 -9.96 15.09
C LYS D 255 -33.97 -10.51 16.38
N TYR D 256 -33.49 -9.65 17.24
CA TYR D 256 -32.93 -10.07 18.50
C TYR D 256 -33.90 -10.82 19.37
N VAL D 257 -35.06 -10.25 19.57
CA VAL D 257 -36.09 -10.86 20.39
C VAL D 257 -36.50 -12.24 19.88
N VAL D 258 -36.68 -12.36 18.59
CA VAL D 258 -37.04 -13.63 17.96
C VAL D 258 -35.94 -14.68 18.11
N GLU D 259 -34.65 -14.46 17.61
CA GLU D 259 -33.48 -15.27 17.87
C GLU D 259 -33.46 -15.75 19.32
N THR D 260 -33.38 -14.80 20.15
CA THR D 260 -33.16 -15.12 21.55
C THR D 260 -34.24 -16.01 22.11
N SER D 261 -35.47 -15.65 21.87
CA SER D 261 -36.56 -16.40 22.38
C SER D 261 -36.62 -17.79 21.78
N ARG D 262 -36.21 -17.90 20.53
CA ARG D 262 -36.19 -19.14 19.80
C ARG D 262 -35.32 -20.15 20.45
N LYS D 263 -34.19 -19.73 21.01
CA LYS D 263 -33.28 -20.64 21.69
C LYS D 263 -33.86 -21.47 22.79
N TYR D 264 -34.89 -20.95 23.44
CA TYR D 264 -35.46 -21.59 24.60
C TYR D 264 -36.74 -22.37 24.41
N LEU D 265 -37.17 -22.53 23.18
CA LEU D 265 -38.37 -23.28 22.90
C LEU D 265 -38.06 -24.71 22.52
N LYS D 266 -38.93 -25.65 22.86
CA LYS D 266 -38.74 -27.02 22.47
C LYS D 266 -39.10 -27.18 21.01
N THR E 4 6.84 37.71 -14.00
CA THR E 4 6.51 37.81 -12.59
C THR E 4 7.33 36.87 -11.71
N ARG E 5 7.74 37.41 -10.60
CA ARG E 5 8.49 36.69 -9.63
C ARG E 5 7.52 35.87 -8.80
N THR E 6 7.81 34.60 -8.62
CA THR E 6 7.02 33.78 -7.75
C THR E 6 7.83 33.62 -6.46
N ARG E 7 7.15 33.59 -5.32
CA ARG E 7 7.79 33.44 -4.03
C ARG E 7 6.99 32.46 -3.20
N GLY E 8 7.65 31.48 -2.63
CA GLY E 8 6.96 30.50 -1.83
C GLY E 8 7.85 29.51 -1.11
N TYR E 9 7.23 28.46 -0.63
CA TYR E 9 7.91 27.43 0.14
C TYR E 9 7.71 26.07 -0.42
N VAL E 10 8.68 25.21 -0.19
CA VAL E 10 8.60 23.83 -0.57
C VAL E 10 9.38 23.02 0.43
N THR E 11 8.78 21.97 0.94
CA THR E 11 9.43 21.13 1.90
C THR E 11 9.96 19.91 1.19
N THR E 12 11.24 19.68 1.31
CA THR E 12 11.87 18.57 0.64
C THR E 12 11.93 17.36 1.54
N LYS E 13 12.31 16.23 0.98
CA LYS E 13 12.33 14.99 1.70
C LYS E 13 13.32 14.90 2.81
N ASP E 14 14.27 15.81 2.85
CA ASP E 14 15.28 15.86 3.87
C ASP E 14 14.84 16.68 5.07
N GLY E 15 13.65 17.25 5.00
CA GLY E 15 13.14 18.00 6.12
C GLY E 15 13.24 19.49 6.01
N ILE E 16 13.93 19.96 5.00
CA ILE E 16 14.09 21.37 4.82
C ILE E 16 12.86 22.05 4.25
N LYS E 17 12.36 23.03 4.94
CA LYS E 17 11.28 23.80 4.44
C LYS E 17 11.91 25.03 3.79
N TRP E 18 12.17 24.93 2.51
CA TRP E 18 12.85 25.97 1.77
C TRP E 18 12.00 27.17 1.35
N TYR E 19 12.59 28.34 1.36
CA TYR E 19 11.94 29.49 0.81
C TYR E 19 12.64 29.68 -0.52
N TYR E 20 11.88 29.78 -1.61
CA TYR E 20 12.49 29.97 -2.91
C TYR E 20 11.75 30.93 -3.81
N GLU E 21 12.47 31.45 -4.79
CA GLU E 21 11.92 32.37 -5.73
C GLU E 21 12.30 31.99 -7.18
N GLN E 22 11.43 32.27 -8.11
CA GLN E 22 11.71 32.02 -9.51
C GLN E 22 11.16 33.13 -10.36
N GLU E 23 11.79 33.36 -11.50
CA GLU E 23 11.32 34.34 -12.44
C GLU E 23 11.83 33.97 -13.82
N GLY E 24 11.00 34.21 -14.81
CA GLY E 24 11.32 33.97 -16.20
C GLY E 24 11.07 32.61 -16.81
N SER E 25 11.25 32.54 -18.12
CA SER E 25 11.16 31.28 -18.84
C SER E 25 12.34 31.16 -19.78
N GLY E 26 12.78 29.96 -19.95
CA GLY E 26 13.91 29.62 -20.77
C GLY E 26 14.79 28.67 -20.03
N PRO E 27 16.02 28.47 -20.50
CA PRO E 27 16.95 27.58 -19.80
C PRO E 27 17.21 28.05 -18.36
N ASP E 28 17.48 27.12 -17.48
CA ASP E 28 17.63 27.42 -16.09
C ASP E 28 18.97 28.00 -15.64
N VAL E 29 18.87 28.98 -14.75
CA VAL E 29 19.97 29.59 -14.08
C VAL E 29 19.66 29.49 -12.57
N VAL E 30 20.60 29.00 -11.79
CA VAL E 30 20.45 28.88 -10.36
C VAL E 30 21.44 29.76 -9.64
N LEU E 31 20.93 30.57 -8.74
CA LEU E 31 21.73 31.49 -7.99
C LEU E 31 21.82 31.06 -6.53
N ILE E 32 22.96 30.52 -6.19
CA ILE E 32 23.20 30.05 -4.86
C ILE E 32 23.78 31.14 -3.99
N PRO E 33 23.16 31.38 -2.85
CA PRO E 33 23.75 32.45 -2.07
C PRO E 33 25.05 32.09 -1.48
N ASP E 34 25.67 33.14 -0.96
CA ASP E 34 26.86 33.04 -0.14
C ASP E 34 26.45 32.44 1.22
N GLY E 35 27.41 32.32 2.12
CA GLY E 35 27.21 31.74 3.44
C GLY E 35 26.07 32.30 4.24
N LEU E 36 25.78 33.57 4.10
CA LEU E 36 24.68 34.18 4.82
C LEU E 36 23.28 33.67 4.41
N GLY E 37 23.23 33.03 3.25
CA GLY E 37 22.03 32.41 2.74
C GLY E 37 20.77 33.22 2.57
N GLU E 38 20.94 34.48 2.22
CA GLU E 38 19.88 35.44 2.05
C GLU E 38 19.67 35.78 0.57
N CYS E 39 18.64 35.20 -0.02
CA CYS E 39 18.36 35.37 -1.44
C CYS E 39 17.79 36.66 -1.89
N GLN E 40 17.42 37.52 -0.93
CA GLN E 40 16.94 38.86 -1.28
C GLN E 40 18.08 39.67 -1.91
N MET E 41 19.30 39.22 -1.67
CA MET E 41 20.48 39.82 -2.26
C MET E 41 20.48 39.73 -3.81
N PHE E 42 19.80 38.72 -4.32
CA PHE E 42 19.69 38.51 -5.76
C PHE E 42 18.51 39.20 -6.46
N ASP E 43 17.61 39.80 -5.71
CA ASP E 43 16.43 40.42 -6.25
C ASP E 43 16.65 41.24 -7.52
N LYS E 44 17.56 42.21 -7.47
CA LYS E 44 17.79 43.08 -8.61
C LYS E 44 18.35 42.35 -9.82
N PRO E 45 19.45 41.63 -9.67
CA PRO E 45 20.00 40.94 -10.85
C PRO E 45 19.12 39.83 -11.33
N MET E 46 18.33 39.28 -10.45
CA MET E 46 17.43 38.23 -10.84
C MET E 46 16.44 38.66 -11.92
N SER E 47 15.87 39.83 -11.75
CA SER E 47 14.98 40.39 -12.73
C SER E 47 15.72 40.61 -14.05
N LEU E 48 16.94 41.10 -13.94
CA LEU E 48 17.75 41.38 -15.11
C LEU E 48 18.04 40.11 -15.91
N ILE E 49 18.48 39.10 -15.21
CA ILE E 49 18.82 37.85 -15.83
C ILE E 49 17.59 37.21 -16.49
N ALA E 50 16.49 37.13 -15.75
CA ALA E 50 15.26 36.54 -16.22
C ALA E 50 14.75 37.27 -17.43
N SER E 51 14.98 38.56 -17.49
CA SER E 51 14.52 39.30 -18.63
C SER E 51 15.34 39.02 -19.91
N ASN E 52 16.44 38.32 -19.79
CA ASN E 52 17.26 37.95 -20.91
C ASN E 52 17.03 36.51 -21.33
N GLY E 53 15.85 36.01 -21.08
CA GLY E 53 15.50 34.70 -21.53
C GLY E 53 15.93 33.47 -20.79
N PHE E 54 16.03 33.55 -19.49
CA PHE E 54 16.41 32.46 -18.65
C PHE E 54 15.38 32.29 -17.52
N ARG E 55 15.18 31.08 -17.05
CA ARG E 55 14.35 30.90 -15.89
C ARG E 55 15.33 30.88 -14.73
N VAL E 56 15.21 31.85 -13.85
CA VAL E 56 16.09 31.95 -12.71
C VAL E 56 15.45 31.46 -11.42
N THR E 57 16.21 30.71 -10.66
CA THR E 57 15.78 30.21 -9.37
C THR E 57 16.81 30.54 -8.29
N THR E 58 16.31 31.00 -7.16
CA THR E 58 17.10 31.30 -6.01
C THR E 58 16.31 30.91 -4.75
N PHE E 59 17.01 30.92 -3.63
CA PHE E 59 16.48 30.48 -2.38
C PHE E 59 17.32 30.83 -1.18
N ASP E 60 16.69 30.91 -0.03
CA ASP E 60 17.40 31.11 1.21
C ASP E 60 18.01 29.74 1.53
N MET E 61 19.22 29.69 2.06
CA MET E 61 19.86 28.42 2.34
C MET E 61 19.35 27.80 3.63
N PRO E 62 19.50 26.49 3.78
CA PRO E 62 18.96 25.76 4.93
C PRO E 62 19.36 26.34 6.25
N GLY E 63 18.38 26.63 7.08
CA GLY E 63 18.64 27.20 8.36
C GLY E 63 18.71 28.71 8.39
N MET E 64 18.85 29.32 7.22
CA MET E 64 18.96 30.75 7.06
C MET E 64 17.72 31.45 6.58
N SER E 65 17.55 32.67 7.06
CA SER E 65 16.45 33.55 6.72
C SER E 65 15.11 32.84 6.67
N ARG E 66 14.40 32.91 5.55
CA ARG E 66 13.11 32.25 5.42
C ARG E 66 13.14 30.73 5.35
N SER E 67 14.33 30.17 5.13
CA SER E 67 14.52 28.75 5.07
C SER E 67 14.97 28.20 6.45
N SER E 68 14.73 28.95 7.49
CA SER E 68 15.15 28.58 8.84
C SER E 68 14.54 27.35 9.47
N ASP E 69 13.39 26.92 8.98
CA ASP E 69 12.79 25.72 9.54
C ASP E 69 13.38 24.52 8.86
N ALA E 70 14.51 24.09 9.35
CA ALA E 70 15.24 22.99 8.81
C ALA E 70 15.96 22.26 9.91
N PRO E 71 16.23 20.99 9.69
CA PRO E 71 16.92 20.21 10.70
C PRO E 71 18.31 20.75 10.90
N PRO E 72 18.80 20.72 12.16
CA PRO E 72 20.10 21.20 12.56
C PRO E 72 21.22 20.68 11.69
N GLU E 73 21.18 19.42 11.27
CA GLU E 73 22.23 18.84 10.44
C GLU E 73 22.48 19.60 9.15
N THR E 74 21.44 20.25 8.65
CA THR E 74 21.53 20.96 7.40
C THR E 74 22.22 22.30 7.48
N TYR E 75 22.61 22.73 8.67
CA TYR E 75 23.37 23.95 8.85
C TYR E 75 24.52 23.78 9.85
N GLN E 76 24.96 22.56 10.02
CA GLN E 76 26.06 22.24 10.90
C GLN E 76 27.06 21.39 10.15
N ASP E 77 28.34 21.59 10.42
CA ASP E 77 29.42 20.87 9.78
C ASP E 77 29.26 20.90 8.26
N ILE E 78 29.00 22.08 7.75
CA ILE E 78 28.77 22.27 6.34
C ILE E 78 30.00 22.21 5.44
N THR E 79 29.80 21.56 4.33
CA THR E 79 30.77 21.45 3.29
C THR E 79 30.06 21.69 1.96
N GLY E 80 30.81 21.92 0.90
CA GLY E 80 30.19 22.13 -0.38
C GLY E 80 29.38 20.93 -0.84
N ARG E 81 29.90 19.75 -0.55
CA ARG E 81 29.24 18.52 -0.93
C ARG E 81 27.89 18.34 -0.23
N LYS E 82 27.85 18.67 1.03
CA LYS E 82 26.63 18.58 1.80
C LYS E 82 25.60 19.50 1.20
N LEU E 83 25.98 20.75 0.97
CA LEU E 83 25.08 21.70 0.38
C LEU E 83 24.63 21.25 -0.99
N ALA E 84 25.54 20.72 -1.79
CA ALA E 84 25.22 20.24 -3.13
C ALA E 84 24.07 19.22 -3.07
N GLY E 85 24.16 18.28 -2.15
CA GLY E 85 23.15 17.28 -1.98
C GLY E 85 21.80 17.85 -1.72
N TYR E 86 21.72 18.84 -0.85
CA TYR E 86 20.45 19.45 -0.55
C TYR E 86 19.90 20.15 -1.76
N ILE E 87 20.77 20.84 -2.47
CA ILE E 87 20.36 21.56 -3.66
C ILE E 87 19.85 20.65 -4.77
N ILE E 88 20.47 19.51 -4.93
CA ILE E 88 20.02 18.56 -5.92
C ILE E 88 18.60 18.09 -5.57
N THR E 89 18.36 17.86 -4.30
CA THR E 89 17.04 17.43 -3.85
C THR E 89 16.03 18.51 -4.18
N LEU E 90 16.39 19.75 -3.97
CA LEU E 90 15.52 20.83 -4.30
C LEU E 90 15.28 20.91 -5.79
N LEU E 91 16.34 20.84 -6.58
CA LEU E 91 16.22 20.90 -8.01
C LEU E 91 15.27 19.81 -8.56
N ASP E 92 15.40 18.62 -8.02
CA ASP E 92 14.56 17.50 -8.38
C ASP E 92 13.09 17.85 -8.17
N THR E 93 12.78 18.38 -7.01
CA THR E 93 11.41 18.76 -6.68
C THR E 93 10.90 19.88 -7.56
N LEU E 94 11.79 20.75 -8.00
CA LEU E 94 11.39 21.85 -8.84
C LEU E 94 11.44 21.50 -10.32
N ASP E 95 11.80 20.27 -10.60
CA ASP E 95 11.92 19.75 -11.94
C ASP E 95 12.91 20.54 -12.81
N ILE E 96 14.07 20.85 -12.26
CA ILE E 96 15.11 21.55 -12.97
C ILE E 96 16.15 20.50 -13.27
N LYS E 97 16.25 20.13 -14.53
CA LYS E 97 17.15 19.09 -14.93
C LYS E 97 18.60 19.52 -15.11
N ILE E 98 18.81 20.68 -15.67
CA ILE E 98 20.15 21.18 -15.92
C ILE E 98 20.14 22.68 -15.80
N ALA E 99 21.18 23.22 -15.22
CA ALA E 99 21.24 24.64 -15.01
C ALA E 99 22.64 25.23 -15.04
N SER E 100 22.70 26.52 -15.32
CA SER E 100 23.90 27.30 -15.24
C SER E 100 23.91 27.71 -13.76
N VAL E 101 24.96 27.42 -13.03
CA VAL E 101 24.97 27.66 -11.60
C VAL E 101 26.01 28.64 -11.05
N TRP E 102 25.54 29.66 -10.37
CA TRP E 102 26.35 30.70 -9.74
C TRP E 102 26.43 30.50 -8.19
N GLY E 103 27.56 30.80 -7.62
CA GLY E 103 27.74 30.74 -6.20
C GLY E 103 28.99 31.43 -5.70
N CYS E 104 28.85 32.16 -4.60
CA CYS E 104 29.95 32.82 -3.95
C CYS E 104 30.28 32.13 -2.63
N ALA E 105 31.56 32.08 -2.31
CA ALA E 105 32.07 31.53 -1.04
C ALA E 105 31.61 30.10 -0.78
N SER E 106 30.80 29.86 0.25
CA SER E 106 30.26 28.53 0.48
C SER E 106 29.38 28.13 -0.72
N GLY E 107 28.78 29.12 -1.37
CA GLY E 107 28.01 28.88 -2.56
C GLY E 107 28.90 28.39 -3.70
N ALA E 108 30.09 28.93 -3.78
CA ALA E 108 31.08 28.53 -4.77
C ALA E 108 31.60 27.13 -4.48
N SER E 109 31.76 26.81 -3.23
CA SER E 109 32.18 25.48 -2.86
C SER E 109 31.12 24.49 -3.36
N THR E 110 29.88 24.87 -3.19
CA THR E 110 28.71 24.10 -3.61
C THR E 110 28.72 23.96 -5.12
N VAL E 111 28.97 25.04 -5.85
CA VAL E 111 29.06 24.99 -7.29
C VAL E 111 30.08 23.98 -7.72
N LEU E 112 31.23 24.00 -7.08
CA LEU E 112 32.28 23.08 -7.45
C LEU E 112 31.92 21.63 -7.15
N ALA E 113 31.25 21.43 -6.04
CA ALA E 113 30.80 20.11 -5.67
C ALA E 113 29.78 19.61 -6.71
N LEU E 114 28.93 20.50 -7.19
CA LEU E 114 27.95 20.16 -8.20
C LEU E 114 28.63 19.81 -9.52
N CYS E 115 29.65 20.56 -9.87
CA CYS E 115 30.41 20.34 -11.07
C CYS E 115 31.16 19.02 -11.01
N SER E 116 31.59 18.65 -9.84
CA SER E 116 32.37 17.46 -9.65
C SER E 116 31.55 16.21 -9.51
N ASP E 117 30.49 16.29 -8.74
CA ASP E 117 29.63 15.15 -8.39
C ASP E 117 28.30 15.01 -9.12
N TYR E 118 27.81 16.09 -9.70
CA TYR E 118 26.57 16.08 -10.42
C TYR E 118 26.70 16.80 -11.73
N PRO E 119 27.71 16.45 -12.53
CA PRO E 119 27.95 17.11 -13.81
C PRO E 119 26.79 17.08 -14.74
N GLU E 120 25.99 16.03 -14.71
CA GLU E 120 24.84 15.95 -15.57
C GLU E 120 23.79 17.03 -15.31
N ARG E 121 23.84 17.66 -14.15
CA ARG E 121 22.91 18.71 -13.80
C ARG E 121 23.46 20.12 -14.01
N VAL E 122 24.71 20.21 -14.43
CA VAL E 122 25.34 21.50 -14.59
C VAL E 122 25.76 21.85 -15.98
N ARG E 123 25.17 22.90 -16.53
CA ARG E 123 25.51 23.36 -17.85
C ARG E 123 26.90 24.00 -17.77
N ASN E 124 27.08 24.81 -16.77
CA ASN E 124 28.32 25.50 -16.51
C ASN E 124 28.30 26.04 -15.09
N GLY E 125 29.45 26.08 -14.47
CA GLY E 125 29.59 26.58 -13.11
C GLY E 125 30.31 27.90 -13.07
N MET E 126 29.80 28.82 -12.25
CA MET E 126 30.36 30.14 -12.04
C MET E 126 30.66 30.37 -10.55
N PRO E 127 31.74 29.80 -10.07
CA PRO E 127 32.19 29.97 -8.69
C PRO E 127 32.88 31.31 -8.51
N HIS E 128 32.63 31.96 -7.39
CA HIS E 128 33.23 33.23 -7.04
C HIS E 128 33.76 33.11 -5.62
N GLU E 129 35.04 33.36 -5.46
CA GLU E 129 35.69 33.38 -4.16
C GLU E 129 35.45 32.15 -3.29
N VAL E 130 36.05 31.07 -3.69
CA VAL E 130 35.97 29.81 -3.00
C VAL E 130 36.87 29.85 -1.75
N PRO E 131 36.30 29.59 -0.58
CA PRO E 131 37.16 29.63 0.60
C PRO E 131 38.08 28.44 0.68
N THR E 132 39.36 28.70 0.77
CA THR E 132 40.37 27.67 0.92
C THR E 132 41.22 27.92 2.17
N GLU E 133 41.24 29.16 2.63
CA GLU E 133 41.97 29.57 3.81
C GLU E 133 41.31 30.80 4.39
N ASN E 134 40.79 30.69 5.60
CA ASN E 134 40.11 31.80 6.20
C ASN E 134 41.02 32.95 6.59
N PRO E 135 40.53 34.18 6.53
CA PRO E 135 41.32 35.30 7.00
C PRO E 135 41.27 35.29 8.53
N ASP E 136 42.18 36.04 9.16
CA ASP E 136 42.26 36.09 10.62
C ASP E 136 40.99 36.51 11.31
N ILE E 137 40.15 37.31 10.67
CA ILE E 137 38.94 37.72 11.32
C ILE E 137 37.99 36.60 11.69
N LEU E 138 38.16 35.43 11.09
CA LEU E 138 37.25 34.31 11.34
C LEU E 138 37.81 33.20 12.17
N LEU E 139 39.02 33.37 12.61
CA LEU E 139 39.72 32.34 13.36
C LEU E 139 39.01 31.90 14.60
N HIS E 140 38.39 32.82 15.30
CA HIS E 140 37.68 32.48 16.52
C HIS E 140 36.24 32.83 16.52
N ILE E 141 35.66 33.10 15.37
CA ILE E 141 34.27 33.51 15.30
C ILE E 141 33.28 32.49 15.85
N HIS E 142 33.60 31.22 15.77
CA HIS E 142 32.71 30.21 16.26
C HIS E 142 32.78 30.03 17.75
N GLU E 143 33.71 30.71 18.38
CA GLU E 143 33.94 30.58 19.81
C GLU E 143 33.18 31.52 20.68
N VAL E 144 32.69 32.60 20.14
CA VAL E 144 32.00 33.55 20.96
C VAL E 144 30.49 33.44 20.93
N ASP E 145 29.82 34.27 21.71
CA ASP E 145 28.37 34.25 21.81
C ASP E 145 27.66 34.89 20.64
N PRO E 146 26.40 34.52 20.42
CA PRO E 146 25.58 35.00 19.32
C PRO E 146 25.58 36.48 19.15
N ALA E 147 25.40 37.21 20.23
CA ALA E 147 25.38 38.64 20.13
C ALA E 147 26.73 39.16 19.64
N THR E 148 27.79 38.52 20.04
CA THR E 148 29.11 38.97 19.62
C THR E 148 29.30 38.65 18.15
N ILE E 149 28.95 37.45 17.75
CA ILE E 149 29.05 37.02 16.37
C ILE E 149 28.28 37.96 15.44
N SER E 150 27.03 38.22 15.74
CA SER E 150 26.23 39.09 14.92
C SER E 150 26.82 40.47 14.77
N GLN E 151 27.38 41.01 15.85
CA GLN E 151 27.98 42.32 15.75
C GLN E 151 29.24 42.30 14.90
N GLU E 152 30.11 41.35 15.17
CA GLU E 152 31.33 41.23 14.43
C GLU E 152 31.07 40.91 12.94
N MET E 153 30.29 39.87 12.69
CA MET E 153 29.99 39.47 11.34
C MET E 153 29.24 40.53 10.54
N ALA E 154 28.39 41.31 11.17
CA ALA E 154 27.70 42.34 10.44
C ALA E 154 28.68 43.39 9.96
N ALA E 155 29.70 43.64 10.77
CA ALA E 155 30.70 44.61 10.41
C ALA E 155 31.59 44.05 9.32
N ASN E 156 31.99 42.82 9.47
CA ASN E 156 32.83 42.16 8.51
C ASN E 156 32.14 42.11 7.13
N SER E 157 30.89 41.69 7.10
CA SER E 157 30.16 41.60 5.86
C SER E 157 30.04 42.96 5.20
N ARG E 158 29.70 43.98 5.96
CA ARG E 158 29.59 45.30 5.41
C ARG E 158 30.92 45.74 4.80
N ALA E 159 32.01 45.43 5.47
CA ALA E 159 33.34 45.82 5.01
C ALA E 159 33.76 45.15 3.71
N TYR E 160 33.25 43.96 3.50
CA TYR E 160 33.53 43.17 2.33
C TYR E 160 32.39 43.23 1.30
N SER E 161 31.49 44.18 1.51
CA SER E 161 30.32 44.33 0.66
C SER E 161 30.58 44.81 -0.78
N GLY E 162 31.63 45.59 -0.96
CA GLY E 162 31.95 46.12 -2.25
C GLY E 162 31.27 47.43 -2.57
N ASN E 163 30.33 47.82 -1.70
CA ASN E 163 29.56 49.05 -1.82
C ASN E 163 28.66 49.14 -0.58
N VAL E 164 29.09 49.89 0.41
CA VAL E 164 28.33 49.98 1.66
C VAL E 164 26.95 50.60 1.51
N GLU E 165 26.81 51.51 0.59
CA GLU E 165 25.55 52.12 0.40
C GLU E 165 24.55 51.10 -0.08
N ALA E 166 24.98 50.26 -1.00
CA ALA E 166 24.12 49.23 -1.54
C ALA E 166 23.87 48.17 -0.49
N TRP E 167 24.84 47.89 0.34
CA TRP E 167 24.70 46.92 1.40
C TRP E 167 23.62 47.40 2.37
N ASP E 168 23.74 48.65 2.78
CA ASP E 168 22.78 49.28 3.69
C ASP E 168 21.41 49.30 3.06
N ALA E 169 21.36 49.57 1.76
CA ALA E 169 20.12 49.63 0.99
C ALA E 169 19.35 48.33 0.82
N LEU E 170 19.90 47.24 1.31
CA LEU E 170 19.18 45.98 1.31
C LEU E 170 17.96 46.13 2.25
N GLY E 171 18.08 47.01 3.22
CA GLY E 171 16.96 47.26 4.12
C GLY E 171 16.97 46.57 5.47
N PRO E 172 16.25 47.17 6.42
CA PRO E 172 16.18 46.67 7.78
C PRO E 172 15.69 45.25 7.91
N GLU E 173 14.70 44.85 7.14
CA GLU E 173 14.20 43.48 7.22
C GLU E 173 15.29 42.51 6.87
N VAL E 174 15.97 42.78 5.77
CA VAL E 174 17.06 41.94 5.34
C VAL E 174 18.13 41.86 6.43
N HIS E 175 18.51 43.00 6.98
CA HIS E 175 19.55 42.99 8.01
C HIS E 175 19.12 42.32 9.31
N ALA E 176 17.83 42.29 9.54
CA ALA E 176 17.31 41.63 10.70
C ALA E 176 17.45 40.15 10.49
N ARG E 177 17.16 39.67 9.30
CA ARG E 177 17.31 38.26 9.00
C ARG E 177 18.77 37.82 9.09
N LEU E 178 19.65 38.67 8.59
CA LEU E 178 21.07 38.40 8.61
C LEU E 178 21.56 38.29 10.04
N HIS E 179 21.05 39.17 10.88
CA HIS E 179 21.39 39.17 12.30
C HIS E 179 21.24 37.80 12.91
N ASP E 180 20.14 37.14 12.62
CA ASP E 180 19.87 35.84 13.14
C ASP E 180 20.71 34.76 12.46
N ASN E 181 21.09 35.01 11.23
CA ASN E 181 21.90 34.07 10.47
C ASN E 181 23.35 33.98 10.88
N TYR E 182 23.97 35.09 11.22
CA TYR E 182 25.40 35.11 11.53
C TYR E 182 25.87 34.03 12.50
N PRO E 183 25.21 33.91 13.63
CA PRO E 183 25.62 32.89 14.58
C PRO E 183 25.52 31.54 13.97
N ARG E 184 24.42 31.27 13.32
CA ARG E 184 24.24 29.99 12.68
C ARG E 184 25.33 29.68 11.66
N TRP E 185 25.66 30.68 10.86
CA TRP E 185 26.70 30.54 9.87
C TRP E 185 28.04 30.25 10.57
N ALA E 186 28.36 31.05 11.56
CA ALA E 186 29.62 30.89 12.28
C ALA E 186 29.86 29.52 12.84
N TYR E 187 28.87 28.96 13.51
CA TYR E 187 29.04 27.65 14.09
C TYR E 187 29.08 26.53 13.10
N GLY E 188 28.47 26.70 11.93
CA GLY E 188 28.40 25.65 10.95
C GLY E 188 29.22 25.68 9.67
N TYR E 189 29.76 26.83 9.34
CA TYR E 189 30.47 27.00 8.09
C TYR E 189 32.00 27.16 8.04
N PRO E 190 32.54 28.18 8.69
CA PRO E 190 33.97 28.50 8.55
C PRO E 190 34.99 27.43 8.92
N ARG E 191 34.66 26.55 9.83
CA ARG E 191 35.60 25.54 10.23
C ARG E 191 35.65 24.44 9.21
N THR E 192 34.52 24.14 8.59
CA THR E 192 34.44 23.02 7.68
C THR E 192 34.39 23.29 6.18
N ILE E 193 34.08 24.50 5.82
CA ILE E 193 34.00 24.83 4.43
C ILE E 193 35.35 24.79 3.70
N PRO E 194 36.37 25.46 4.23
CA PRO E 194 37.68 25.54 3.58
C PRO E 194 38.40 24.23 3.33
N PRO E 195 38.49 23.36 4.32
CA PRO E 195 39.19 22.09 4.07
C PRO E 195 38.48 21.19 3.09
N SER E 196 37.21 21.40 2.85
CA SER E 196 36.46 20.60 1.92
C SER E 196 36.28 21.20 0.54
N ALA E 197 37.04 22.24 0.24
CA ALA E 197 36.96 22.87 -1.05
C ALA E 197 37.19 21.85 -2.17
N PRO E 198 36.27 21.69 -3.11
CA PRO E 198 36.45 20.76 -4.23
C PRO E 198 37.27 21.37 -5.36
N VAL E 199 38.54 21.53 -5.08
CA VAL E 199 39.45 22.18 -5.99
C VAL E 199 40.57 21.27 -6.50
N LYS E 200 40.38 19.97 -6.38
CA LYS E 200 41.35 19.03 -6.91
C LYS E 200 41.12 18.90 -8.41
N THR E 201 42.09 18.38 -9.14
CA THR E 201 41.96 18.22 -10.57
C THR E 201 40.72 17.48 -11.02
N GLU E 202 40.37 16.40 -10.34
CA GLU E 202 39.18 15.64 -10.71
C GLU E 202 37.87 16.38 -10.54
N ASP E 203 37.88 17.43 -9.73
CA ASP E 203 36.68 18.19 -9.50
C ASP E 203 36.41 19.20 -10.59
N LEU E 204 37.46 19.62 -11.24
CA LEU E 204 37.39 20.75 -12.16
C LEU E 204 37.25 20.56 -13.64
N HIS E 205 37.22 19.32 -14.12
CA HIS E 205 37.18 19.14 -15.55
C HIS E 205 36.01 18.37 -16.19
N LYS E 206 34.89 18.24 -15.50
CA LYS E 206 33.74 17.56 -16.05
C LYS E 206 32.77 18.46 -16.83
N VAL E 207 32.69 19.73 -16.47
CA VAL E 207 31.83 20.68 -17.14
C VAL E 207 32.53 22.04 -17.20
N PRO E 208 32.09 22.94 -18.07
CA PRO E 208 32.73 24.26 -18.14
C PRO E 208 32.62 25.04 -16.85
N ILE E 209 33.69 25.69 -16.48
CA ILE E 209 33.77 26.50 -15.31
C ILE E 209 34.36 27.88 -15.64
N ASP E 210 33.75 28.93 -15.12
CA ASP E 210 34.26 30.28 -15.29
C ASP E 210 34.32 30.82 -13.86
N TRP E 211 35.53 30.95 -13.36
CA TRP E 211 35.83 31.33 -11.99
C TRP E 211 36.14 32.80 -11.88
N THR E 212 35.68 33.40 -10.80
CA THR E 212 35.91 34.81 -10.55
C THR E 212 36.30 35.15 -9.12
N VAL E 213 36.96 36.28 -8.97
CA VAL E 213 37.35 36.88 -7.71
C VAL E 213 36.98 38.38 -7.83
N GLY E 214 36.69 39.02 -6.72
CA GLY E 214 36.33 40.40 -6.79
C GLY E 214 37.52 41.26 -7.17
N ALA E 215 37.28 42.22 -8.03
CA ALA E 215 38.31 43.11 -8.49
C ALA E 215 38.97 43.89 -7.35
N SER E 216 38.16 44.28 -6.36
CA SER E 216 38.57 45.06 -5.20
C SER E 216 38.96 44.23 -3.98
N THR E 217 38.72 42.96 -4.04
CA THR E 217 39.09 42.10 -2.97
C THR E 217 40.61 42.13 -2.75
N PRO E 218 41.05 42.26 -1.50
CA PRO E 218 42.47 42.24 -1.24
C PRO E 218 43.07 40.98 -1.80
N THR E 219 44.17 41.12 -2.51
CA THR E 219 44.79 40.00 -3.19
C THR E 219 44.94 38.70 -2.39
N LYS E 220 45.39 38.80 -1.17
CA LYS E 220 45.62 37.64 -0.36
C LYS E 220 44.42 36.76 -0.07
N LEU E 221 43.27 37.38 0.11
CA LEU E 221 42.07 36.66 0.49
C LEU E 221 41.76 35.45 -0.40
N PHE E 222 41.75 35.66 -1.69
CA PHE E 222 41.42 34.61 -2.62
C PHE E 222 42.50 34.31 -3.66
N PHE E 223 43.71 34.67 -3.28
CA PHE E 223 44.92 34.46 -4.04
C PHE E 223 45.00 33.04 -4.57
N GLU E 224 44.77 32.07 -3.69
CA GLU E 224 44.85 30.66 -4.07
C GLU E 224 43.85 30.21 -5.15
N ASN E 225 42.72 30.88 -5.25
CA ASN E 225 41.74 30.60 -6.27
C ASN E 225 42.41 30.84 -7.63
N ILE E 226 43.10 31.95 -7.75
CA ILE E 226 43.73 32.32 -8.99
C ILE E 226 44.83 31.38 -9.39
N VAL E 227 45.60 30.95 -8.42
CA VAL E 227 46.70 30.03 -8.62
C VAL E 227 46.17 28.67 -9.12
N ILE E 228 45.18 28.15 -8.43
CA ILE E 228 44.58 26.88 -8.77
C ILE E 228 43.98 26.94 -10.17
N ALA E 229 43.22 27.97 -10.45
CA ALA E 229 42.60 28.09 -11.73
C ALA E 229 43.62 28.17 -12.85
N ALA E 230 44.64 28.98 -12.64
CA ALA E 230 45.66 29.12 -13.64
C ALA E 230 46.39 27.80 -13.84
N ARG E 231 46.71 27.11 -12.78
CA ARG E 231 47.40 25.83 -12.90
C ARG E 231 46.58 24.76 -13.62
N GLU E 232 45.28 24.80 -13.43
CA GLU E 232 44.36 23.85 -13.99
C GLU E 232 43.79 24.23 -15.34
N GLY E 233 44.16 25.39 -15.86
CA GLY E 233 43.64 25.81 -17.12
C GLY E 233 42.16 26.16 -17.14
N ILE E 234 41.65 26.67 -16.02
CA ILE E 234 40.29 27.11 -15.90
C ILE E 234 40.19 28.62 -16.08
N ASN E 235 39.20 29.07 -16.83
CA ASN E 235 38.95 30.46 -17.07
C ASN E 235 38.87 31.16 -15.72
N ILE E 236 39.67 32.21 -15.55
CA ILE E 236 39.70 32.94 -14.31
C ILE E 236 39.75 34.44 -14.56
N GLY E 237 38.98 35.20 -13.81
CA GLY E 237 38.96 36.63 -13.97
C GLY E 237 38.34 37.33 -12.79
N THR E 238 38.10 38.62 -12.93
CA THR E 238 37.50 39.36 -11.85
C THR E 238 36.16 39.92 -12.24
N LEU E 239 35.40 40.24 -11.22
CA LEU E 239 34.16 40.94 -11.36
C LEU E 239 34.31 42.19 -10.50
N PRO E 240 33.61 43.26 -10.84
CA PRO E 240 33.71 44.46 -10.02
C PRO E 240 33.21 44.19 -8.63
N GLY E 241 33.75 44.92 -7.67
CA GLY E 241 33.39 44.79 -6.30
C GLY E 241 34.25 43.83 -5.52
N ASN E 242 33.66 43.27 -4.48
CA ASN E 242 34.33 42.40 -3.59
C ASN E 242 33.65 41.01 -3.43
N HIS E 243 33.02 40.78 -2.29
CA HIS E 243 32.43 39.48 -1.98
C HIS E 243 30.96 39.31 -2.38
N PHE E 244 30.31 40.40 -2.73
CA PHE E 244 28.91 40.40 -3.07
C PHE E 244 28.62 41.21 -4.34
N PRO E 245 29.17 40.79 -5.48
CA PRO E 245 28.98 41.50 -6.74
C PRO E 245 27.54 41.68 -7.11
N TYR E 246 26.70 40.74 -6.70
CA TYR E 246 25.29 40.79 -6.96
C TYR E 246 24.57 41.92 -6.22
N VAL E 247 25.17 42.37 -5.14
CA VAL E 247 24.62 43.46 -4.37
C VAL E 247 25.29 44.78 -4.77
N SER E 248 26.59 44.76 -4.91
CA SER E 248 27.31 45.96 -5.21
C SER E 248 27.22 46.39 -6.64
N HIS E 249 27.22 45.42 -7.54
CA HIS E 249 27.19 45.70 -8.97
C HIS E 249 26.17 44.83 -9.73
N PRO E 250 24.90 45.00 -9.43
CA PRO E 250 23.86 44.17 -10.01
C PRO E 250 23.85 44.16 -11.53
N GLU E 251 24.04 45.30 -12.15
CA GLU E 251 24.02 45.36 -13.60
C GLU E 251 25.13 44.52 -14.21
N GLU E 252 26.35 44.75 -13.76
CA GLU E 252 27.49 44.02 -14.26
C GLU E 252 27.41 42.54 -13.93
N PHE E 253 26.89 42.23 -12.76
CA PHE E 253 26.72 40.88 -12.31
C PHE E 253 25.77 40.13 -13.26
N ALA E 254 24.62 40.71 -13.50
CA ALA E 254 23.63 40.14 -14.38
C ALA E 254 24.20 39.92 -15.78
N LYS E 255 24.88 40.92 -16.29
CA LYS E 255 25.51 40.82 -17.58
C LYS E 255 26.45 39.62 -17.66
N TYR E 256 27.28 39.45 -16.65
CA TYR E 256 28.21 38.34 -16.59
C TYR E 256 27.51 37.00 -16.61
N VAL E 257 26.49 36.86 -15.80
CA VAL E 257 25.76 35.60 -15.72
C VAL E 257 25.05 35.28 -17.05
N VAL E 258 24.44 36.27 -17.64
CA VAL E 258 23.75 36.10 -18.91
C VAL E 258 24.73 35.71 -20.02
N GLU E 259 25.75 36.50 -20.23
CA GLU E 259 26.74 36.21 -21.26
C GLU E 259 27.45 34.90 -21.09
N THR E 260 27.81 34.58 -19.87
CA THR E 260 28.54 33.37 -19.58
C THR E 260 27.68 32.14 -19.75
N SER E 261 26.45 32.22 -19.32
CA SER E 261 25.55 31.11 -19.44
C SER E 261 25.15 30.92 -20.90
N ARG E 262 24.85 32.01 -21.58
CA ARG E 262 24.44 31.99 -22.96
C ARG E 262 25.47 31.31 -23.83
N LYS E 263 26.75 31.49 -23.58
CA LYS E 263 27.75 30.88 -24.44
C LYS E 263 27.77 29.39 -24.47
N TYR E 264 27.20 28.77 -23.46
CA TYR E 264 27.17 27.32 -23.39
C TYR E 264 25.85 26.68 -23.84
N LEU E 265 24.87 27.47 -24.21
CA LEU E 265 23.61 26.92 -24.61
C LEU E 265 23.73 26.21 -25.97
N LYS E 266 22.95 25.17 -26.15
CA LYS E 266 22.95 24.45 -27.40
C LYS E 266 21.55 23.96 -27.68
N THR F 4 -5.52 -33.10 -0.36
CA THR F 4 -5.67 -34.27 0.45
C THR F 4 -6.90 -34.12 1.32
N ARG F 5 -7.66 -35.18 1.43
CA ARG F 5 -8.84 -35.19 2.25
C ARG F 5 -8.46 -35.40 3.69
N THR F 6 -8.96 -34.57 4.58
CA THR F 6 -8.70 -34.72 5.98
C THR F 6 -9.99 -35.22 6.64
N ARG F 7 -9.84 -36.05 7.64
CA ARG F 7 -10.97 -36.68 8.30
C ARG F 7 -10.69 -36.79 9.79
N GLY F 8 -11.72 -36.60 10.59
CA GLY F 8 -11.59 -36.66 12.01
C GLY F 8 -12.83 -36.18 12.74
N TYR F 9 -12.64 -35.82 14.01
CA TYR F 9 -13.70 -35.34 14.88
C TYR F 9 -13.43 -34.00 15.53
N VAL F 10 -14.51 -33.39 15.97
CA VAL F 10 -14.48 -32.14 16.71
C VAL F 10 -15.73 -32.14 17.56
N THR F 11 -15.62 -31.72 18.80
CA THR F 11 -16.74 -31.72 19.73
C THR F 11 -17.17 -30.31 19.99
N THR F 12 -18.44 -30.05 19.86
CA THR F 12 -18.92 -28.71 20.02
C THR F 12 -19.54 -28.38 21.36
N LYS F 13 -19.75 -27.10 21.63
CA LYS F 13 -20.32 -26.63 22.89
C LYS F 13 -21.69 -27.16 23.21
N ASP F 14 -22.32 -27.78 22.24
CA ASP F 14 -23.63 -28.34 22.46
C ASP F 14 -23.56 -29.81 22.73
N GLY F 15 -22.34 -30.32 22.83
CA GLY F 15 -22.14 -31.71 23.14
C GLY F 15 -22.02 -32.73 22.04
N ILE F 16 -22.16 -32.27 20.80
CA ILE F 16 -22.06 -33.17 19.68
C ILE F 16 -20.62 -33.40 19.30
N LYS F 17 -20.28 -34.66 19.16
CA LYS F 17 -18.97 -35.07 18.71
C LYS F 17 -19.09 -35.34 17.22
N TRP F 18 -18.79 -34.36 16.44
CA TRP F 18 -18.96 -34.48 15.02
C TRP F 18 -17.87 -35.16 14.26
N TYR F 19 -18.23 -36.02 13.33
CA TYR F 19 -17.27 -36.60 12.42
C TYR F 19 -17.39 -35.69 11.19
N TYR F 20 -16.27 -35.18 10.70
CA TYR F 20 -16.26 -34.30 9.55
C TYR F 20 -15.09 -34.53 8.63
N GLU F 21 -15.23 -34.09 7.40
CA GLU F 21 -14.18 -34.20 6.41
C GLU F 21 -13.99 -32.89 5.66
N GLN F 22 -12.77 -32.63 5.21
CA GLN F 22 -12.50 -31.45 4.43
C GLN F 22 -11.51 -31.74 3.32
N GLU F 23 -11.59 -31.01 2.24
CA GLU F 23 -10.66 -31.14 1.15
C GLU F 23 -10.63 -29.84 0.36
N GLY F 24 -9.44 -29.46 -0.03
CA GLY F 24 -9.21 -28.29 -0.85
C GLY F 24 -8.99 -27.00 -0.13
N SER F 25 -8.76 -25.95 -0.91
CA SER F 25 -8.55 -24.62 -0.43
C SER F 25 -9.27 -23.60 -1.29
N GLY F 26 -9.73 -22.54 -0.66
CA GLY F 26 -10.41 -21.46 -1.32
C GLY F 26 -11.68 -21.14 -0.64
N PRO F 27 -12.62 -20.52 -1.34
CA PRO F 27 -13.90 -20.20 -0.72
C PRO F 27 -14.59 -21.46 -0.21
N ASP F 28 -15.31 -21.33 0.88
CA ASP F 28 -15.97 -22.43 1.49
C ASP F 28 -17.28 -22.91 0.86
N VAL F 29 -17.38 -24.23 0.76
CA VAL F 29 -18.54 -24.92 0.30
C VAL F 29 -18.84 -25.95 1.36
N VAL F 30 -20.07 -25.99 1.81
CA VAL F 30 -20.53 -26.91 2.82
C VAL F 30 -21.57 -27.85 2.25
N LEU F 31 -21.37 -29.13 2.42
CA LEU F 31 -22.29 -30.10 1.92
C LEU F 31 -23.05 -30.76 3.04
N ILE F 32 -24.27 -30.35 3.23
CA ILE F 32 -25.08 -30.91 4.27
C ILE F 32 -25.81 -32.13 3.78
N PRO F 33 -25.64 -33.24 4.48
CA PRO F 33 -26.34 -34.40 4.03
C PRO F 33 -27.83 -34.30 4.17
N ASP F 34 -28.49 -35.26 3.57
CA ASP F 34 -29.92 -35.44 3.68
C ASP F 34 -30.22 -36.02 5.09
N GLY F 35 -31.49 -36.35 5.35
CA GLY F 35 -31.96 -36.85 6.62
C GLY F 35 -31.20 -38.02 7.17
N LEU F 36 -30.70 -38.87 6.31
CA LEU F 36 -29.91 -40.00 6.75
C LEU F 36 -28.54 -39.66 7.35
N GLY F 37 -28.12 -38.40 7.24
CA GLY F 37 -26.89 -37.88 7.78
C GLY F 37 -25.56 -38.57 7.54
N GLU F 38 -25.40 -39.18 6.38
CA GLU F 38 -24.22 -39.93 6.03
C GLU F 38 -23.35 -39.25 4.99
N CYS F 39 -22.24 -38.67 5.41
CA CYS F 39 -21.39 -37.92 4.51
C CYS F 39 -20.49 -38.67 3.55
N GLN F 40 -20.45 -39.99 3.67
CA GLN F 40 -19.68 -40.78 2.73
C GLN F 40 -20.33 -40.71 1.33
N MET F 41 -21.58 -40.29 1.31
CA MET F 41 -22.31 -40.12 0.07
C MET F 41 -21.71 -39.00 -0.78
N PHE F 42 -21.04 -38.06 -0.16
CA PHE F 42 -20.40 -36.95 -0.85
C PHE F 42 -18.95 -37.20 -1.27
N ASP F 43 -18.40 -38.35 -0.94
CA ASP F 43 -17.01 -38.64 -1.25
C ASP F 43 -16.53 -38.30 -2.66
N LYS F 44 -17.16 -38.87 -3.66
CA LYS F 44 -16.79 -38.65 -5.04
C LYS F 44 -16.91 -37.18 -5.48
N PRO F 45 -18.07 -36.57 -5.30
CA PRO F 45 -18.21 -35.18 -5.76
C PRO F 45 -17.38 -34.20 -4.94
N MET F 46 -17.12 -34.55 -3.70
CA MET F 46 -16.31 -33.72 -2.85
C MET F 46 -14.93 -33.50 -3.49
N SER F 47 -14.32 -34.54 -3.98
CA SER F 47 -13.05 -34.42 -4.64
C SER F 47 -13.14 -33.55 -5.87
N LEU F 48 -14.20 -33.72 -6.64
CA LEU F 48 -14.38 -32.97 -7.83
C LEU F 48 -14.54 -31.49 -7.54
N ILE F 49 -15.39 -31.19 -6.59
CA ILE F 49 -15.65 -29.81 -6.23
C ILE F 49 -14.39 -29.13 -5.68
N ALA F 50 -13.66 -29.83 -4.85
CA ALA F 50 -12.45 -29.33 -4.24
C ALA F 50 -11.41 -29.06 -5.28
N SER F 51 -11.40 -29.84 -6.32
CA SER F 51 -10.44 -29.67 -7.37
C SER F 51 -10.67 -28.45 -8.27
N ASN F 52 -11.76 -27.76 -8.06
CA ASN F 52 -12.08 -26.57 -8.83
C ASN F 52 -11.95 -25.29 -8.00
N GLY F 53 -11.05 -25.26 -7.02
CA GLY F 53 -10.81 -24.09 -6.23
C GLY F 53 -11.68 -23.76 -5.04
N PHE F 54 -12.21 -24.78 -4.39
CA PHE F 54 -13.03 -24.60 -3.24
C PHE F 54 -12.57 -25.46 -2.07
N ARG F 55 -12.79 -24.98 -0.88
CA ARG F 55 -12.54 -25.77 0.30
C ARG F 55 -13.89 -26.34 0.64
N VAL F 56 -13.99 -27.65 0.61
CA VAL F 56 -15.24 -28.35 0.88
C VAL F 56 -15.25 -29.04 2.23
N THR F 57 -16.33 -28.85 2.95
CA THR F 57 -16.52 -29.43 4.24
C THR F 57 -17.84 -30.20 4.25
N THR F 58 -17.81 -31.39 4.82
CA THR F 58 -18.96 -32.21 5.01
C THR F 58 -18.83 -32.98 6.32
N PHE F 59 -19.92 -33.55 6.78
CA PHE F 59 -19.96 -34.20 8.07
C PHE F 59 -21.16 -35.06 8.25
N ASP F 60 -21.08 -36.01 9.16
CA ASP F 60 -22.24 -36.82 9.46
C ASP F 60 -23.10 -35.98 10.38
N MET F 61 -24.41 -36.12 10.28
CA MET F 61 -25.30 -35.33 11.10
C MET F 61 -25.43 -35.86 12.56
N PRO F 62 -25.82 -34.99 13.49
CA PRO F 62 -25.95 -35.30 14.92
C PRO F 62 -26.76 -36.51 15.16
N GLY F 63 -26.14 -37.48 15.81
CA GLY F 63 -26.77 -38.71 16.15
C GLY F 63 -26.66 -39.74 15.07
N MET F 64 -26.24 -39.30 13.90
CA MET F 64 -26.14 -40.19 12.76
C MET F 64 -24.73 -40.64 12.41
N SER F 65 -24.62 -41.88 11.99
CA SER F 65 -23.39 -42.51 11.56
C SER F 65 -22.26 -42.22 12.54
N ARG F 66 -21.17 -41.66 12.07
CA ARG F 66 -20.02 -41.41 12.91
C ARG F 66 -20.17 -40.23 13.85
N SER F 67 -21.24 -39.48 13.69
CA SER F 67 -21.51 -38.35 14.55
C SER F 67 -22.56 -38.74 15.61
N SER F 68 -22.70 -40.03 15.83
CA SER F 68 -23.69 -40.56 16.75
C SER F 68 -23.55 -40.21 18.23
N ASP F 69 -22.40 -39.72 18.64
CA ASP F 69 -22.22 -39.37 20.02
C ASP F 69 -22.68 -37.98 20.26
N ALA F 70 -23.99 -37.83 20.47
CA ALA F 70 -24.59 -36.52 20.72
C ALA F 70 -25.84 -36.57 21.60
N PRO F 71 -26.14 -35.45 22.24
CA PRO F 71 -27.33 -35.35 23.11
C PRO F 71 -28.53 -35.79 22.34
N PRO F 72 -29.52 -36.41 23.00
CA PRO F 72 -30.67 -36.89 22.26
C PRO F 72 -31.52 -35.77 21.77
N GLU F 73 -31.25 -34.59 22.25
CA GLU F 73 -32.02 -33.51 21.78
C GLU F 73 -31.70 -33.20 20.31
N THR F 74 -30.53 -33.64 19.88
CA THR F 74 -30.07 -33.28 18.55
C THR F 74 -30.60 -34.08 17.42
N TYR F 75 -31.38 -35.10 17.68
CA TYR F 75 -31.95 -35.92 16.64
C TYR F 75 -33.36 -36.27 17.03
N GLN F 76 -34.01 -35.35 17.72
CA GLN F 76 -35.38 -35.52 18.19
C GLN F 76 -36.10 -34.19 18.00
N ASP F 77 -37.36 -34.25 17.57
CA ASP F 77 -38.14 -33.08 17.24
C ASP F 77 -37.30 -32.19 16.35
N ILE F 78 -36.76 -32.76 15.29
CA ILE F 78 -35.89 -32.01 14.41
C ILE F 78 -36.65 -31.16 13.42
N THR F 79 -36.14 -29.96 13.23
CA THR F 79 -36.63 -29.02 12.29
C THR F 79 -35.43 -28.41 11.57
N GLY F 80 -35.69 -27.65 10.54
CA GLY F 80 -34.65 -27.01 9.79
C GLY F 80 -33.91 -26.01 10.62
N ARG F 81 -34.63 -25.28 11.44
CA ARG F 81 -33.98 -24.30 12.28
C ARG F 81 -33.09 -24.94 13.35
N LYS F 82 -33.51 -26.06 13.92
CA LYS F 82 -32.72 -26.74 14.95
C LYS F 82 -31.40 -27.10 14.34
N LEU F 83 -31.46 -27.84 13.24
CA LEU F 83 -30.27 -28.25 12.54
C LEU F 83 -29.41 -27.10 12.21
N ALA F 84 -29.96 -25.99 11.79
CA ALA F 84 -29.15 -24.86 11.39
C ALA F 84 -28.35 -24.25 12.53
N GLY F 85 -28.90 -24.26 13.73
CA GLY F 85 -28.20 -23.75 14.89
C GLY F 85 -26.97 -24.57 15.14
N TYR F 86 -27.13 -25.87 15.15
CA TYR F 86 -26.06 -26.78 15.38
C TYR F 86 -24.95 -26.61 14.35
N ILE F 87 -25.30 -26.50 13.09
CA ILE F 87 -24.31 -26.33 12.05
C ILE F 87 -23.61 -25.02 12.14
N ILE F 88 -24.29 -24.01 12.67
CA ILE F 88 -23.65 -22.73 12.82
C ILE F 88 -22.59 -22.87 13.93
N THR F 89 -22.93 -23.65 14.95
CA THR F 89 -22.05 -23.89 16.07
C THR F 89 -20.79 -24.52 15.46
N LEU F 90 -20.97 -25.56 14.66
CA LEU F 90 -19.86 -26.25 14.02
C LEU F 90 -19.01 -25.37 13.13
N LEU F 91 -19.63 -24.55 12.32
CA LEU F 91 -18.89 -23.67 11.44
C LEU F 91 -18.03 -22.65 12.22
N ASP F 92 -18.55 -22.18 13.34
CA ASP F 92 -17.86 -21.24 14.22
C ASP F 92 -16.55 -21.91 14.65
N THR F 93 -16.69 -23.13 15.14
CA THR F 93 -15.59 -23.94 15.60
C THR F 93 -14.54 -24.26 14.56
N LEU F 94 -14.98 -24.38 13.31
CA LEU F 94 -14.08 -24.65 12.20
C LEU F 94 -13.63 -23.40 11.53
N ASP F 95 -14.00 -22.28 12.08
CA ASP F 95 -13.67 -21.00 11.52
C ASP F 95 -14.09 -20.78 10.09
N ILE F 96 -15.32 -21.16 9.80
CA ILE F 96 -15.86 -20.96 8.48
C ILE F 96 -16.83 -19.81 8.65
N LYS F 97 -16.46 -18.67 8.15
CA LYS F 97 -17.26 -17.46 8.28
C LYS F 97 -18.46 -17.36 7.35
N ILE F 98 -18.25 -17.68 6.09
CA ILE F 98 -19.28 -17.64 5.08
C ILE F 98 -19.08 -18.80 4.09
N ALA F 99 -20.17 -19.43 3.68
CA ALA F 99 -20.09 -20.54 2.76
C ALA F 99 -21.25 -20.66 1.77
N SER F 100 -21.00 -21.39 0.72
CA SER F 100 -22.00 -21.78 -0.23
C SER F 100 -22.48 -23.09 0.37
N VAL F 101 -23.77 -23.23 0.61
CA VAL F 101 -24.29 -24.39 1.27
C VAL F 101 -25.30 -25.23 0.48
N TRP F 102 -25.02 -26.51 0.31
CA TRP F 102 -25.88 -27.49 -0.36
C TRP F 102 -26.61 -28.33 0.67
N GLY F 103 -27.82 -28.77 0.37
CA GLY F 103 -28.54 -29.63 1.24
C GLY F 103 -29.82 -30.16 0.62
N CYS F 104 -30.04 -31.46 0.75
CA CYS F 104 -31.24 -32.10 0.27
C CYS F 104 -32.15 -32.45 1.44
N ALA F 105 -33.45 -32.38 1.22
CA ALA F 105 -34.47 -32.75 2.19
C ALA F 105 -34.32 -31.96 3.47
N SER F 106 -34.06 -32.63 4.58
CA SER F 106 -33.80 -31.96 5.86
C SER F 106 -32.58 -31.08 5.74
N GLY F 107 -31.64 -31.46 4.89
CA GLY F 107 -30.49 -30.65 4.62
C GLY F 107 -30.91 -29.38 3.91
N ALA F 108 -31.92 -29.48 3.06
CA ALA F 108 -32.46 -28.32 2.34
C ALA F 108 -33.24 -27.40 3.28
N SER F 109 -34.02 -28.00 4.16
CA SER F 109 -34.75 -27.24 5.15
C SER F 109 -33.74 -26.45 5.94
N THR F 110 -32.62 -27.07 6.28
CA THR F 110 -31.52 -26.45 7.00
C THR F 110 -30.89 -25.33 6.22
N VAL F 111 -30.68 -25.52 4.92
CA VAL F 111 -30.11 -24.49 4.09
C VAL F 111 -31.03 -23.25 4.12
N LEU F 112 -32.31 -23.51 4.04
CA LEU F 112 -33.30 -22.45 4.01
C LEU F 112 -33.30 -21.73 5.35
N ALA F 113 -33.23 -22.49 6.42
CA ALA F 113 -33.15 -21.95 7.77
C ALA F 113 -31.92 -21.06 7.88
N LEU F 114 -30.82 -21.47 7.29
CA LEU F 114 -29.62 -20.68 7.32
C LEU F 114 -29.76 -19.40 6.54
N CYS F 115 -30.42 -19.48 5.40
CA CYS F 115 -30.64 -18.33 4.58
C CYS F 115 -31.59 -17.35 5.26
N SER F 116 -32.52 -17.86 6.02
CA SER F 116 -33.51 -17.01 6.68
C SER F 116 -32.98 -16.40 7.93
N ASP F 117 -32.50 -17.24 8.84
CA ASP F 117 -32.01 -16.81 10.13
C ASP F 117 -30.54 -16.43 10.28
N TYR F 118 -29.65 -16.83 9.37
CA TYR F 118 -28.22 -16.54 9.45
C TYR F 118 -27.69 -16.16 8.12
N PRO F 119 -28.31 -15.19 7.49
CA PRO F 119 -27.91 -14.77 6.15
C PRO F 119 -26.51 -14.30 6.05
N GLU F 120 -25.97 -13.84 7.15
CA GLU F 120 -24.61 -13.33 7.18
C GLU F 120 -23.55 -14.41 6.88
N ARG F 121 -23.92 -15.65 7.17
CA ARG F 121 -23.08 -16.81 7.01
C ARG F 121 -23.27 -17.57 5.68
N VAL F 122 -24.19 -17.10 4.86
CA VAL F 122 -24.49 -17.75 3.60
C VAL F 122 -24.17 -16.93 2.36
N ARG F 123 -23.27 -17.44 1.56
CA ARG F 123 -22.94 -16.82 0.33
C ARG F 123 -24.10 -17.06 -0.66
N ASN F 124 -24.58 -18.29 -0.69
CA ASN F 124 -25.66 -18.71 -1.56
C ASN F 124 -26.12 -20.05 -1.09
N GLY F 125 -27.42 -20.28 -1.15
CA GLY F 125 -28.00 -21.53 -0.74
C GLY F 125 -28.45 -22.37 -1.91
N MET F 126 -28.24 -23.66 -1.79
CA MET F 126 -28.57 -24.62 -2.80
C MET F 126 -29.43 -25.73 -2.21
N PRO F 127 -30.70 -25.44 -1.96
CA PRO F 127 -31.67 -26.39 -1.45
C PRO F 127 -32.16 -27.34 -2.55
N HIS F 128 -32.27 -28.60 -2.21
CA HIS F 128 -32.75 -29.65 -3.09
C HIS F 128 -33.86 -30.43 -2.40
N GLU F 129 -35.03 -30.43 -2.98
CA GLU F 129 -36.13 -31.22 -2.47
C GLU F 129 -36.48 -30.99 -0.98
N VAL F 130 -36.99 -29.80 -0.73
CA VAL F 130 -37.42 -29.38 0.59
C VAL F 130 -38.73 -30.06 0.95
N PRO F 131 -38.72 -30.83 2.02
CA PRO F 131 -39.97 -31.51 2.36
C PRO F 131 -41.04 -30.59 2.92
N THR F 132 -42.21 -30.57 2.30
CA THR F 132 -43.34 -29.79 2.78
C THR F 132 -44.53 -30.67 3.08
N GLU F 133 -44.48 -31.91 2.62
CA GLU F 133 -45.52 -32.85 2.86
C GLU F 133 -45.05 -34.23 2.51
N ASN F 134 -45.03 -35.11 3.48
CA ASN F 134 -44.56 -36.45 3.26
C ASN F 134 -45.44 -37.29 2.42
N PRO F 135 -44.83 -38.21 1.67
CA PRO F 135 -45.60 -39.16 0.90
C PRO F 135 -46.13 -40.23 1.84
N ASP F 136 -47.12 -40.98 1.35
CA ASP F 136 -47.79 -42.06 2.08
C ASP F 136 -46.85 -43.02 2.78
N ILE F 137 -45.74 -43.37 2.15
CA ILE F 137 -44.81 -44.30 2.76
C ILE F 137 -44.19 -43.85 4.08
N LEU F 138 -44.37 -42.61 4.45
CA LEU F 138 -43.80 -42.15 5.70
C LEU F 138 -44.83 -41.82 6.77
N LEU F 139 -46.09 -42.08 6.49
CA LEU F 139 -47.14 -41.73 7.41
C LEU F 139 -47.06 -42.43 8.73
N HIS F 140 -46.74 -43.70 8.71
CA HIS F 140 -46.65 -44.48 9.93
C HIS F 140 -45.25 -44.98 10.29
N ILE F 141 -44.23 -44.51 9.59
CA ILE F 141 -42.87 -45.01 9.83
C ILE F 141 -42.34 -44.91 11.25
N HIS F 142 -42.71 -43.84 11.94
CA HIS F 142 -42.32 -43.59 13.30
C HIS F 142 -43.25 -44.27 14.28
N GLU F 143 -44.09 -45.14 13.79
CA GLU F 143 -45.01 -45.83 14.67
C GLU F 143 -44.61 -47.26 14.81
N VAL F 144 -43.77 -47.74 13.92
CA VAL F 144 -43.39 -49.12 13.96
C VAL F 144 -42.08 -49.43 14.65
N ASP F 145 -41.69 -50.70 14.62
CA ASP F 145 -40.48 -51.17 15.28
C ASP F 145 -39.24 -50.92 14.49
N PRO F 146 -38.20 -50.43 15.18
CA PRO F 146 -36.90 -50.15 14.59
C PRO F 146 -36.31 -51.45 14.21
N ALA F 147 -36.68 -51.90 13.04
CA ALA F 147 -36.26 -53.12 12.43
C ALA F 147 -37.17 -53.26 11.21
N THR F 148 -38.42 -52.94 11.44
CA THR F 148 -39.36 -52.90 10.38
C THR F 148 -38.96 -51.62 9.65
N ILE F 149 -38.74 -50.57 10.42
CA ILE F 149 -38.30 -49.30 9.90
C ILE F 149 -37.06 -49.41 9.05
N SER F 150 -36.05 -50.09 9.54
CA SER F 150 -34.84 -50.22 8.76
C SER F 150 -35.08 -50.98 7.50
N GLN F 151 -35.97 -51.95 7.54
CA GLN F 151 -36.24 -52.75 6.36
C GLN F 151 -37.04 -51.93 5.35
N GLU F 152 -37.93 -51.10 5.86
CA GLU F 152 -38.78 -50.27 5.04
C GLU F 152 -38.02 -49.09 4.44
N MET F 153 -37.30 -48.37 5.29
CA MET F 153 -36.54 -47.22 4.86
C MET F 153 -35.41 -47.57 3.92
N ALA F 154 -34.83 -48.75 4.07
CA ALA F 154 -33.79 -49.16 3.19
C ALA F 154 -34.31 -49.32 1.80
N ALA F 155 -35.50 -49.90 1.69
CA ALA F 155 -36.10 -50.10 0.40
C ALA F 155 -36.48 -48.76 -0.20
N ASN F 156 -37.09 -47.93 0.61
CA ASN F 156 -37.52 -46.62 0.19
C ASN F 156 -36.32 -45.84 -0.35
N SER F 157 -35.29 -45.69 0.46
CA SER F 157 -34.10 -44.97 0.06
C SER F 157 -33.52 -45.48 -1.25
N ARG F 158 -33.41 -46.79 -1.38
CA ARG F 158 -32.89 -47.35 -2.61
C ARG F 158 -33.78 -46.97 -3.78
N ALA F 159 -35.08 -47.00 -3.57
CA ALA F 159 -36.06 -46.68 -4.60
C ALA F 159 -35.96 -45.24 -5.12
N TYR F 160 -35.65 -44.33 -4.21
CA TYR F 160 -35.48 -42.91 -4.47
C TYR F 160 -34.02 -42.58 -4.79
N SER F 161 -33.17 -43.57 -4.94
CA SER F 161 -31.77 -43.31 -5.14
C SER F 161 -31.41 -42.64 -6.44
N GLY F 162 -32.16 -42.89 -7.49
CA GLY F 162 -31.87 -42.37 -8.79
C GLY F 162 -30.87 -43.19 -9.58
N ASN F 163 -30.30 -44.21 -8.95
CA ASN F 163 -29.33 -45.14 -9.55
C ASN F 163 -29.03 -46.24 -8.55
N VAL F 164 -29.74 -47.34 -8.65
CA VAL F 164 -29.56 -48.42 -7.69
C VAL F 164 -28.18 -49.00 -7.62
N GLU F 165 -27.52 -49.11 -8.74
CA GLU F 165 -26.18 -49.64 -8.78
C GLU F 165 -25.24 -48.74 -7.95
N ALA F 166 -25.31 -47.44 -8.19
CA ALA F 166 -24.48 -46.51 -7.43
C ALA F 166 -24.85 -46.55 -5.99
N TRP F 167 -26.11 -46.72 -5.68
CA TRP F 167 -26.57 -46.77 -4.31
C TRP F 167 -25.98 -47.96 -3.62
N ASP F 168 -26.08 -49.12 -4.25
CA ASP F 168 -25.54 -50.36 -3.71
C ASP F 168 -24.06 -50.22 -3.55
N ALA F 169 -23.44 -49.59 -4.54
CA ALA F 169 -22.00 -49.35 -4.59
C ALA F 169 -21.44 -48.48 -3.48
N LEU F 170 -22.29 -47.95 -2.63
CA LEU F 170 -21.83 -47.19 -1.50
C LEU F 170 -21.14 -48.14 -0.50
N GLY F 171 -21.47 -49.42 -0.61
CA GLY F 171 -20.88 -50.45 0.22
C GLY F 171 -21.51 -50.91 1.50
N PRO F 172 -21.20 -52.13 1.88
CA PRO F 172 -21.78 -52.73 3.07
C PRO F 172 -21.60 -51.91 4.31
N GLU F 173 -20.43 -51.33 4.50
CA GLU F 173 -20.18 -50.51 5.69
C GLU F 173 -21.09 -49.32 5.79
N VAL F 174 -21.24 -48.63 4.69
CA VAL F 174 -22.08 -47.45 4.67
C VAL F 174 -23.52 -47.85 4.98
N HIS F 175 -23.96 -48.90 4.36
CA HIS F 175 -25.30 -49.42 4.52
C HIS F 175 -25.57 -49.95 5.91
N ALA F 176 -24.51 -50.37 6.59
CA ALA F 176 -24.62 -50.82 7.95
C ALA F 176 -24.81 -49.63 8.81
N ARG F 177 -24.18 -48.51 8.48
CA ARG F 177 -24.36 -47.31 9.22
C ARG F 177 -25.79 -46.80 8.99
N LEU F 178 -26.24 -46.84 7.75
CA LEU F 178 -27.57 -46.36 7.41
C LEU F 178 -28.62 -47.16 8.18
N HIS F 179 -28.42 -48.45 8.24
CA HIS F 179 -29.31 -49.34 8.98
C HIS F 179 -29.61 -48.84 10.36
N ASP F 180 -28.59 -48.41 11.09
CA ASP F 180 -28.84 -47.88 12.40
C ASP F 180 -29.41 -46.52 12.33
N ASN F 181 -29.12 -45.77 11.27
CA ASN F 181 -29.65 -44.43 11.18
C ASN F 181 -31.17 -44.37 10.95
N TYR F 182 -31.70 -45.30 10.21
CA TYR F 182 -33.10 -45.31 9.83
C TYR F 182 -34.13 -45.07 10.94
N PRO F 183 -34.05 -45.83 12.03
CA PRO F 183 -34.98 -45.64 13.14
C PRO F 183 -34.82 -44.32 13.80
N ARG F 184 -33.59 -43.89 14.02
CA ARG F 184 -33.38 -42.62 14.64
C ARG F 184 -33.91 -41.50 13.79
N TRP F 185 -33.82 -41.64 12.48
CA TRP F 185 -34.32 -40.61 11.59
C TRP F 185 -35.84 -40.66 11.69
N ALA F 186 -36.38 -41.85 11.61
CA ALA F 186 -37.82 -42.10 11.70
C ALA F 186 -38.44 -41.49 12.91
N TYR F 187 -37.90 -41.80 14.07
CA TYR F 187 -38.43 -41.27 15.30
C TYR F 187 -38.20 -39.81 15.41
N GLY F 188 -37.23 -39.26 14.72
CA GLY F 188 -36.97 -37.84 14.88
C GLY F 188 -37.19 -36.81 13.77
N TYR F 189 -37.40 -37.26 12.54
CA TYR F 189 -37.53 -36.31 11.46
C TYR F 189 -38.84 -36.19 10.67
N PRO F 190 -39.43 -37.28 10.22
CA PRO F 190 -40.59 -37.11 9.36
C PRO F 190 -41.78 -36.39 9.94
N ARG F 191 -42.04 -36.57 11.22
CA ARG F 191 -43.15 -35.88 11.83
C ARG F 191 -42.94 -34.41 11.96
N THR F 192 -41.72 -33.98 12.15
CA THR F 192 -41.46 -32.55 12.40
C THR F 192 -40.80 -31.67 11.35
N ILE F 193 -40.09 -32.27 10.42
CA ILE F 193 -39.42 -31.50 9.37
C ILE F 193 -40.37 -30.73 8.43
N PRO F 194 -41.42 -31.37 7.93
CA PRO F 194 -42.28 -30.70 6.96
C PRO F 194 -42.97 -29.45 7.44
N PRO F 195 -43.56 -29.48 8.63
CA PRO F 195 -44.25 -28.30 9.17
C PRO F 195 -43.37 -27.11 9.37
N SER F 196 -42.09 -27.36 9.56
CA SER F 196 -41.11 -26.32 9.82
C SER F 196 -40.41 -25.68 8.64
N ALA F 197 -40.76 -26.12 7.46
CA ALA F 197 -40.15 -25.65 6.26
C ALA F 197 -40.13 -24.16 6.25
N PRO F 198 -38.98 -23.57 6.10
CA PRO F 198 -38.79 -22.14 6.01
C PRO F 198 -39.07 -21.60 4.63
N VAL F 199 -40.31 -21.68 4.23
CA VAL F 199 -40.69 -21.26 2.89
C VAL F 199 -41.57 -20.03 2.78
N LYS F 200 -41.50 -19.12 3.76
CA LYS F 200 -42.24 -17.89 3.69
C LYS F 200 -41.46 -16.90 2.89
N THR F 201 -42.11 -15.84 2.47
CA THR F 201 -41.45 -14.83 1.67
C THR F 201 -40.25 -14.25 2.34
N GLU F 202 -40.33 -14.06 3.64
CA GLU F 202 -39.24 -13.44 4.38
C GLU F 202 -38.01 -14.31 4.48
N ASP F 203 -38.23 -15.62 4.51
CA ASP F 203 -37.19 -16.63 4.57
C ASP F 203 -36.41 -16.71 3.29
N LEU F 204 -37.00 -16.32 2.18
CA LEU F 204 -36.40 -16.52 0.87
C LEU F 204 -35.69 -15.43 0.12
N HIS F 205 -35.62 -14.23 0.65
CA HIS F 205 -35.01 -13.17 -0.11
C HIS F 205 -33.85 -12.40 0.51
N LYS F 206 -33.21 -12.96 1.51
CA LYS F 206 -32.06 -12.31 2.10
C LYS F 206 -30.74 -12.60 1.37
N VAL F 207 -30.60 -13.80 0.84
CA VAL F 207 -29.41 -14.22 0.12
C VAL F 207 -29.79 -14.97 -1.14
N PRO F 208 -28.89 -15.10 -2.09
CA PRO F 208 -29.18 -15.81 -3.33
C PRO F 208 -29.49 -17.27 -3.06
N ILE F 209 -30.49 -17.77 -3.76
CA ILE F 209 -30.94 -19.15 -3.65
C ILE F 209 -31.14 -19.76 -5.04
N ASP F 210 -30.67 -20.99 -5.24
CA ASP F 210 -30.82 -21.70 -6.51
C ASP F 210 -31.35 -23.06 -6.06
N TRP F 211 -32.62 -23.27 -6.29
CA TRP F 211 -33.34 -24.41 -5.79
C TRP F 211 -33.46 -25.52 -6.83
N THR F 212 -33.38 -26.77 -6.41
CA THR F 212 -33.51 -27.86 -7.35
C THR F 212 -34.41 -28.99 -6.87
N VAL F 213 -34.89 -29.77 -7.83
CA VAL F 213 -35.68 -30.97 -7.64
C VAL F 213 -35.09 -32.03 -8.62
N GLY F 214 -35.13 -33.28 -8.26
CA GLY F 214 -34.57 -34.28 -9.12
C GLY F 214 -35.33 -34.36 -10.42
N ALA F 215 -34.60 -34.44 -11.51
CA ALA F 215 -35.24 -34.52 -12.80
C ALA F 215 -36.13 -35.76 -12.94
N SER F 216 -35.75 -36.86 -12.32
CA SER F 216 -36.47 -38.10 -12.38
C SER F 216 -37.41 -38.31 -11.20
N THR F 217 -37.39 -37.40 -10.27
CA THR F 217 -38.28 -37.48 -9.15
C THR F 217 -39.75 -37.38 -9.60
N PRO F 218 -40.60 -38.29 -9.11
CA PRO F 218 -42.01 -38.21 -9.43
C PRO F 218 -42.51 -36.83 -9.08
N THR F 219 -43.21 -36.22 -10.01
CA THR F 219 -43.68 -34.87 -9.88
C THR F 219 -44.39 -34.54 -8.59
N LYS F 220 -45.25 -35.42 -8.13
CA LYS F 220 -45.99 -35.16 -6.92
C LYS F 220 -45.15 -34.92 -5.68
N LEU F 221 -44.02 -35.58 -5.56
CA LEU F 221 -43.23 -35.47 -4.34
C LEU F 221 -42.77 -34.10 -3.92
N PHE F 222 -42.21 -33.35 -4.82
CA PHE F 222 -41.72 -32.02 -4.51
C PHE F 222 -42.31 -30.95 -5.37
N PHE F 223 -43.48 -31.26 -5.87
CA PHE F 223 -44.30 -30.41 -6.67
C PHE F 223 -44.43 -29.00 -6.05
N GLU F 224 -44.72 -28.95 -4.77
CA GLU F 224 -44.90 -27.69 -4.08
C GLU F 224 -43.63 -26.80 -4.01
N ASN F 225 -42.45 -27.39 -4.19
CA ASN F 225 -41.21 -26.63 -4.19
C ASN F 225 -41.23 -25.71 -5.39
N ILE F 226 -41.66 -26.26 -6.50
CA ILE F 226 -41.71 -25.49 -7.72
C ILE F 226 -42.74 -24.37 -7.63
N VAL F 227 -43.88 -24.66 -7.06
CA VAL F 227 -44.93 -23.69 -6.92
C VAL F 227 -44.38 -22.53 -6.13
N ILE F 228 -43.82 -22.81 -4.97
CA ILE F 228 -43.23 -21.81 -4.11
C ILE F 228 -42.17 -20.97 -4.79
N ALA F 229 -41.18 -21.60 -5.39
CA ALA F 229 -40.13 -20.89 -6.05
C ALA F 229 -40.65 -20.02 -7.18
N ALA F 230 -41.60 -20.54 -7.92
CA ALA F 230 -42.12 -19.81 -9.05
C ALA F 230 -42.87 -18.58 -8.57
N ARG F 231 -43.63 -18.73 -7.50
CA ARG F 231 -44.39 -17.63 -6.95
C ARG F 231 -43.47 -16.57 -6.40
N GLU F 232 -42.37 -17.00 -5.81
CA GLU F 232 -41.43 -16.08 -5.21
C GLU F 232 -40.36 -15.56 -6.10
N GLY F 233 -40.29 -16.01 -7.33
CA GLY F 233 -39.26 -15.55 -8.20
C GLY F 233 -37.86 -16.09 -7.89
N ILE F 234 -37.81 -17.25 -7.27
CA ILE F 234 -36.56 -17.92 -6.95
C ILE F 234 -36.19 -18.90 -8.07
N ASN F 235 -34.94 -18.86 -8.49
CA ASN F 235 -34.41 -19.74 -9.49
C ASN F 235 -34.71 -21.17 -9.08
N ILE F 236 -35.32 -21.93 -9.97
CA ILE F 236 -35.64 -23.32 -9.69
C ILE F 236 -35.45 -24.15 -10.95
N GLY F 237 -34.85 -25.31 -10.80
CA GLY F 237 -34.63 -26.20 -11.90
C GLY F 237 -34.48 -27.63 -11.43
N THR F 238 -34.03 -28.49 -12.30
CA THR F 238 -33.83 -29.85 -11.94
C THR F 238 -32.37 -30.22 -12.04
N LEU F 239 -32.04 -31.28 -11.35
CA LEU F 239 -30.74 -31.89 -11.43
C LEU F 239 -31.01 -33.34 -11.82
N PRO F 240 -30.10 -33.96 -12.56
CA PRO F 240 -30.31 -35.35 -12.91
C PRO F 240 -30.49 -36.22 -11.68
N GLY F 241 -31.25 -37.27 -11.83
CA GLY F 241 -31.46 -38.16 -10.73
C GLY F 241 -32.71 -37.89 -9.93
N ASN F 242 -32.68 -38.36 -8.71
CA ASN F 242 -33.78 -38.26 -7.81
C ASN F 242 -33.44 -37.54 -6.52
N HIS F 243 -33.46 -38.25 -5.40
CA HIS F 243 -33.22 -37.65 -4.09
C HIS F 243 -31.76 -37.55 -3.66
N PHE F 244 -30.89 -38.25 -4.36
CA PHE F 244 -29.50 -38.31 -4.01
C PHE F 244 -28.61 -38.07 -5.21
N PRO F 245 -28.66 -36.88 -5.81
CA PRO F 245 -27.88 -36.57 -7.01
C PRO F 245 -26.38 -36.71 -6.84
N TYR F 246 -25.94 -36.52 -5.62
CA TYR F 246 -24.55 -36.65 -5.25
C TYR F 246 -24.06 -38.09 -5.33
N VAL F 247 -24.99 -39.03 -5.24
CA VAL F 247 -24.67 -40.45 -5.36
C VAL F 247 -24.92 -40.95 -6.76
N SER F 248 -26.07 -40.62 -7.31
CA SER F 248 -26.46 -41.07 -8.61
C SER F 248 -25.71 -40.49 -9.77
N HIS F 249 -25.43 -39.20 -9.70
CA HIS F 249 -24.77 -38.44 -10.73
C HIS F 249 -23.71 -37.49 -10.16
N PRO F 250 -22.67 -38.04 -9.57
CA PRO F 250 -21.67 -37.22 -8.92
C PRO F 250 -21.01 -36.19 -9.81
N GLU F 251 -20.81 -36.51 -11.08
CA GLU F 251 -20.16 -35.55 -11.97
C GLU F 251 -21.04 -34.33 -12.22
N GLU F 252 -22.28 -34.57 -12.54
CA GLU F 252 -23.24 -33.54 -12.79
C GLU F 252 -23.52 -32.73 -11.52
N PHE F 253 -23.57 -33.41 -10.39
CA PHE F 253 -23.78 -32.77 -9.13
C PHE F 253 -22.63 -31.79 -8.83
N ALA F 254 -21.40 -32.27 -8.96
CA ALA F 254 -20.22 -31.47 -8.73
C ALA F 254 -20.18 -30.22 -9.60
N LYS F 255 -20.50 -30.40 -10.86
CA LYS F 255 -20.53 -29.33 -11.82
C LYS F 255 -21.52 -28.28 -11.39
N TYR F 256 -22.68 -28.71 -10.93
CA TYR F 256 -23.70 -27.79 -10.49
C TYR F 256 -23.23 -26.97 -9.30
N VAL F 257 -22.66 -27.64 -8.32
CA VAL F 257 -22.21 -26.94 -7.14
C VAL F 257 -21.11 -25.94 -7.47
N VAL F 258 -20.17 -26.35 -8.28
CA VAL F 258 -19.07 -25.50 -8.67
C VAL F 258 -19.56 -24.27 -9.41
N GLU F 259 -20.36 -24.53 -10.48
CA GLU F 259 -20.81 -23.42 -11.26
C GLU F 259 -21.76 -22.51 -10.51
N THR F 260 -22.57 -22.99 -9.72
CA THR F 260 -23.49 -22.20 -8.95
C THR F 260 -22.77 -21.36 -7.92
N SER F 261 -21.87 -21.96 -7.17
CA SER F 261 -21.14 -21.28 -6.14
C SER F 261 -20.22 -20.24 -6.73
N ARG F 262 -19.59 -20.60 -7.81
CA ARG F 262 -18.68 -19.72 -8.47
C ARG F 262 -19.27 -18.40 -8.91
N LYS F 263 -20.52 -18.40 -9.33
CA LYS F 263 -21.16 -17.16 -9.80
C LYS F 263 -21.37 -16.10 -8.73
N TYR F 264 -21.30 -16.47 -7.48
CA TYR F 264 -21.49 -15.54 -6.41
C TYR F 264 -20.20 -15.11 -5.72
N LEU F 265 -19.06 -15.51 -6.27
CA LEU F 265 -17.78 -15.16 -5.66
C LEU F 265 -17.61 -13.65 -5.76
N LYS F 266 -16.98 -13.06 -4.76
CA LYS F 266 -16.76 -11.62 -4.77
C LYS F 266 -15.30 -11.23 -4.66
N THR G 4 -76.10 -46.78 -21.34
CA THR G 4 -75.33 -47.60 -22.24
C THR G 4 -74.75 -46.75 -23.34
N ARG G 5 -73.81 -47.34 -24.04
CA ARG G 5 -72.98 -46.61 -24.97
C ARG G 5 -73.30 -46.65 -26.45
N THR G 6 -73.41 -45.48 -26.99
CA THR G 6 -73.65 -45.24 -28.36
C THR G 6 -72.27 -45.23 -29.07
N ARG G 7 -72.14 -45.95 -30.16
CA ARG G 7 -70.91 -45.99 -30.94
C ARG G 7 -71.19 -45.85 -32.43
N GLY G 8 -70.72 -44.78 -33.04
CA GLY G 8 -70.96 -44.57 -34.43
C GLY G 8 -70.11 -43.55 -35.16
N TYR G 9 -70.54 -43.24 -36.37
CA TYR G 9 -69.83 -42.34 -37.25
C TYR G 9 -70.66 -41.20 -37.81
N VAL G 10 -70.03 -40.05 -38.00
CA VAL G 10 -70.66 -38.89 -38.55
C VAL G 10 -69.61 -38.11 -39.32
N THR G 11 -69.95 -37.70 -40.52
CA THR G 11 -69.04 -36.93 -41.33
C THR G 11 -69.39 -35.48 -41.25
N THR G 12 -68.49 -34.71 -40.68
CA THR G 12 -68.70 -33.30 -40.53
C THR G 12 -68.42 -32.58 -41.83
N LYS G 13 -68.76 -31.31 -41.87
CA LYS G 13 -68.62 -30.48 -43.06
C LYS G 13 -67.21 -30.17 -43.50
N ASP G 14 -66.25 -30.42 -42.61
CA ASP G 14 -64.85 -30.26 -42.91
C ASP G 14 -64.28 -31.52 -43.49
N GLY G 15 -65.12 -32.52 -43.72
CA GLY G 15 -64.69 -33.77 -44.30
C GLY G 15 -64.22 -34.90 -43.41
N ILE G 16 -64.18 -34.65 -42.13
CA ILE G 16 -63.76 -35.68 -41.19
C ILE G 16 -64.85 -36.69 -40.90
N LYS G 17 -64.56 -37.95 -41.14
CA LYS G 17 -65.49 -38.97 -40.79
C LYS G 17 -65.12 -39.40 -39.37
N TRP G 18 -65.74 -38.79 -38.39
CA TRP G 18 -65.48 -39.06 -37.00
C TRP G 18 -66.10 -40.33 -36.45
N TYR G 19 -65.36 -41.02 -35.61
CA TYR G 19 -65.87 -42.13 -34.87
C TYR G 19 -66.07 -41.52 -33.50
N TYR G 20 -67.27 -41.61 -32.96
CA TYR G 20 -67.55 -41.08 -31.64
C TYR G 20 -68.46 -41.96 -30.77
N GLU G 21 -68.33 -41.78 -29.47
CA GLU G 21 -69.09 -42.53 -28.48
C GLU G 21 -69.75 -41.59 -27.48
N GLN G 22 -70.94 -41.93 -27.00
CA GLN G 22 -71.63 -41.13 -26.00
C GLN G 22 -72.34 -42.04 -25.01
N GLU G 23 -72.41 -41.62 -23.77
CA GLU G 23 -73.05 -42.36 -22.71
C GLU G 23 -73.54 -41.42 -21.61
N GLY G 24 -74.76 -41.64 -21.16
CA GLY G 24 -75.32 -40.87 -20.08
C GLY G 24 -76.15 -39.66 -20.39
N SER G 25 -76.77 -39.13 -19.36
CA SER G 25 -77.55 -37.92 -19.46
C SER G 25 -77.18 -36.97 -18.33
N GLY G 26 -77.22 -35.71 -18.65
CA GLY G 26 -76.87 -34.69 -17.71
C GLY G 26 -75.97 -33.69 -18.37
N PRO G 27 -75.30 -32.87 -17.57
CA PRO G 27 -74.40 -31.90 -18.18
C PRO G 27 -73.32 -32.60 -18.99
N ASP G 28 -72.90 -32.01 -20.08
CA ASP G 28 -71.92 -32.63 -20.94
C ASP G 28 -70.47 -32.59 -20.46
N VAL G 29 -69.81 -33.72 -20.63
CA VAL G 29 -68.41 -33.88 -20.33
C VAL G 29 -67.78 -34.42 -21.63
N VAL G 30 -66.73 -33.75 -22.09
CA VAL G 30 -66.03 -34.15 -23.28
C VAL G 30 -64.61 -34.61 -22.98
N LEU G 31 -64.28 -35.81 -23.43
CA LEU G 31 -62.99 -36.38 -23.18
C LEU G 31 -62.16 -36.42 -24.45
N ILE G 32 -61.25 -35.48 -24.57
CA ILE G 32 -60.41 -35.39 -25.73
C ILE G 32 -59.17 -36.25 -25.55
N PRO G 33 -58.96 -37.17 -26.47
CA PRO G 33 -57.79 -37.99 -26.31
C PRO G 33 -56.51 -37.21 -26.40
N ASP G 34 -55.44 -37.89 -25.99
CA ASP G 34 -54.09 -37.42 -26.17
C ASP G 34 -53.76 -37.56 -27.68
N GLY G 35 -52.53 -37.24 -28.05
CA GLY G 35 -52.07 -37.24 -29.41
C GLY G 35 -52.30 -38.50 -30.17
N LEU G 36 -52.27 -39.63 -29.51
CA LEU G 36 -52.52 -40.91 -30.17
C LEU G 36 -53.96 -41.05 -30.70
N GLY G 37 -54.85 -40.22 -30.20
CA GLY G 37 -56.21 -40.15 -30.62
C GLY G 37 -57.12 -41.35 -30.62
N GLU G 38 -56.90 -42.23 -29.66
CA GLU G 38 -57.59 -43.47 -29.50
C GLU G 38 -58.51 -43.41 -28.28
N CYS G 39 -59.80 -43.25 -28.53
CA CYS G 39 -60.78 -43.10 -27.47
C CYS G 39 -61.18 -44.33 -26.73
N GLN G 40 -60.70 -45.51 -27.14
CA GLN G 40 -60.98 -46.71 -26.38
C GLN G 40 -60.25 -46.66 -25.03
N MET G 41 -59.26 -45.77 -24.93
CA MET G 41 -58.55 -45.52 -23.69
C MET G 41 -59.47 -44.96 -22.59
N PHE G 42 -60.56 -44.34 -22.97
CA PHE G 42 -61.53 -43.76 -22.04
C PHE G 42 -62.70 -44.69 -21.67
N ASP G 43 -62.71 -45.89 -22.22
CA ASP G 43 -63.80 -46.81 -22.03
C ASP G 43 -64.20 -47.01 -20.56
N LYS G 44 -63.27 -47.39 -19.70
CA LYS G 44 -63.61 -47.65 -18.31
C LYS G 44 -64.10 -46.40 -17.59
N PRO G 45 -63.30 -45.35 -17.59
CA PRO G 45 -63.69 -44.12 -16.90
C PRO G 45 -64.94 -43.50 -17.45
N MET G 46 -65.18 -43.62 -18.74
CA MET G 46 -66.38 -43.05 -19.34
C MET G 46 -67.67 -43.58 -18.68
N SER G 47 -67.74 -44.86 -18.45
CA SER G 47 -68.90 -45.44 -17.79
C SER G 47 -68.99 -44.94 -16.35
N LEU G 48 -67.87 -44.81 -15.66
CA LEU G 48 -67.89 -44.32 -14.30
C LEU G 48 -68.37 -42.85 -14.24
N ILE G 49 -67.88 -42.01 -15.10
CA ILE G 49 -68.26 -40.64 -15.13
C ILE G 49 -69.75 -40.47 -15.47
N ALA G 50 -70.21 -41.19 -16.49
CA ALA G 50 -71.60 -41.15 -16.92
C ALA G 50 -72.52 -41.62 -15.82
N SER G 51 -72.07 -42.53 -14.99
CA SER G 51 -72.90 -43.05 -13.91
C SER G 51 -73.13 -42.03 -12.77
N ASN G 52 -72.42 -40.92 -12.85
CA ASN G 52 -72.54 -39.88 -11.87
C ASN G 52 -73.41 -38.72 -12.34
N GLY G 53 -74.19 -38.93 -13.38
CA GLY G 53 -75.09 -37.90 -13.87
C GLY G 53 -74.60 -36.92 -14.89
N PHE G 54 -73.72 -37.38 -15.78
CA PHE G 54 -73.16 -36.59 -16.84
C PHE G 54 -73.33 -37.31 -18.15
N ARG G 55 -73.42 -36.55 -19.23
CA ARG G 55 -73.49 -37.08 -20.57
C ARG G 55 -72.07 -36.97 -21.08
N VAL G 56 -71.46 -38.10 -21.32
CA VAL G 56 -70.07 -38.15 -21.73
C VAL G 56 -69.91 -38.44 -23.22
N THR G 57 -69.03 -37.70 -23.85
CA THR G 57 -68.75 -37.79 -25.24
C THR G 57 -67.24 -37.93 -25.47
N THR G 58 -66.86 -38.87 -26.29
CA THR G 58 -65.49 -39.07 -26.68
C THR G 58 -65.44 -39.50 -28.17
N PHE G 59 -64.25 -39.46 -28.71
CA PHE G 59 -64.07 -39.71 -30.11
C PHE G 59 -62.63 -39.98 -30.50
N ASP G 60 -62.42 -40.69 -31.59
CA ASP G 60 -61.06 -40.88 -32.09
C ASP G 60 -60.71 -39.57 -32.80
N MET G 61 -59.48 -39.11 -32.68
CA MET G 61 -59.10 -37.84 -33.29
C MET G 61 -58.90 -37.97 -34.81
N PRO G 62 -59.03 -36.86 -35.54
CA PRO G 62 -58.95 -36.86 -37.01
C PRO G 62 -57.70 -37.52 -37.51
N GLY G 63 -57.85 -38.45 -38.42
CA GLY G 63 -56.74 -39.19 -38.97
C GLY G 63 -56.29 -40.40 -38.18
N MET G 64 -56.73 -40.47 -36.93
CA MET G 64 -56.38 -41.54 -36.02
C MET G 64 -57.45 -42.60 -35.80
N SER G 65 -56.98 -43.81 -35.63
CA SER G 65 -57.81 -44.94 -35.36
C SER G 65 -59.06 -44.98 -36.26
N ARG G 66 -60.23 -45.02 -35.66
CA ARG G 66 -61.47 -45.09 -36.38
C ARG G 66 -61.91 -43.82 -37.04
N SER G 67 -61.25 -42.73 -36.73
CA SER G 67 -61.53 -41.47 -37.35
C SER G 67 -60.49 -41.22 -38.46
N SER G 68 -59.90 -42.29 -38.98
CA SER G 68 -58.85 -42.16 -39.98
C SER G 68 -59.25 -41.63 -41.35
N ASP G 69 -60.53 -41.67 -41.66
CA ASP G 69 -61.01 -41.19 -42.95
C ASP G 69 -61.25 -39.72 -42.84
N ALA G 70 -60.18 -38.97 -43.03
CA ALA G 70 -60.22 -37.54 -42.91
C ALA G 70 -59.19 -36.91 -43.81
N PRO G 71 -59.35 -35.64 -44.09
CA PRO G 71 -58.41 -34.97 -44.97
C PRO G 71 -57.05 -34.86 -44.31
N PRO G 72 -55.97 -35.00 -45.08
CA PRO G 72 -54.60 -34.91 -44.60
C PRO G 72 -54.35 -33.67 -43.80
N GLU G 73 -54.97 -32.57 -44.17
CA GLU G 73 -54.80 -31.32 -43.45
C GLU G 73 -55.21 -31.42 -41.99
N THR G 74 -56.12 -32.32 -41.68
CA THR G 74 -56.64 -32.45 -40.32
C THR G 74 -55.70 -33.18 -39.37
N TYR G 75 -54.61 -33.70 -39.90
CA TYR G 75 -53.64 -34.36 -39.06
C TYR G 75 -52.17 -33.94 -39.38
N GLN G 76 -52.02 -32.81 -40.04
CA GLN G 76 -50.72 -32.30 -40.41
C GLN G 76 -50.61 -30.90 -39.86
N ASP G 77 -49.42 -30.47 -39.46
CA ASP G 77 -49.22 -29.14 -38.91
C ASP G 77 -50.20 -28.78 -37.82
N ILE G 78 -50.43 -29.72 -36.94
CA ILE G 78 -51.39 -29.61 -35.88
C ILE G 78 -51.01 -28.66 -34.76
N THR G 79 -52.01 -27.93 -34.29
CA THR G 79 -51.91 -27.04 -33.17
C THR G 79 -53.15 -27.19 -32.32
N GLY G 80 -53.12 -26.73 -31.10
CA GLY G 80 -54.30 -26.77 -30.26
C GLY G 80 -55.47 -26.02 -30.90
N ARG G 81 -55.18 -24.88 -31.49
CA ARG G 81 -56.23 -24.12 -32.14
C ARG G 81 -56.86 -24.88 -33.31
N LYS G 82 -56.07 -25.54 -34.12
CA LYS G 82 -56.58 -26.28 -35.24
C LYS G 82 -57.53 -27.37 -34.74
N LEU G 83 -57.10 -28.11 -33.73
CA LEU G 83 -57.92 -29.18 -33.18
C LEU G 83 -59.19 -28.63 -32.56
N ALA G 84 -59.07 -27.48 -31.91
CA ALA G 84 -60.20 -26.86 -31.27
C ALA G 84 -61.26 -26.56 -32.30
N GLY G 85 -60.84 -26.06 -33.45
CA GLY G 85 -61.74 -25.76 -34.53
C GLY G 85 -62.53 -26.95 -34.98
N TYR G 86 -61.87 -28.08 -35.17
CA TYR G 86 -62.51 -29.29 -35.58
C TYR G 86 -63.46 -29.77 -34.52
N ILE G 87 -63.06 -29.64 -33.28
CA ILE G 87 -63.91 -30.10 -32.21
C ILE G 87 -65.18 -29.25 -32.06
N ILE G 88 -65.07 -27.96 -32.24
CA ILE G 88 -66.23 -27.08 -32.17
C ILE G 88 -67.26 -27.50 -33.25
N THR G 89 -66.78 -27.79 -34.44
CA THR G 89 -67.63 -28.22 -35.52
C THR G 89 -68.37 -29.47 -35.13
N LEU G 90 -67.67 -30.41 -34.54
CA LEU G 90 -68.28 -31.64 -34.10
C LEU G 90 -69.28 -31.38 -32.97
N LEU G 91 -68.93 -30.54 -32.02
CA LEU G 91 -69.83 -30.24 -30.93
C LEU G 91 -71.10 -29.58 -31.46
N ASP G 92 -70.92 -28.71 -32.43
CA ASP G 92 -72.04 -28.06 -33.07
C ASP G 92 -72.97 -29.09 -33.67
N THR G 93 -72.38 -30.04 -34.37
CA THR G 93 -73.12 -31.10 -34.99
C THR G 93 -73.84 -31.96 -34.00
N LEU G 94 -73.22 -32.19 -32.85
CA LEU G 94 -73.77 -33.03 -31.83
C LEU G 94 -74.73 -32.31 -30.87
N ASP G 95 -74.89 -31.03 -31.08
CA ASP G 95 -75.73 -30.17 -30.28
C ASP G 95 -75.28 -30.11 -28.83
N ILE G 96 -73.99 -29.98 -28.64
CA ILE G 96 -73.42 -29.85 -27.32
C ILE G 96 -73.09 -28.39 -27.20
N LYS G 97 -73.88 -27.67 -26.45
CA LYS G 97 -73.68 -26.26 -26.28
C LYS G 97 -72.56 -25.83 -25.34
N ILE G 98 -72.40 -26.52 -24.23
CA ILE G 98 -71.39 -26.20 -23.24
C ILE G 98 -70.95 -27.48 -22.53
N ALA G 99 -69.68 -27.58 -22.19
CA ALA G 99 -69.16 -28.79 -21.58
C ALA G 99 -67.93 -28.63 -20.70
N SER G 100 -67.76 -29.60 -19.84
CA SER G 100 -66.60 -29.72 -19.01
C SER G 100 -65.67 -30.49 -19.97
N VAL G 101 -64.50 -29.97 -20.25
CA VAL G 101 -63.58 -30.58 -21.22
C VAL G 101 -62.23 -31.01 -20.65
N TRP G 102 -61.90 -32.28 -20.81
CA TRP G 102 -60.66 -32.91 -20.38
C TRP G 102 -59.73 -33.14 -21.59
N GLY G 103 -58.44 -33.07 -21.39
CA GLY G 103 -57.52 -33.36 -22.44
C GLY G 103 -56.08 -33.43 -21.97
N CYS G 104 -55.37 -34.44 -22.43
CA CYS G 104 -53.97 -34.61 -22.13
C CYS G 104 -53.10 -34.29 -23.35
N ALA G 105 -51.93 -33.74 -23.13
CA ALA G 105 -50.95 -33.44 -24.17
C ALA G 105 -51.55 -32.55 -25.23
N SER G 106 -51.60 -33.01 -26.47
CA SER G 106 -52.23 -32.27 -27.56
C SER G 106 -53.73 -32.00 -27.24
N GLY G 107 -54.34 -32.92 -26.49
CA GLY G 107 -55.71 -32.78 -26.03
C GLY G 107 -55.76 -31.59 -25.05
N ALA G 108 -54.74 -31.45 -24.22
CA ALA G 108 -54.62 -30.34 -23.29
C ALA G 108 -54.40 -29.03 -24.03
N SER G 109 -53.57 -29.05 -25.07
CA SER G 109 -53.36 -27.85 -25.90
C SER G 109 -54.71 -27.44 -26.45
N THR G 110 -55.50 -28.44 -26.82
CA THR G 110 -56.84 -28.23 -27.36
C THR G 110 -57.76 -27.62 -26.30
N VAL G 111 -57.73 -28.13 -25.08
CA VAL G 111 -58.53 -27.58 -24.01
C VAL G 111 -58.25 -26.09 -23.79
N LEU G 112 -56.99 -25.74 -23.78
CA LEU G 112 -56.58 -24.37 -23.61
C LEU G 112 -57.02 -23.53 -24.79
N ALA G 113 -56.98 -24.06 -25.98
CA ALA G 113 -57.46 -23.30 -27.11
C ALA G 113 -58.96 -23.04 -26.98
N LEU G 114 -59.70 -24.03 -26.52
CA LEU G 114 -61.11 -23.89 -26.32
C LEU G 114 -61.40 -22.85 -25.24
N CYS G 115 -60.63 -22.87 -24.18
CA CYS G 115 -60.80 -21.94 -23.10
C CYS G 115 -60.48 -20.50 -23.50
N SER G 116 -59.57 -20.35 -24.43
CA SER G 116 -59.13 -19.04 -24.86
C SER G 116 -59.96 -18.45 -25.98
N ASP G 117 -60.31 -19.26 -26.95
CA ASP G 117 -61.01 -18.83 -28.13
C ASP G 117 -62.52 -19.14 -28.20
N TYR G 118 -63.01 -20.04 -27.35
CA TYR G 118 -64.39 -20.45 -27.35
C TYR G 118 -64.85 -20.65 -25.94
N PRO G 119 -64.63 -19.66 -25.10
CA PRO G 119 -64.95 -19.67 -23.68
C PRO G 119 -66.42 -19.91 -23.43
N GLU G 120 -67.27 -19.47 -24.34
CA GLU G 120 -68.71 -19.66 -24.25
C GLU G 120 -69.11 -21.13 -24.29
N ARG G 121 -68.24 -21.97 -24.83
CA ARG G 121 -68.47 -23.38 -24.95
C ARG G 121 -67.88 -24.24 -23.83
N VAL G 122 -67.13 -23.64 -22.95
CA VAL G 122 -66.48 -24.37 -21.89
C VAL G 122 -66.93 -24.04 -20.49
N ARG G 123 -67.53 -24.99 -19.81
CA ARG G 123 -67.93 -24.77 -18.45
C ARG G 123 -66.70 -24.73 -17.55
N ASN G 124 -65.77 -25.64 -17.83
CA ASN G 124 -64.51 -25.75 -17.12
C ASN G 124 -63.57 -26.63 -17.92
N GLY G 125 -62.30 -26.28 -17.89
CA GLY G 125 -61.27 -27.00 -18.59
C GLY G 125 -60.32 -27.75 -17.69
N MET G 126 -59.95 -28.94 -18.12
CA MET G 126 -59.10 -29.81 -17.38
C MET G 126 -57.94 -30.32 -18.23
N PRO G 127 -56.96 -29.46 -18.45
CA PRO G 127 -55.75 -29.74 -19.19
C PRO G 127 -54.80 -30.57 -18.35
N HIS G 128 -54.17 -31.54 -18.97
CA HIS G 128 -53.22 -32.42 -18.34
C HIS G 128 -51.96 -32.51 -19.20
N GLU G 129 -50.83 -32.14 -18.62
CA GLU G 129 -49.56 -32.20 -19.30
C GLU G 129 -49.51 -31.56 -20.70
N VAL G 130 -49.59 -30.25 -20.69
CA VAL G 130 -49.52 -29.45 -21.90
C VAL G 130 -48.09 -29.41 -22.46
N PRO G 131 -47.90 -29.87 -23.69
CA PRO G 131 -46.53 -29.81 -24.16
C PRO G 131 -46.03 -28.40 -24.47
N THR G 132 -44.92 -28.02 -23.89
CA THR G 132 -44.29 -26.74 -24.16
C THR G 132 -42.85 -26.91 -24.62
N GLU G 133 -42.26 -28.05 -24.31
CA GLU G 133 -40.90 -28.36 -24.73
C GLU G 133 -40.78 -29.85 -24.81
N ASN G 134 -40.48 -30.35 -25.98
CA ASN G 134 -40.38 -31.78 -26.11
C ASN G 134 -39.15 -32.38 -25.45
N PRO G 135 -39.29 -33.60 -24.91
CA PRO G 135 -38.17 -34.33 -24.36
C PRO G 135 -37.28 -34.81 -25.52
N ASP G 136 -36.04 -35.15 -25.23
CA ASP G 136 -35.11 -35.58 -26.25
C ASP G 136 -35.60 -36.68 -27.17
N ILE G 137 -36.34 -37.64 -26.66
CA ILE G 137 -36.84 -38.74 -27.47
C ILE G 137 -37.78 -38.33 -28.62
N LEU G 138 -38.36 -37.14 -28.55
CA LEU G 138 -39.28 -36.64 -29.57
C LEU G 138 -38.74 -35.57 -30.49
N LEU G 139 -37.59 -35.00 -30.19
CA LEU G 139 -37.08 -33.95 -31.01
C LEU G 139 -36.86 -34.29 -32.49
N HIS G 140 -36.56 -35.53 -32.77
CA HIS G 140 -36.28 -35.92 -34.14
C HIS G 140 -37.10 -37.09 -34.66
N ILE G 141 -38.19 -37.40 -33.98
CA ILE G 141 -39.02 -38.50 -34.34
C ILE G 141 -39.64 -38.41 -35.73
N HIS G 142 -39.89 -37.21 -36.20
CA HIS G 142 -40.47 -36.95 -37.50
C HIS G 142 -39.48 -37.14 -38.64
N GLU G 143 -38.23 -37.37 -38.32
CA GLU G 143 -37.20 -37.52 -39.32
C GLU G 143 -37.06 -38.93 -39.83
N VAL G 144 -37.57 -39.90 -39.10
CA VAL G 144 -37.41 -41.27 -39.51
C VAL G 144 -38.62 -41.86 -40.22
N ASP G 145 -38.52 -43.12 -40.55
CA ASP G 145 -39.52 -43.86 -41.28
C ASP G 145 -40.62 -44.47 -40.40
N PRO G 146 -41.83 -44.65 -40.94
CA PRO G 146 -43.01 -45.17 -40.22
C PRO G 146 -42.75 -46.40 -39.38
N ALA G 147 -42.08 -47.39 -39.93
CA ALA G 147 -41.79 -48.60 -39.20
C ALA G 147 -40.99 -48.31 -37.96
N THR G 148 -39.98 -47.48 -38.10
CA THR G 148 -39.17 -47.12 -36.96
C THR G 148 -39.99 -46.32 -35.94
N ILE G 149 -40.81 -45.44 -36.45
CA ILE G 149 -41.62 -44.61 -35.59
C ILE G 149 -42.55 -45.46 -34.75
N SER G 150 -43.19 -46.43 -35.38
CA SER G 150 -44.12 -47.29 -34.68
C SER G 150 -43.43 -48.05 -33.58
N GLN G 151 -42.25 -48.57 -33.86
CA GLN G 151 -41.52 -49.34 -32.90
C GLN G 151 -41.08 -48.49 -31.68
N GLU G 152 -40.49 -47.35 -31.96
CA GLU G 152 -40.00 -46.44 -30.94
C GLU G 152 -41.13 -45.84 -30.11
N MET G 153 -42.15 -45.35 -30.78
CA MET G 153 -43.26 -44.69 -30.11
C MET G 153 -44.13 -45.68 -29.32
N ALA G 154 -44.25 -46.90 -29.80
CA ALA G 154 -45.01 -47.88 -29.06
C ALA G 154 -44.30 -48.12 -27.73
N ALA G 155 -42.98 -48.21 -27.76
CA ALA G 155 -42.18 -48.41 -26.57
C ALA G 155 -42.24 -47.19 -25.65
N ASN G 156 -42.08 -46.02 -26.23
CA ASN G 156 -42.15 -44.77 -25.50
C ASN G 156 -43.48 -44.59 -24.75
N SER G 157 -44.57 -44.78 -25.46
CA SER G 157 -45.88 -44.65 -24.90
C SER G 157 -46.08 -45.64 -23.78
N ARG G 158 -45.63 -46.86 -23.97
CA ARG G 158 -45.75 -47.87 -22.96
C ARG G 158 -44.98 -47.47 -21.71
N ALA G 159 -43.78 -46.93 -21.91
CA ALA G 159 -42.91 -46.49 -20.85
C ALA G 159 -43.54 -45.38 -20.02
N TYR G 160 -44.28 -44.51 -20.65
CA TYR G 160 -44.93 -43.42 -19.93
C TYR G 160 -46.38 -43.72 -19.63
N SER G 161 -46.73 -44.98 -19.66
CA SER G 161 -48.08 -45.38 -19.50
C SER G 161 -48.63 -45.18 -18.11
N GLY G 162 -47.75 -45.25 -17.14
CA GLY G 162 -48.13 -45.13 -15.76
C GLY G 162 -48.56 -46.44 -15.13
N ASN G 163 -48.64 -47.48 -15.94
CA ASN G 163 -49.03 -48.83 -15.52
C ASN G 163 -48.95 -49.71 -16.76
N VAL G 164 -47.80 -50.33 -16.95
CA VAL G 164 -47.58 -51.10 -18.13
C VAL G 164 -48.57 -52.27 -18.32
N GLU G 165 -48.99 -52.89 -17.25
CA GLU G 165 -49.91 -54.00 -17.35
C GLU G 165 -51.27 -53.52 -17.87
N ALA G 166 -51.77 -52.42 -17.35
CA ALA G 166 -53.01 -51.85 -17.81
C ALA G 166 -52.88 -51.39 -19.26
N TRP G 167 -51.73 -50.88 -19.62
CA TRP G 167 -51.45 -50.42 -20.98
C TRP G 167 -51.55 -51.59 -21.94
N ASP G 168 -50.82 -52.64 -21.63
CA ASP G 168 -50.83 -53.88 -22.41
C ASP G 168 -52.25 -54.46 -22.45
N ALA G 169 -52.94 -54.34 -21.34
CA ALA G 169 -54.30 -54.82 -21.16
C ALA G 169 -55.37 -54.10 -21.96
N LEU G 170 -54.97 -53.06 -22.69
CA LEU G 170 -55.88 -52.39 -23.60
C LEU G 170 -56.23 -53.34 -24.73
N GLY G 171 -55.38 -54.31 -24.98
CA GLY G 171 -55.63 -55.32 -25.97
C GLY G 171 -55.01 -55.17 -27.35
N PRO G 172 -54.89 -56.29 -28.06
CA PRO G 172 -54.32 -56.33 -29.40
C PRO G 172 -55.02 -55.46 -30.40
N GLU G 173 -56.33 -55.37 -30.38
CA GLU G 173 -57.01 -54.54 -31.34
C GLU G 173 -56.62 -53.08 -31.17
N VAL G 174 -56.64 -52.61 -29.94
CA VAL G 174 -56.28 -51.24 -29.68
C VAL G 174 -54.84 -50.98 -30.12
N HIS G 175 -53.94 -51.88 -29.76
CA HIS G 175 -52.53 -51.70 -30.09
C HIS G 175 -52.24 -51.77 -31.58
N ALA G 176 -53.10 -52.47 -32.31
CA ALA G 176 -52.97 -52.52 -33.76
C ALA G 176 -53.39 -51.15 -34.32
N ARG G 177 -54.42 -50.56 -33.76
CA ARG G 177 -54.82 -49.24 -34.22
C ARG G 177 -53.70 -48.24 -33.93
N LEU G 178 -53.16 -48.30 -32.72
CA LEU G 178 -52.09 -47.42 -32.32
C LEU G 178 -50.88 -47.51 -33.24
N HIS G 179 -50.51 -48.73 -33.60
CA HIS G 179 -49.41 -48.98 -34.53
C HIS G 179 -49.52 -48.08 -35.75
N ASP G 180 -50.70 -48.00 -36.33
CA ASP G 180 -50.91 -47.18 -37.50
C ASP G 180 -50.98 -45.68 -37.18
N ASN G 181 -51.30 -45.32 -35.97
CA ASN G 181 -51.37 -43.92 -35.62
C ASN G 181 -49.99 -43.25 -35.39
N TYR G 182 -49.05 -44.02 -34.86
CA TYR G 182 -47.75 -43.46 -34.48
C TYR G 182 -47.10 -42.58 -35.54
N PRO G 183 -46.97 -43.10 -36.75
CA PRO G 183 -46.36 -42.29 -37.80
C PRO G 183 -47.13 -41.01 -38.09
N ARG G 184 -48.44 -41.09 -38.19
CA ARG G 184 -49.24 -39.91 -38.44
C ARG G 184 -49.09 -38.90 -37.35
N TRP G 185 -49.08 -39.35 -36.11
CA TRP G 185 -48.89 -38.46 -34.97
C TRP G 185 -47.51 -37.78 -35.09
N ALA G 186 -46.48 -38.58 -35.30
CA ALA G 186 -45.11 -38.08 -35.40
C ALA G 186 -44.93 -37.01 -36.47
N TYR G 187 -45.43 -37.26 -37.66
CA TYR G 187 -45.29 -36.29 -38.71
C TYR G 187 -46.14 -35.06 -38.55
N GLY G 188 -47.22 -35.16 -37.77
CA GLY G 188 -48.11 -34.04 -37.64
C GLY G 188 -48.23 -33.27 -36.37
N TYR G 189 -47.75 -33.82 -35.26
CA TYR G 189 -47.90 -33.22 -33.93
C TYR G 189 -46.72 -32.58 -33.15
N PRO G 190 -45.65 -33.33 -32.90
CA PRO G 190 -44.57 -32.83 -32.05
C PRO G 190 -43.82 -31.58 -32.49
N ARG G 191 -43.73 -31.34 -33.78
CA ARG G 191 -43.04 -30.14 -34.23
C ARG G 191 -43.89 -28.88 -33.99
N THR G 192 -45.18 -28.99 -34.17
CA THR G 192 -46.05 -27.84 -34.11
C THR G 192 -46.88 -27.67 -32.87
N ILE G 193 -47.07 -28.72 -32.12
CA ILE G 193 -47.85 -28.59 -30.93
C ILE G 193 -47.25 -27.74 -29.82
N PRO G 194 -45.99 -27.98 -29.45
CA PRO G 194 -45.41 -27.21 -28.35
C PRO G 194 -45.35 -25.71 -28.58
N PRO G 195 -44.89 -25.28 -29.73
CA PRO G 195 -44.82 -23.83 -29.98
C PRO G 195 -46.17 -23.11 -29.98
N SER G 196 -47.24 -23.85 -30.19
CA SER G 196 -48.56 -23.29 -30.25
C SER G 196 -49.36 -23.40 -28.97
N ALA G 197 -48.73 -23.84 -27.90
CA ALA G 197 -49.39 -23.99 -26.63
C ALA G 197 -50.08 -22.70 -26.26
N PRO G 198 -51.38 -22.75 -25.94
CA PRO G 198 -52.05 -21.50 -25.55
C PRO G 198 -51.89 -21.25 -24.08
N VAL G 199 -50.70 -20.86 -23.69
CA VAL G 199 -50.39 -20.63 -22.32
C VAL G 199 -50.07 -19.18 -21.97
N LYS G 200 -50.44 -18.25 -22.83
CA LYS G 200 -50.24 -16.85 -22.56
C LYS G 200 -51.28 -16.42 -21.53
N THR G 201 -51.04 -15.30 -20.87
CA THR G 201 -51.96 -14.77 -19.87
C THR G 201 -53.35 -14.60 -20.42
N GLU G 202 -53.43 -14.17 -21.68
CA GLU G 202 -54.68 -13.93 -22.40
C GLU G 202 -55.51 -15.17 -22.64
N ASP G 203 -54.86 -16.32 -22.62
CA ASP G 203 -55.54 -17.55 -22.86
C ASP G 203 -56.11 -18.21 -21.63
N LEU G 204 -55.65 -17.82 -20.48
CA LEU G 204 -55.96 -18.54 -19.26
C LEU G 204 -56.95 -18.09 -18.23
N HIS G 205 -57.59 -16.95 -18.42
CA HIS G 205 -58.52 -16.49 -17.40
C HIS G 205 -59.95 -16.20 -17.86
N LYS G 206 -60.40 -16.83 -18.93
CA LYS G 206 -61.75 -16.62 -19.41
C LYS G 206 -62.76 -17.55 -18.77
N VAL G 207 -62.35 -18.78 -18.52
CA VAL G 207 -63.17 -19.79 -17.90
C VAL G 207 -62.38 -20.51 -16.81
N PRO G 208 -63.04 -21.27 -15.95
CA PRO G 208 -62.26 -21.95 -14.93
C PRO G 208 -61.37 -23.05 -15.51
N ILE G 209 -60.20 -23.20 -14.95
CA ILE G 209 -59.22 -24.18 -15.38
C ILE G 209 -58.65 -24.90 -14.16
N ASP G 210 -58.57 -26.23 -14.24
CA ASP G 210 -57.97 -27.03 -13.21
C ASP G 210 -56.93 -27.85 -13.98
N TRP G 211 -55.66 -27.54 -13.77
CA TRP G 211 -54.53 -28.11 -14.50
C TRP G 211 -53.85 -29.25 -13.75
N THR G 212 -53.45 -30.28 -14.47
CA THR G 212 -52.80 -31.39 -13.82
C THR G 212 -51.54 -31.90 -14.55
N VAL G 213 -50.70 -32.57 -13.79
CA VAL G 213 -49.53 -33.26 -14.23
C VAL G 213 -49.56 -34.64 -13.54
N GLY G 214 -49.03 -35.67 -14.17
CA GLY G 214 -49.06 -36.97 -13.59
C GLY G 214 -48.28 -37.02 -12.31
N ALA G 215 -48.77 -37.70 -11.31
CA ALA G 215 -48.07 -37.80 -10.04
C ALA G 215 -46.74 -38.50 -10.17
N SER G 216 -46.66 -39.47 -11.05
CA SER G 216 -45.47 -40.23 -11.25
C SER G 216 -44.62 -39.77 -12.42
N THR G 217 -45.11 -38.80 -13.14
CA THR G 217 -44.37 -38.27 -14.25
C THR G 217 -43.05 -37.66 -13.73
N PRO G 218 -41.94 -37.96 -14.41
CA PRO G 218 -40.67 -37.36 -14.01
C PRO G 218 -40.81 -35.85 -13.90
N THR G 219 -40.35 -35.27 -12.82
CA THR G 219 -40.48 -33.85 -12.59
C THR G 219 -40.06 -32.94 -13.75
N LYS G 220 -38.99 -33.30 -14.41
CA LYS G 220 -38.49 -32.51 -15.49
C LYS G 220 -39.41 -32.36 -16.69
N LEU G 221 -40.15 -33.41 -16.97
CA LEU G 221 -40.95 -33.45 -18.18
C LEU G 221 -41.92 -32.33 -18.36
N PHE G 222 -42.75 -32.11 -17.38
CA PHE G 222 -43.76 -31.08 -17.45
C PHE G 222 -43.56 -29.98 -16.41
N PHE G 223 -42.31 -29.81 -16.02
CA PHE G 223 -41.85 -28.83 -15.07
C PHE G 223 -42.44 -27.46 -15.38
N GLU G 224 -42.38 -27.05 -16.63
CA GLU G 224 -42.88 -25.75 -17.01
C GLU G 224 -44.38 -25.53 -16.88
N ASN G 225 -45.15 -26.59 -16.92
CA ASN G 225 -46.58 -26.52 -16.72
C ASN G 225 -46.78 -25.95 -15.33
N ILE G 226 -46.05 -26.50 -14.37
CA ILE G 226 -46.16 -26.06 -12.97
C ILE G 226 -45.77 -24.60 -12.78
N VAL G 227 -44.69 -24.20 -13.40
CA VAL G 227 -44.22 -22.83 -13.33
C VAL G 227 -45.26 -21.89 -13.90
N ILE G 228 -45.76 -22.19 -15.08
CA ILE G 228 -46.78 -21.36 -15.70
C ILE G 228 -48.03 -21.24 -14.85
N ALA G 229 -48.57 -22.36 -14.40
CA ALA G 229 -49.75 -22.30 -13.59
C ALA G 229 -49.53 -21.51 -12.30
N ALA G 230 -48.40 -21.70 -11.67
CA ALA G 230 -48.09 -21.01 -10.44
C ALA G 230 -48.00 -19.52 -10.67
N ARG G 231 -47.30 -19.12 -11.71
CA ARG G 231 -47.19 -17.72 -12.02
C ARG G 231 -48.52 -17.10 -12.40
N GLU G 232 -49.41 -17.85 -13.01
CA GLU G 232 -50.70 -17.34 -13.41
C GLU G 232 -51.82 -17.50 -12.41
N GLY G 233 -51.58 -18.14 -11.30
CA GLY G 233 -52.63 -18.32 -10.33
C GLY G 233 -53.70 -19.35 -10.67
N ILE G 234 -53.37 -20.30 -11.52
CA ILE G 234 -54.27 -21.35 -11.94
C ILE G 234 -54.12 -22.56 -11.07
N ASN G 235 -55.22 -23.17 -10.70
CA ASN G 235 -55.18 -24.36 -9.89
C ASN G 235 -54.30 -25.40 -10.59
N ILE G 236 -53.33 -25.94 -9.89
CA ILE G 236 -52.44 -26.96 -10.42
C ILE G 236 -52.27 -28.08 -9.40
N GLY G 237 -52.24 -29.31 -9.86
CA GLY G 237 -52.07 -30.43 -9.00
C GLY G 237 -51.70 -31.66 -9.78
N THR G 238 -51.71 -32.80 -9.14
CA THR G 238 -51.39 -34.02 -9.79
C THR G 238 -52.53 -35.01 -9.78
N LEU G 239 -52.43 -35.98 -10.66
CA LEU G 239 -53.34 -37.09 -10.75
C LEU G 239 -52.49 -38.31 -10.75
N PRO G 240 -52.99 -39.37 -10.15
CA PRO G 240 -52.24 -40.61 -10.13
C PRO G 240 -51.86 -41.04 -11.53
N GLY G 241 -50.68 -41.57 -11.67
CA GLY G 241 -50.20 -42.05 -12.92
C GLY G 241 -49.19 -41.15 -13.60
N ASN G 242 -49.11 -41.30 -14.90
CA ASN G 242 -48.15 -40.61 -15.73
C ASN G 242 -48.89 -39.87 -16.85
N HIS G 243 -48.66 -40.25 -18.09
CA HIS G 243 -49.26 -39.55 -19.24
C HIS G 243 -50.68 -40.00 -19.63
N PHE G 244 -51.13 -41.12 -19.08
CA PHE G 244 -52.41 -41.70 -19.38
C PHE G 244 -53.18 -42.15 -18.13
N PRO G 245 -53.55 -41.20 -17.28
CA PRO G 245 -54.26 -41.49 -16.04
C PRO G 245 -55.57 -42.23 -16.24
N TYR G 246 -56.19 -42.00 -17.39
CA TYR G 246 -57.42 -42.63 -17.76
C TYR G 246 -57.23 -44.12 -17.97
N VAL G 247 -56.04 -44.51 -18.35
CA VAL G 247 -55.73 -45.91 -18.55
C VAL G 247 -55.16 -46.54 -17.30
N SER G 248 -54.18 -45.89 -16.71
CA SER G 248 -53.52 -46.40 -15.53
C SER G 248 -54.36 -46.42 -14.26
N HIS G 249 -55.12 -45.36 -14.04
CA HIS G 249 -55.91 -45.17 -12.85
C HIS G 249 -57.32 -44.67 -13.18
N PRO G 250 -58.10 -45.50 -13.85
CA PRO G 250 -59.42 -45.12 -14.30
C PRO G 250 -60.34 -44.64 -13.19
N GLU G 251 -60.33 -45.29 -12.06
CA GLU G 251 -61.20 -44.89 -10.95
C GLU G 251 -60.88 -43.50 -10.41
N GLU G 252 -59.61 -43.26 -10.15
CA GLU G 252 -59.16 -41.98 -9.68
C GLU G 252 -59.39 -40.89 -10.72
N PHE G 253 -59.18 -41.23 -11.97
CA PHE G 253 -59.39 -40.31 -13.06
C PHE G 253 -60.85 -39.88 -13.13
N ALA G 254 -61.74 -40.85 -13.12
CA ALA G 254 -63.17 -40.57 -13.14
C ALA G 254 -63.61 -39.68 -11.97
N LYS G 255 -63.13 -40.01 -10.80
CA LYS G 255 -63.43 -39.27 -9.61
C LYS G 255 -63.00 -37.82 -9.76
N TYR G 256 -61.81 -37.61 -10.28
CA TYR G 256 -61.31 -36.26 -10.51
C TYR G 256 -62.20 -35.49 -11.44
N VAL G 257 -62.55 -36.09 -12.55
CA VAL G 257 -63.37 -35.41 -13.52
C VAL G 257 -64.75 -35.06 -12.96
N VAL G 258 -65.33 -35.97 -12.23
CA VAL G 258 -66.64 -35.74 -11.65
C VAL G 258 -66.58 -34.65 -10.60
N GLU G 259 -65.71 -34.83 -9.63
CA GLU G 259 -65.56 -33.87 -8.59
C GLU G 259 -65.22 -32.49 -9.11
N THR G 260 -64.28 -32.41 -10.02
CA THR G 260 -63.89 -31.14 -10.58
C THR G 260 -65.02 -30.46 -11.31
N SER G 261 -65.73 -31.21 -12.15
CA SER G 261 -66.83 -30.64 -12.90
C SER G 261 -67.99 -30.20 -11.99
N ARG G 262 -68.22 -30.94 -10.93
CA ARG G 262 -69.28 -30.64 -9.98
C ARG G 262 -69.11 -29.31 -9.28
N LYS G 263 -67.88 -28.82 -9.20
CA LYS G 263 -67.60 -27.52 -8.59
C LYS G 263 -68.16 -26.38 -9.38
N TYR G 264 -68.42 -26.62 -10.63
CA TYR G 264 -68.91 -25.59 -11.49
C TYR G 264 -70.37 -25.74 -11.92
N LEU G 265 -71.09 -26.57 -11.23
CA LEU G 265 -72.49 -26.75 -11.50
C LEU G 265 -73.22 -26.12 -10.32
N ALA H 3 77.93 48.30 11.86
CA ALA H 3 77.45 48.59 10.51
C ALA H 3 77.41 50.05 10.23
N THR H 4 78.05 50.43 9.17
CA THR H 4 78.02 51.81 8.80
C THR H 4 77.38 51.88 7.42
N ARG H 5 76.73 52.99 7.13
CA ARG H 5 76.12 53.17 5.85
C ARG H 5 77.00 54.02 4.93
N THR H 6 77.40 53.44 3.82
CA THR H 6 78.15 54.16 2.86
C THR H 6 77.20 54.91 1.93
N ARG H 7 77.43 56.19 1.75
CA ARG H 7 76.66 57.02 0.87
C ARG H 7 77.60 57.70 -0.11
N GLY H 8 77.28 57.66 -1.37
CA GLY H 8 78.12 58.28 -2.36
C GLY H 8 77.49 58.52 -3.71
N TYR H 9 78.28 59.09 -4.58
CA TYR H 9 77.92 59.38 -5.93
C TYR H 9 78.98 58.77 -6.84
N VAL H 10 78.59 58.32 -8.01
CA VAL H 10 79.54 57.83 -8.97
C VAL H 10 78.98 58.06 -10.37
N THR H 11 79.82 58.52 -11.28
CA THR H 11 79.40 58.79 -12.64
C THR H 11 79.83 57.66 -13.54
N THR H 12 78.87 57.00 -14.14
CA THR H 12 79.12 55.89 -15.00
C THR H 12 79.35 56.36 -16.44
N LYS H 13 79.81 55.46 -17.29
CA LYS H 13 80.15 55.76 -18.67
C LYS H 13 79.01 56.22 -19.54
N ASP H 14 77.79 55.95 -19.12
CA ASP H 14 76.62 56.37 -19.82
C ASP H 14 76.19 57.78 -19.42
N GLY H 15 76.98 58.45 -18.60
CA GLY H 15 76.71 59.80 -18.18
C GLY H 15 75.86 60.02 -16.95
N ILE H 16 75.40 58.96 -16.35
CA ILE H 16 74.57 59.08 -15.18
C ILE H 16 75.37 59.34 -13.92
N LYS H 17 75.05 60.38 -13.20
CA LYS H 17 75.70 60.60 -11.93
C LYS H 17 74.77 60.00 -10.87
N TRP H 18 75.06 58.78 -10.53
CA TRP H 18 74.27 58.02 -9.58
C TRP H 18 74.50 58.36 -8.12
N TYR H 19 73.43 58.33 -7.36
CA TYR H 19 73.50 58.42 -5.92
C TYR H 19 73.20 57.00 -5.44
N TYR H 20 74.05 56.45 -4.61
CA TYR H 20 73.88 55.09 -4.12
C TYR H 20 74.24 54.96 -2.64
N GLU H 21 73.76 53.91 -2.02
CA GLU H 21 74.04 53.61 -0.63
C GLU H 21 74.38 52.14 -0.51
N GLN H 22 75.19 51.80 0.47
CA GLN H 22 75.60 50.43 0.68
C GLN H 22 75.83 50.17 2.16
N GLU H 23 75.54 48.96 2.60
CA GLU H 23 75.72 48.58 3.98
C GLU H 23 75.94 47.09 4.11
N GLY H 24 76.82 46.71 5.01
CA GLY H 24 77.11 45.33 5.30
C GLY H 24 78.18 44.65 4.49
N SER H 25 78.39 43.38 4.81
CA SER H 25 79.36 42.58 4.11
C SER H 25 78.81 41.17 3.95
N GLY H 26 79.23 40.54 2.88
CA GLY H 26 78.80 39.22 2.53
C GLY H 26 78.30 39.17 1.09
N PRO H 27 77.51 38.14 0.76
CA PRO H 27 76.98 38.08 -0.59
C PRO H 27 76.10 39.31 -0.89
N ASP H 28 76.01 39.66 -2.15
CA ASP H 28 75.29 40.84 -2.53
C ASP H 28 73.77 40.76 -2.69
N VAL H 29 73.10 41.80 -2.21
CA VAL H 29 71.68 42.00 -2.37
C VAL H 29 71.50 43.42 -2.94
N VAL H 30 70.77 43.53 -4.02
CA VAL H 30 70.51 44.81 -4.68
C VAL H 30 69.02 45.12 -4.57
N LEU H 31 68.72 46.30 -4.11
CA LEU H 31 67.36 46.77 -3.93
C LEU H 31 67.06 47.88 -4.92
N ILE H 32 66.34 47.52 -5.96
CA ILE H 32 66.00 48.42 -6.99
C ILE H 32 64.71 49.12 -6.66
N PRO H 33 64.74 50.44 -6.67
CA PRO H 33 63.50 51.09 -6.32
C PRO H 33 62.40 50.86 -7.33
N ASP H 34 61.22 51.29 -6.91
CA ASP H 34 60.06 51.38 -7.77
C ASP H 34 60.29 52.63 -8.67
N GLY H 35 59.31 52.92 -9.50
CA GLY H 35 59.32 54.00 -10.46
C GLY H 35 59.75 55.37 -9.96
N LEU H 36 59.40 55.67 -8.72
CA LEU H 36 59.75 56.94 -8.11
C LEU H 36 61.26 57.09 -7.89
N GLY H 37 61.96 55.97 -7.90
CA GLY H 37 63.40 55.95 -7.83
C GLY H 37 64.08 56.60 -6.64
N GLU H 38 63.46 56.47 -5.50
CA GLU H 38 63.89 57.08 -4.26
C GLU H 38 64.38 56.03 -3.26
N CYS H 39 65.69 55.87 -3.15
CA CYS H 39 66.26 54.83 -2.31
C CYS H 39 66.20 55.02 -0.80
N GLN H 40 65.77 56.20 -0.34
CA GLN H 40 65.58 56.45 1.10
C GLN H 40 64.44 55.57 1.62
N MET H 41 63.62 55.06 0.72
CA MET H 41 62.53 54.16 1.07
C MET H 41 63.05 52.83 1.61
N PHE H 42 64.26 52.49 1.25
CA PHE H 42 64.93 51.28 1.69
C PHE H 42 65.80 51.45 2.98
N ASP H 43 65.89 52.65 3.51
CA ASP H 43 66.74 52.94 4.65
C ASP H 43 66.60 51.92 5.79
N LYS H 44 65.39 51.66 6.22
CA LYS H 44 65.17 50.76 7.33
C LYS H 44 65.52 49.31 7.06
N PRO H 45 64.96 48.74 5.99
CA PRO H 45 65.21 47.32 5.68
C PRO H 45 66.63 47.04 5.23
N MET H 46 67.26 48.06 4.74
CA MET H 46 68.61 47.94 4.33
C MET H 46 69.52 47.53 5.52
N SER H 47 69.32 48.14 6.67
CA SER H 47 70.06 47.80 7.86
C SER H 47 69.68 46.41 8.36
N LEU H 48 68.42 46.09 8.32
CA LEU H 48 67.94 44.80 8.74
C LEU H 48 68.51 43.66 7.91
N ILE H 49 68.51 43.83 6.61
CA ILE H 49 69.03 42.83 5.70
C ILE H 49 70.53 42.67 5.88
N ALA H 50 71.22 43.80 5.92
CA ALA H 50 72.66 43.87 6.10
C ALA H 50 73.11 43.17 7.36
N SER H 51 72.33 43.29 8.41
CA SER H 51 72.68 42.67 9.66
C SER H 51 72.53 41.14 9.69
N ASN H 52 72.11 40.56 8.58
CA ASN H 52 71.93 39.15 8.47
C ASN H 52 73.02 38.52 7.61
N GLY H 53 74.07 39.25 7.37
CA GLY H 53 75.18 38.75 6.63
C GLY H 53 75.24 39.02 5.15
N PHE H 54 74.71 40.15 4.74
CA PHE H 54 74.70 40.51 3.33
C PHE H 54 75.23 41.91 3.13
N ARG H 55 75.77 42.16 1.95
CA ARG H 55 76.21 43.47 1.56
C ARG H 55 75.04 43.95 0.68
N VAL H 56 74.40 45.00 1.11
CA VAL H 56 73.22 45.48 0.46
C VAL H 56 73.49 46.81 -0.23
N THR H 57 73.08 46.88 -1.48
CA THR H 57 73.25 48.05 -2.29
C THR H 57 71.90 48.57 -2.87
N THR H 58 71.74 49.87 -2.83
CA THR H 58 70.58 50.54 -3.39
C THR H 58 71.02 51.90 -3.94
N PHE H 59 70.14 52.50 -4.71
CA PHE H 59 70.44 53.73 -5.40
C PHE H 59 69.20 54.47 -5.90
N ASP H 60 69.29 55.77 -6.04
CA ASP H 60 68.21 56.53 -6.65
C ASP H 60 68.29 56.22 -8.16
N MET H 61 67.17 56.08 -8.84
CA MET H 61 67.17 55.74 -10.26
C MET H 61 67.49 56.95 -11.15
N PRO H 62 68.00 56.68 -12.36
CA PRO H 62 68.44 57.76 -13.23
C PRO H 62 67.37 58.82 -13.44
N GLY H 63 67.76 60.06 -13.25
CA GLY H 63 66.87 61.17 -13.37
C GLY H 63 66.01 61.48 -12.17
N MET H 64 65.98 60.57 -11.21
CA MET H 64 65.20 60.71 -10.02
C MET H 64 66.00 61.09 -8.78
N SER H 65 65.41 61.89 -7.94
CA SER H 65 65.99 62.29 -6.69
C SER H 65 67.45 62.71 -6.82
N ARG H 66 68.33 62.10 -6.04
CA ARG H 66 69.73 62.46 -6.05
C ARG H 66 70.52 61.99 -7.28
N SER H 67 69.91 61.13 -8.09
CA SER H 67 70.49 60.65 -9.32
C SER H 67 69.95 61.48 -10.49
N SER H 68 69.50 62.69 -10.19
CA SER H 68 68.88 63.55 -11.20
C SER H 68 69.78 64.09 -12.31
N ASP H 69 71.06 64.17 -12.04
CA ASP H 69 72.00 64.65 -13.03
C ASP H 69 72.34 63.52 -13.95
N ALA H 70 71.50 63.32 -14.95
CA ALA H 70 71.63 62.25 -15.92
C ALA H 70 71.04 62.65 -17.26
N PRO H 71 71.50 62.05 -18.33
CA PRO H 71 71.01 62.39 -19.66
C PRO H 71 69.55 62.02 -19.79
N PRO H 72 68.80 62.84 -20.52
CA PRO H 72 67.37 62.63 -20.70
C PRO H 72 66.97 61.27 -21.20
N GLU H 73 67.77 60.63 -22.03
CA GLU H 73 67.43 59.33 -22.52
C GLU H 73 67.37 58.26 -21.44
N THR H 74 68.05 58.50 -20.32
CA THR H 74 68.07 57.57 -19.22
C THR H 74 66.78 57.59 -18.37
N TYR H 75 65.91 58.54 -18.63
CA TYR H 75 64.62 58.62 -17.93
C TYR H 75 63.43 58.86 -18.88
N GLN H 76 63.61 58.56 -20.16
CA GLN H 76 62.60 58.73 -21.18
C GLN H 76 62.45 57.43 -21.94
N ASP H 77 61.25 57.13 -22.38
CA ASP H 77 60.92 55.90 -23.08
C ASP H 77 61.49 54.71 -22.36
N ILE H 78 61.28 54.67 -21.06
CA ILE H 78 61.83 53.63 -20.22
C ILE H 78 61.18 52.24 -20.34
N THR H 79 62.04 51.25 -20.32
CA THR H 79 61.65 49.87 -20.32
C THR H 79 62.48 49.14 -19.29
N GLY H 80 62.06 47.94 -18.93
CA GLY H 80 62.80 47.12 -18.01
C GLY H 80 64.21 46.87 -18.53
N ARG H 81 64.30 46.58 -19.82
CA ARG H 81 65.57 46.30 -20.43
C ARG H 81 66.50 47.51 -20.42
N LYS H 82 65.97 48.68 -20.66
CA LYS H 82 66.78 49.88 -20.62
C LYS H 82 67.37 50.07 -19.23
N LEU H 83 66.53 49.96 -18.21
CA LEU H 83 66.97 50.10 -16.84
C LEU H 83 67.99 49.03 -16.49
N ALA H 84 67.79 47.81 -16.94
CA ALA H 84 68.72 46.72 -16.68
C ALA H 84 70.12 47.08 -17.19
N GLY H 85 70.19 47.64 -18.38
CA GLY H 85 71.45 48.07 -18.92
C GLY H 85 72.20 49.07 -18.06
N TYR H 86 71.51 50.09 -17.57
CA TYR H 86 72.13 51.06 -16.72
C TYR H 86 72.60 50.39 -15.42
N ILE H 87 71.74 49.59 -14.83
CA ILE H 87 72.09 48.95 -13.60
C ILE H 87 73.32 48.02 -13.74
N ILE H 88 73.42 47.32 -14.85
CA ILE H 88 74.54 46.44 -15.08
C ILE H 88 75.83 47.26 -15.11
N THR H 89 75.80 48.40 -15.77
CA THR H 89 76.94 49.30 -15.82
C THR H 89 77.32 49.77 -14.41
N LEU H 90 76.33 50.10 -13.63
CA LEU H 90 76.57 50.51 -12.27
C LEU H 90 77.14 49.39 -11.46
N LEU H 91 76.60 48.20 -11.58
CA LEU H 91 77.14 47.09 -10.82
C LEU H 91 78.62 46.80 -11.15
N ASP H 92 78.97 46.93 -12.42
CA ASP H 92 80.33 46.76 -12.89
C ASP H 92 81.21 47.76 -12.17
N THR H 93 80.80 49.00 -12.22
CA THR H 93 81.50 50.08 -11.57
C THR H 93 81.67 49.88 -10.07
N LEU H 94 80.69 49.30 -9.41
CA LEU H 94 80.77 49.07 -7.98
C LEU H 94 81.35 47.69 -7.66
N ASP H 95 81.72 47.00 -8.69
CA ASP H 95 82.28 45.67 -8.55
C ASP H 95 81.40 44.72 -7.78
N ILE H 96 80.17 44.59 -8.25
CA ILE H 96 79.22 43.66 -7.69
C ILE H 96 79.07 42.64 -8.80
N LYS H 97 79.55 41.44 -8.58
CA LYS H 97 79.51 40.43 -9.63
C LYS H 97 78.21 39.67 -9.78
N ILE H 98 77.62 39.27 -8.68
CA ILE H 98 76.40 38.54 -8.73
C ILE H 98 75.59 38.93 -7.54
N ALA H 99 74.29 39.04 -7.69
CA ALA H 99 73.44 39.45 -6.59
C ALA H 99 72.03 38.90 -6.52
N SER H 100 71.47 38.94 -5.34
CA SER H 100 70.08 38.61 -5.13
C SER H 100 69.41 39.96 -5.42
N VAL H 101 68.50 40.03 -6.37
CA VAL H 101 67.91 41.31 -6.75
C VAL H 101 66.41 41.46 -6.54
N TRP H 102 66.04 42.52 -5.83
CA TRP H 102 64.68 42.91 -5.51
C TRP H 102 64.26 44.12 -6.37
N GLY H 103 62.99 44.17 -6.70
CA GLY H 103 62.45 45.27 -7.43
C GLY H 103 60.93 45.25 -7.52
N CYS H 104 60.31 46.40 -7.25
CA CYS H 104 58.89 46.58 -7.39
C CYS H 104 58.57 47.42 -8.66
N ALA H 105 57.47 47.08 -9.33
CA ALA H 105 56.94 47.78 -10.46
C ALA H 105 57.95 47.88 -11.62
N SER H 106 58.38 49.09 -11.97
CA SER H 106 59.42 49.27 -12.98
C SER H 106 60.69 48.55 -12.50
N GLY H 107 60.91 48.54 -11.20
CA GLY H 107 62.02 47.82 -10.61
C GLY H 107 61.87 46.32 -10.85
N ALA H 108 60.64 45.83 -10.77
CA ALA H 108 60.33 44.42 -11.04
C ALA H 108 60.56 44.08 -12.50
N SER H 109 60.17 44.99 -13.38
CA SER H 109 60.40 44.80 -14.79
C SER H 109 61.91 44.66 -15.04
N THR H 110 62.67 45.45 -14.32
CA THR H 110 64.13 45.49 -14.40
C THR H 110 64.68 44.15 -13.93
N VAL H 111 64.17 43.65 -12.81
CA VAL H 111 64.55 42.38 -12.30
C VAL H 111 64.39 41.29 -13.37
N LEU H 112 63.23 41.26 -14.01
CA LEU H 112 62.97 40.29 -15.03
C LEU H 112 63.90 40.44 -16.23
N ALA H 113 64.22 41.67 -16.60
CA ALA H 113 65.12 41.93 -17.68
C ALA H 113 66.50 41.37 -17.35
N LEU H 114 66.92 41.55 -16.10
CA LEU H 114 68.19 41.05 -15.63
C LEU H 114 68.20 39.54 -15.63
N CYS H 115 67.12 38.93 -15.18
CA CYS H 115 67.01 37.50 -15.16
C CYS H 115 67.04 36.89 -16.56
N SER H 116 66.52 37.62 -17.52
CA SER H 116 66.44 37.14 -18.85
C SER H 116 67.65 37.44 -19.70
N ASP H 117 68.21 38.63 -19.57
CA ASP H 117 69.31 39.07 -20.38
C ASP H 117 70.70 39.04 -19.74
N TYR H 118 70.75 39.05 -18.42
CA TYR H 118 72.00 39.01 -17.70
C TYR H 118 71.94 38.02 -16.58
N PRO H 119 71.55 36.79 -16.89
CA PRO H 119 71.41 35.73 -15.89
C PRO H 119 72.65 35.45 -15.07
N GLU H 120 73.82 35.71 -15.64
CA GLU H 120 75.09 35.50 -14.96
C GLU H 120 75.28 36.42 -13.75
N ARG H 121 74.60 37.53 -13.76
CA ARG H 121 74.68 38.51 -12.71
C ARG H 121 73.63 38.31 -11.62
N VAL H 122 72.71 37.40 -11.85
CA VAL H 122 71.64 37.18 -10.92
C VAL H 122 71.59 35.83 -10.19
N ARG H 123 71.76 35.86 -8.89
CA ARG H 123 71.66 34.67 -8.09
C ARG H 123 70.21 34.24 -7.94
N ASN H 124 69.35 35.24 -7.77
CA ASN H 124 67.93 35.06 -7.66
C ASN H 124 67.24 36.41 -7.79
N GLY H 125 66.12 36.42 -8.48
CA GLY H 125 65.32 37.59 -8.69
C GLY H 125 64.04 37.59 -7.88
N MET H 126 63.70 38.73 -7.32
CA MET H 126 62.53 38.91 -6.50
C MET H 126 61.67 40.08 -6.99
N PRO H 127 60.89 39.84 -8.01
CA PRO H 127 59.99 40.82 -8.58
C PRO H 127 58.72 40.96 -7.78
N HIS H 128 58.25 42.18 -7.66
CA HIS H 128 57.04 42.51 -6.96
C HIS H 128 56.20 43.42 -7.83
N GLU H 129 54.97 43.00 -8.09
CA GLU H 129 54.03 43.77 -8.85
C GLU H 129 54.56 44.36 -10.17
N VAL H 130 54.83 43.47 -11.12
CA VAL H 130 55.27 43.82 -12.43
C VAL H 130 54.12 44.47 -13.22
N PRO H 131 54.35 45.66 -13.76
CA PRO H 131 53.25 46.28 -14.49
C PRO H 131 53.07 45.68 -15.86
N THR H 132 51.88 45.19 -16.12
CA THR H 132 51.52 44.63 -17.40
C THR H 132 50.32 45.32 -18.01
N GLU H 133 49.52 45.97 -17.18
CA GLU H 133 48.34 46.70 -17.64
C GLU H 133 48.12 47.80 -16.63
N ASN H 134 48.27 49.04 -17.02
CA ASN H 134 48.12 50.10 -16.07
C ASN H 134 46.70 50.24 -15.59
N PRO H 135 46.51 50.66 -14.35
CA PRO H 135 45.15 50.96 -13.93
C PRO H 135 44.75 52.30 -14.59
N ASP H 136 43.45 52.57 -14.57
CA ASP H 136 42.86 53.74 -15.18
C ASP H 136 43.40 55.06 -14.71
N ILE H 137 43.77 55.16 -13.46
CA ILE H 137 44.31 56.42 -12.95
C ILE H 137 45.54 56.93 -13.69
N LEU H 138 46.27 56.05 -14.36
CA LEU H 138 47.47 56.45 -15.07
C LEU H 138 47.31 56.76 -16.56
N LEU H 139 46.12 56.52 -17.06
CA LEU H 139 45.88 56.62 -18.47
C LEU H 139 46.33 57.89 -19.15
N HIS H 140 46.05 59.01 -18.53
CA HIS H 140 46.41 60.30 -19.07
C HIS H 140 47.36 61.13 -18.22
N ILE H 141 48.05 60.49 -17.29
CA ILE H 141 48.94 61.21 -16.39
C ILE H 141 50.06 61.99 -17.04
N HIS H 142 50.53 61.53 -18.18
CA HIS H 142 51.61 62.21 -18.89
C HIS H 142 51.18 63.49 -19.62
N GLU H 143 49.88 63.73 -19.69
CA GLU H 143 49.29 64.84 -20.44
C GLU H 143 49.00 66.10 -19.68
N VAL H 144 48.81 65.99 -18.38
CA VAL H 144 48.46 67.14 -17.60
C VAL H 144 49.67 67.94 -17.13
N ASP H 145 49.44 69.13 -16.62
CA ASP H 145 50.52 69.97 -16.16
C ASP H 145 51.23 69.37 -14.95
N PRO H 146 52.50 69.73 -14.80
CA PRO H 146 53.37 69.23 -13.74
C PRO H 146 52.79 69.34 -12.35
N ALA H 147 52.14 70.44 -12.03
CA ALA H 147 51.56 70.57 -10.71
C ALA H 147 50.49 69.53 -10.48
N THR H 148 49.69 69.27 -11.49
CA THR H 148 48.66 68.28 -11.41
C THR H 148 49.28 66.88 -11.30
N ILE H 149 50.31 66.63 -12.08
CA ILE H 149 50.96 65.34 -12.03
C ILE H 149 51.45 65.02 -10.61
N SER H 150 52.13 65.98 -10.02
CA SER H 150 52.66 65.84 -8.69
C SER H 150 51.54 65.66 -7.66
N GLN H 151 50.49 66.46 -7.74
CA GLN H 151 49.39 66.31 -6.82
C GLN H 151 48.72 64.90 -6.97
N GLU H 152 48.36 64.55 -8.17
CA GLU H 152 47.72 63.29 -8.40
C GLU H 152 48.59 62.11 -8.02
N MET H 153 49.81 62.10 -8.54
CA MET H 153 50.74 61.00 -8.27
C MET H 153 51.11 60.91 -6.78
N ALA H 154 51.22 62.03 -6.10
CA ALA H 154 51.49 61.99 -4.68
C ALA H 154 50.33 61.27 -3.99
N ALA H 155 49.12 61.60 -4.40
CA ALA H 155 47.93 60.98 -3.86
C ALA H 155 47.82 59.48 -4.18
N ASN H 156 48.12 59.13 -5.40
CA ASN H 156 48.06 57.76 -5.87
C ASN H 156 49.07 56.92 -5.07
N SER H 157 50.29 57.40 -5.02
CA SER H 157 51.34 56.72 -4.31
C SER H 157 50.97 56.47 -2.85
N ARG H 158 50.45 57.49 -2.20
CA ARG H 158 50.06 57.38 -0.81
C ARG H 158 48.96 56.35 -0.65
N ALA H 159 48.04 56.33 -1.57
CA ALA H 159 46.92 55.40 -1.55
C ALA H 159 47.35 53.95 -1.75
N TYR H 160 48.45 53.77 -2.45
CA TYR H 160 49.01 52.45 -2.70
C TYR H 160 50.15 52.14 -1.73
N SER H 161 50.31 52.99 -0.73
CA SER H 161 51.42 52.86 0.20
C SER H 161 51.40 51.64 1.09
N GLY H 162 50.24 51.20 1.50
CA GLY H 162 50.11 50.08 2.39
C GLY H 162 50.14 50.48 3.87
N ASN H 163 50.46 51.74 4.13
CA ASN H 163 50.51 52.30 5.48
C ASN H 163 50.74 53.79 5.31
N VAL H 164 49.69 54.59 5.38
CA VAL H 164 49.85 56.02 5.12
C VAL H 164 50.71 56.74 6.15
N GLU H 165 50.69 56.24 7.37
CA GLU H 165 51.46 56.82 8.44
C GLU H 165 52.96 56.63 8.17
N ALA H 166 53.34 55.42 7.82
CA ALA H 166 54.72 55.15 7.47
C ALA H 166 55.12 55.94 6.22
N TRP H 167 54.21 56.05 5.28
CA TRP H 167 54.46 56.77 4.05
C TRP H 167 54.76 58.24 4.35
N ASP H 168 53.85 58.86 5.07
CA ASP H 168 54.00 60.24 5.46
C ASP H 168 55.30 60.44 6.25
N ALA H 169 55.62 59.49 7.12
CA ALA H 169 56.80 59.47 7.99
C ALA H 169 58.15 59.30 7.30
N LEU H 170 58.10 59.16 5.99
CA LEU H 170 59.31 59.18 5.19
C LEU H 170 59.92 60.60 5.33
N GLY H 171 59.08 61.56 5.60
CA GLY H 171 59.58 62.90 5.85
C GLY H 171 59.57 63.92 4.75
N PRO H 172 59.62 65.18 5.13
CA PRO H 172 59.55 66.27 4.18
C PRO H 172 60.63 66.29 3.11
N GLU H 173 61.85 65.93 3.45
CA GLU H 173 62.92 65.92 2.49
C GLU H 173 62.63 64.90 1.37
N VAL H 174 62.21 63.73 1.76
CA VAL H 174 61.87 62.70 0.80
C VAL H 174 60.67 63.13 -0.04
N HIS H 175 59.61 63.62 0.60
CA HIS H 175 58.47 64.05 -0.17
C HIS H 175 58.75 65.23 -1.13
N ALA H 176 59.68 66.09 -0.79
CA ALA H 176 60.03 67.18 -1.67
C ALA H 176 60.72 66.58 -2.89
N ARG H 177 61.58 65.59 -2.71
CA ARG H 177 62.22 64.96 -3.83
C ARG H 177 61.21 64.24 -4.74
N LEU H 178 60.29 63.53 -4.12
CA LEU H 178 59.26 62.84 -4.84
C LEU H 178 58.45 63.80 -5.69
N HIS H 179 58.13 64.94 -5.13
CA HIS H 179 57.41 65.98 -5.83
C HIS H 179 58.04 66.28 -7.18
N ASP H 180 59.33 66.40 -7.23
CA ASP H 180 59.99 66.70 -8.48
C ASP H 180 60.14 65.48 -9.38
N ASN H 181 60.06 64.30 -8.82
CA ASN H 181 60.18 63.10 -9.59
C ASN H 181 58.90 62.75 -10.37
N TYR H 182 57.74 63.01 -9.80
CA TYR H 182 56.48 62.62 -10.40
C TYR H 182 56.32 62.96 -11.88
N PRO H 183 56.57 64.20 -12.26
CA PRO H 183 56.42 64.55 -13.66
C PRO H 183 57.37 63.76 -14.53
N ARG H 184 58.62 63.67 -14.14
CA ARG H 184 59.58 62.92 -14.89
C ARG H 184 59.18 61.46 -15.03
N TRP H 185 58.67 60.89 -13.96
CA TRP H 185 58.23 59.52 -13.99
C TRP H 185 57.09 59.40 -15.02
N ALA H 186 56.13 60.31 -14.94
CA ALA H 186 54.98 60.29 -15.79
C ALA H 186 55.31 60.33 -17.25
N TYR H 187 56.22 61.20 -17.62
CA TYR H 187 56.61 61.32 -19.01
C TYR H 187 57.37 60.12 -19.52
N GLY H 188 58.14 59.47 -18.69
CA GLY H 188 58.95 58.38 -19.20
C GLY H 188 58.69 56.95 -18.85
N TYR H 189 57.74 56.68 -17.97
CA TYR H 189 57.49 55.33 -17.52
C TYR H 189 56.18 54.60 -17.90
N PRO H 190 55.04 55.16 -17.51
CA PRO H 190 53.79 54.43 -17.70
C PRO H 190 53.41 54.02 -19.11
N ARG H 191 53.77 54.80 -20.10
CA ARG H 191 53.40 54.45 -21.46
C ARG H 191 54.25 53.32 -21.98
N THR H 192 55.48 53.24 -21.51
CA THR H 192 56.41 52.27 -22.05
C THR H 192 56.78 51.06 -21.20
N ILE H 193 56.62 51.16 -19.91
CA ILE H 193 56.95 50.06 -19.05
C ILE H 193 56.10 48.79 -19.24
N PRO H 194 54.77 48.90 -19.25
CA PRO H 194 53.93 47.70 -19.35
C PRO H 194 54.09 46.85 -20.63
N PRO H 195 54.14 47.47 -21.81
CA PRO H 195 54.33 46.72 -23.04
C PRO H 195 55.68 46.01 -23.08
N SER H 196 56.65 46.51 -22.33
CA SER H 196 57.98 45.99 -22.23
C SER H 196 58.20 44.89 -21.19
N ALA H 197 57.19 44.53 -20.43
CA ALA H 197 57.32 43.54 -19.40
C ALA H 197 57.97 42.24 -19.91
N PRO H 198 59.11 41.84 -19.35
CA PRO H 198 59.75 40.61 -19.76
C PRO H 198 59.13 39.39 -19.07
N VAL H 199 57.92 39.08 -19.47
CA VAL H 199 57.17 38.00 -18.91
C VAL H 199 56.92 36.83 -19.86
N LYS H 200 57.68 36.74 -20.93
CA LYS H 200 57.55 35.64 -21.85
C LYS H 200 58.22 34.43 -21.23
N THR H 201 57.91 33.24 -21.71
CA THR H 201 58.51 32.05 -21.14
C THR H 201 60.01 32.07 -21.24
N GLU H 202 60.57 32.62 -22.30
CA GLU H 202 62.01 32.70 -22.45
C GLU H 202 62.71 33.57 -21.43
N ASP H 203 61.98 34.51 -20.85
CA ASP H 203 62.53 35.40 -19.87
C ASP H 203 62.55 34.84 -18.48
N LEU H 204 61.77 33.82 -18.23
CA LEU H 204 61.57 33.39 -16.87
C LEU H 204 62.23 32.15 -16.31
N HIS H 205 63.05 31.47 -17.09
CA HIS H 205 63.60 30.22 -16.60
C HIS H 205 65.11 30.08 -16.61
N LYS H 206 65.82 31.19 -16.57
CA LYS H 206 67.26 31.12 -16.55
C LYS H 206 67.83 31.09 -15.15
N VAL H 207 67.14 31.73 -14.21
CA VAL H 207 67.58 31.81 -12.84
C VAL H 207 66.40 31.68 -11.90
N PRO H 208 66.64 31.40 -10.64
CA PRO H 208 65.50 31.28 -9.75
C PRO H 208 64.77 32.62 -9.54
N ILE H 209 63.46 32.55 -9.49
CA ILE H 209 62.62 33.72 -9.31
C ILE H 209 61.55 33.46 -8.26
N ASP H 210 61.36 34.39 -7.34
CA ASP H 210 60.34 34.30 -6.30
C ASP H 210 59.55 35.61 -6.46
N TRP H 211 58.32 35.49 -6.93
CA TRP H 211 57.46 36.58 -7.31
C TRP H 211 56.45 36.90 -6.23
N THR H 212 56.18 38.18 -6.04
CA THR H 212 55.22 38.61 -5.07
C THR H 212 54.28 39.72 -5.53
N VAL H 213 53.15 39.79 -4.85
CA VAL H 213 52.13 40.79 -5.01
C VAL H 213 51.70 41.17 -3.58
N GLY H 214 51.28 42.40 -3.38
CA GLY H 214 50.89 42.85 -2.08
C GLY H 214 49.62 42.16 -1.62
N ALA H 215 49.60 41.81 -0.37
CA ALA H 215 48.47 41.14 0.22
C ALA H 215 47.19 41.97 0.22
N SER H 216 47.34 43.27 0.41
CA SER H 216 46.26 44.21 0.45
C SER H 216 45.95 44.90 -0.88
N THR H 217 46.76 44.64 -1.88
CA THR H 217 46.56 45.19 -3.16
C THR H 217 45.24 44.64 -3.75
N PRO H 218 44.40 45.51 -4.31
CA PRO H 218 43.18 45.03 -4.97
C PRO H 218 43.53 43.97 -6.01
N THR H 219 42.82 42.86 -5.98
CA THR H 219 43.10 41.73 -6.84
C THR H 219 43.31 42.02 -8.32
N LYS H 220 42.48 42.88 -8.84
CA LYS H 220 42.56 43.17 -10.24
C LYS H 220 43.87 43.82 -10.70
N LEU H 221 44.46 44.63 -9.85
CA LEU H 221 45.64 45.39 -10.21
C LEU H 221 46.80 44.62 -10.78
N PHE H 222 47.20 43.58 -10.08
CA PHE H 222 48.31 42.74 -10.51
C PHE H 222 47.88 41.30 -10.65
N PHE H 223 46.62 41.14 -10.95
CA PHE H 223 46.00 39.86 -11.22
C PHE H 223 46.81 39.05 -12.24
N GLU H 224 47.20 39.66 -13.33
CA GLU H 224 47.97 38.96 -14.36
C GLU H 224 49.33 38.42 -13.90
N ASN H 225 49.94 39.08 -12.92
CA ASN H 225 51.19 38.60 -12.38
C ASN H 225 50.97 37.18 -11.85
N ILE H 226 49.91 37.00 -11.09
CA ILE H 226 49.60 35.71 -10.52
C ILE H 226 49.36 34.61 -11.55
N VAL H 227 48.56 34.92 -12.55
CA VAL H 227 48.24 34.02 -13.62
C VAL H 227 49.52 33.64 -14.36
N ILE H 228 50.34 34.60 -14.72
CA ILE H 228 51.57 34.30 -15.39
C ILE H 228 52.49 33.41 -14.56
N ALA H 229 52.72 33.76 -13.31
CA ALA H 229 53.58 32.97 -12.48
C ALA H 229 53.06 31.55 -12.32
N ALA H 230 51.78 31.41 -12.06
CA ALA H 230 51.16 30.12 -11.92
C ALA H 230 51.32 29.31 -13.20
N ARG H 231 51.04 29.90 -14.33
CA ARG H 231 51.16 29.20 -15.59
C ARG H 231 52.58 28.78 -15.90
N GLU H 232 53.55 29.56 -15.45
CA GLU H 232 54.94 29.28 -15.71
C GLU H 232 55.67 28.46 -14.67
N GLY H 233 55.01 28.07 -13.62
CA GLY H 233 55.65 27.31 -12.59
C GLY H 233 56.65 28.09 -11.74
N ILE H 234 56.45 29.39 -11.59
CA ILE H 234 57.32 30.28 -10.83
C ILE H 234 56.69 30.50 -9.46
N ASN H 235 57.50 30.43 -8.41
CA ASN H 235 57.03 30.66 -7.07
C ASN H 235 56.30 32.01 -7.01
N ILE H 236 55.14 32.01 -6.40
CA ILE H 236 54.31 33.19 -6.32
C ILE H 236 53.61 33.28 -4.97
N GLY H 237 53.63 34.46 -4.38
CA GLY H 237 53.01 34.67 -3.11
C GLY H 237 52.77 36.12 -2.81
N THR H 238 52.36 36.41 -1.60
CA THR H 238 52.14 37.78 -1.23
C THR H 238 53.05 38.22 -0.11
N LEU H 239 53.14 39.54 0.02
CA LEU H 239 53.84 40.17 1.10
C LEU H 239 52.85 41.15 1.71
N PRO H 240 52.98 41.42 2.98
CA PRO H 240 52.04 42.34 3.60
C PRO H 240 52.13 43.71 2.98
N GLY H 241 51.02 44.41 3.01
CA GLY H 241 50.89 45.72 2.47
C GLY H 241 50.45 45.73 1.01
N ASN H 242 50.93 46.74 0.30
N ASN H 242 50.99 46.70 0.30
CA ASN H 242 50.56 47.00 -1.09
CA ASN H 242 50.59 47.01 -1.05
C ASN H 242 51.74 47.10 -2.11
C ASN H 242 51.74 47.10 -2.10
N HIS H 243 52.05 48.31 -2.57
CA HIS H 243 53.02 48.56 -3.60
C HIS H 243 54.41 48.88 -3.04
N PHE H 244 54.49 49.17 -1.75
CA PHE H 244 55.71 49.55 -1.08
C PHE H 244 55.91 48.82 0.25
N PRO H 245 56.06 47.49 0.20
CA PRO H 245 56.23 46.68 1.41
C PRO H 245 57.47 47.08 2.18
N TYR H 246 58.47 47.59 1.49
CA TYR H 246 59.69 48.07 2.11
C TYR H 246 59.43 49.28 3.02
N VAL H 247 58.37 50.00 2.73
CA VAL H 247 58.01 51.14 3.52
C VAL H 247 56.96 50.80 4.58
N SER H 248 55.93 50.09 4.17
CA SER H 248 54.86 49.76 5.05
C SER H 248 55.21 48.71 6.08
N HIS H 249 55.95 47.71 5.65
CA HIS H 249 56.33 46.60 6.51
C HIS H 249 57.81 46.25 6.41
N PRO H 250 58.66 47.13 6.88
CA PRO H 250 60.09 46.91 6.72
C PRO H 250 60.61 45.64 7.33
N GLU H 251 60.09 45.20 8.47
CA GLU H 251 60.59 43.99 9.11
C GLU H 251 60.25 42.76 8.29
N GLU H 252 58.99 42.65 7.93
CA GLU H 252 58.52 41.55 7.12
C GLU H 252 59.20 41.53 5.75
N PHE H 253 59.41 42.70 5.19
CA PHE H 253 60.10 42.82 3.93
C PHE H 253 61.54 42.27 4.02
N ALA H 254 62.28 42.71 5.02
CA ALA H 254 63.65 42.27 5.23
C ALA H 254 63.71 40.76 5.45
N LYS H 255 62.77 40.25 6.22
CA LYS H 255 62.70 38.84 6.50
C LYS H 255 62.52 38.06 5.23
N TYR H 256 61.67 38.54 4.36
CA TYR H 256 61.45 37.90 3.09
C TYR H 256 62.69 37.91 2.22
N VAL H 257 63.35 39.04 2.12
CA VAL H 257 64.51 39.13 1.28
C VAL H 257 65.62 38.20 1.80
N VAL H 258 65.83 38.21 3.09
CA VAL H 258 66.83 37.37 3.69
C VAL H 258 66.53 35.87 3.49
N GLU H 259 65.36 35.46 3.88
CA GLU H 259 64.97 34.07 3.75
C GLU H 259 65.00 33.56 2.32
N THR H 260 64.47 34.36 1.41
CA THR H 260 64.47 33.99 0.04
C THR H 260 65.88 33.87 -0.51
N SER H 261 66.71 34.84 -0.20
CA SER H 261 68.06 34.86 -0.70
C SER H 261 68.91 33.73 -0.15
N ARG H 262 68.66 33.37 1.09
CA ARG H 262 69.38 32.31 1.76
C ARG H 262 69.15 30.94 1.13
N LYS H 263 68.03 30.78 0.46
CA LYS H 263 67.69 29.55 -0.20
C LYS H 263 68.69 29.22 -1.28
N TYR H 264 69.29 30.23 -1.87
CA TYR H 264 70.17 30.05 -3.00
C TYR H 264 71.67 30.20 -2.75
N LEU H 265 72.06 30.19 -1.51
CA LEU H 265 73.46 30.33 -1.17
C LEU H 265 74.04 28.97 -0.86
O12 ZER I . 6.26 -1.60 -22.97
C12 ZER I . 7.49 -1.54 -22.81
O10 ZER I . 8.28 -2.61 -22.91
C10 ZER I . 7.85 -3.58 -24.40
C11 ZER I . 7.68 -2.65 -25.75
C9P ZER I . 8.60 -4.62 -24.85
C1 ZER I . 8.15 -0.26 -22.48
C2 ZER I . 7.35 0.89 -22.59
O2 ZER I . 6.12 0.72 -23.06
C3 ZER I . 7.78 2.19 -22.33
C4 ZER I . 9.08 2.31 -21.87
O4 ZER I . 9.56 3.56 -21.60
C5 ZER I . 9.90 1.17 -21.68
C6 ZER I . 9.47 -0.12 -21.93
C1P ZER I . 10.39 -1.24 -21.69
C2P ZER I . 11.74 -1.26 -21.35
C3P ZER I . 12.64 -2.37 -21.16
C4P ZER I . 13.44 -2.51 -22.52
C5P ZER I . 12.72 -3.74 -23.27
C6P ZER I . 12.66 -3.65 -24.69
O6P ZER I . 13.49 -2.86 -25.26
C7P ZER I . 11.72 -4.56 -25.42
C8P ZER I . 10.15 -3.98 -25.68
O12 ZER J . -4.35 3.56 17.58
C12 ZER J . -5.54 3.55 17.24
O10 ZER J . -6.37 4.48 17.73
C10 ZER J . -6.63 6.32 17.39
C11 ZER J . -5.61 7.08 18.07
C9P ZER J . -7.15 7.35 15.95
C1 ZER J . -6.11 2.39 16.59
C2 ZER J . -5.19 1.46 16.00
O2 ZER J . -3.89 1.68 16.17
C3 ZER J . -5.60 0.34 15.36
C4 ZER J . -6.94 0.09 15.22
O4 ZER J . -7.29 -1.04 14.63
C5 ZER J . -7.86 0.97 15.73
C6 ZER J . -7.51 2.12 16.39
C1P ZER J . -8.57 3.01 16.91
C2P ZER J . -9.91 2.78 17.18
C3P ZER J . -10.77 3.75 17.82
C4P ZER J . -11.75 4.71 17.09
C5P ZER J . -11.48 6.28 17.37
C6P ZER J . -10.93 6.98 16.24
O6P ZER J . -11.38 6.70 15.09
C7P ZER J . -9.78 7.89 16.37
C8P ZER J . -8.59 7.04 15.75
O12 ZER K . 32.54 -15.87 -2.69
C12 ZER K . 31.56 -16.13 -3.42
O10 ZER K . 31.53 -15.76 -4.73
C10 ZER K . 32.94 -16.03 -5.85
C11 ZER K . 33.67 -17.38 -5.47
C9P ZER K . 32.70 -16.12 -7.41
C1 ZER K . 30.52 -16.94 -2.88
C2 ZER K . 30.73 -17.50 -1.60
O2 ZER K . 31.96 -17.24 -1.00
C3 ZER K . 29.83 -18.32 -0.96
C4 ZER K . 28.62 -18.59 -1.58
O4 ZER K . 27.69 -19.33 -0.96
C5 ZER K . 28.39 -18.04 -2.82
C6 ZER K . 29.27 -17.20 -3.50
C1P ZER K . 28.90 -16.68 -4.82
C2P ZER K . 27.68 -16.66 -5.50
C3P ZER K . 27.45 -16.17 -6.87
C4P ZER K . 27.92 -17.34 -7.76
C5P ZER K . 29.20 -16.81 -8.50
C6P ZER K . 30.05 -17.85 -9.00
O6P ZER K . 29.64 -19.04 -9.08
C7P ZER K . 31.40 -17.46 -9.37
C8P ZER K . 32.33 -17.51 -7.99
O12 ZER L . -37.04 4.15 32.72
C12 ZER L . -35.99 4.82 32.75
O10 ZER L . -35.40 5.27 31.59
C10 ZER L . -36.03 6.31 30.50
C11 ZER L . -36.78 5.80 29.38
C9P ZER L . -36.93 7.54 30.88
C1 ZER L . -35.28 5.02 33.96
C2 ZER L . -35.96 4.67 35.14
O2 ZER L . -37.24 4.18 35.09
C3 ZER L . -35.40 4.88 36.38
C4 ZER L . -34.11 5.37 36.51
O4 ZER L . -33.61 5.49 37.78
C5 ZER L . -33.41 5.68 35.37
C6 ZER L . -33.95 5.54 34.09
C1P ZER L . -33.09 5.94 32.95
C2P ZER L . -31.73 6.30 32.87
C3P ZER L . -31.04 6.67 31.61
C4P ZER L . -31.53 8.11 31.28
C5P ZER L . -32.47 8.08 29.99
C6P ZER L . -33.48 9.16 29.89
O6P ZER L . -33.21 10.29 30.34
C7P ZER L . -34.80 8.86 29.22
C8P ZER L . -36.08 8.82 30.26
O12 ZER M . 30.19 32.21 2.84
C12 ZER M . 31.21 32.76 3.24
O10 ZER M . 31.37 34.06 2.89
C10 ZER M . 30.76 35.42 3.58
C11 ZER M . 29.38 35.81 3.06
C9P ZER M . 30.85 35.65 5.24
C1 ZER M . 32.30 32.02 3.82
C2 ZER M . 32.00 30.71 4.28
O2 ZER M . 30.70 30.21 4.11
C3 ZER M . 32.94 29.89 4.85
C4 ZER M . 34.24 30.36 5.03
O4 ZER M . 35.16 29.57 5.58
C5 ZER M . 34.55 31.67 4.65
C6 ZER M . 33.63 32.52 4.08
C1P ZER M . 34.05 33.81 3.66
C2P ZER M . 35.06 34.76 3.34
C3P ZER M . 36.00 35.75 3.78
C4P ZER M . 35.50 36.78 4.73
C5P ZER M . 34.29 37.61 4.23
C6P ZER M . 33.34 37.76 5.29
O6P ZER M . 33.77 37.67 6.47
C7P ZER M . 31.95 38.10 4.99
C8P ZER M . 30.78 37.18 5.46
O12 ZER N . -34.25 -36.26 4.74
C12 ZER N . -35.23 -36.64 4.14
O10 ZER N . -35.14 -37.43 3.06
C10 ZER N . -34.64 -38.96 2.76
C11 ZER N . -33.11 -39.03 2.69
C9P ZER N . -35.32 -40.27 3.49
C1 ZER N . -36.56 -36.32 4.64
C2 ZER N . -36.68 -35.77 5.94
O2 ZER N . -35.57 -35.53 6.73
C3 ZER N . -37.93 -35.49 6.50
C4 ZER N . -39.07 -35.70 5.77
O4 ZER N . -40.25 -35.37 6.32
C5 ZER N . -39.00 -36.25 4.53
C6 ZER N . -37.76 -36.54 3.91
C1P ZER N . -37.81 -37.09 2.59
C2P ZER N . -38.91 -37.38 1.75
C3P ZER N . -38.88 -37.97 0.46
C4P ZER N . -38.98 -39.50 0.85
C5P ZER N . -37.51 -40.00 0.82
C6P ZER N . -37.28 -41.31 1.28
O6P ZER N . -38.23 -42.03 1.64
C7P ZER N . -35.92 -41.78 1.28
C8P ZER N . -35.07 -41.52 2.53
O12 ZER O . -49.96 -36.09 -27.59
C12 ZER O . -48.86 -36.21 -27.08
O10 ZER O . -48.51 -37.16 -26.21
C10 ZER O . -48.40 -39.00 -26.12
C11 ZER O . -49.75 -39.55 -26.10
C9P ZER O . -47.24 -40.34 -26.82
C1 ZER O . -47.83 -35.26 -27.43
C2 ZER O . -48.12 -34.40 -28.53
O2 ZER O . -49.28 -34.51 -29.21
C3 ZER O . -47.20 -33.45 -29.00
C4 ZER O . -45.96 -33.31 -28.38
O4 ZER O . -45.06 -32.38 -28.84
C5 ZER O . -45.66 -34.13 -27.28
C6 ZER O . -46.57 -35.11 -26.79
C1P ZER O . -46.14 -35.88 -25.68
C2P ZER O . -45.16 -35.68 -24.68
C3P ZER O . -44.92 -36.68 -23.62
C4P ZER O . -43.57 -37.43 -23.70
C5P ZER O . -43.86 -39.03 -23.33
C6P ZER O . -44.06 -39.85 -24.53
O6P ZER O . -43.14 -39.75 -25.39
C7P ZER O . -45.23 -40.77 -24.84
C8P ZER O . -45.88 -40.04 -26.20
O12 ZER P . 56.86 52.15 -10.87
C12 ZER P . 55.65 52.03 -10.92
O10 ZER P . 54.91 51.98 -9.83
C10 ZER P . 54.45 53.33 -8.73
C11 ZER P . 55.54 53.57 -7.71
C9P ZER P . 53.64 54.88 -8.88
C1 ZER P . 54.94 51.91 -12.18
C2 ZER P . 55.65 52.15 -13.33
O2 ZER P . 56.97 52.47 -13.24
C3 ZER P . 55.10 52.07 -14.61
C4 ZER P . 53.82 51.71 -14.76
O4 ZER P . 53.28 51.64 -15.97
C5 ZER P . 53.07 51.42 -13.64
C6 ZER P . 53.58 51.54 -12.33
C1P ZER P . 52.68 51.23 -11.22
C2P ZER P . 51.34 50.93 -11.29
C3P ZER P . 50.51 50.74 -10.18
C4P ZER P . 49.67 52.04 -9.77
C5P ZER P . 50.62 52.73 -8.71
C6P ZER P . 50.39 54.06 -8.39
O6P ZER P . 49.78 54.74 -9.22
C7P ZER P . 51.14 54.70 -7.33
C8P ZER P . 52.76 54.86 -7.54
#